data_6Z41
#
_entry.id   6Z41
#
_entity_poly.entity_id   1
_entity_poly.type   'polypeptide(L)'
_entity_poly.pdbx_seq_one_letter_code
;MGNCISPVYVDGSSYANNALVQNNGSEYRCLVGGWCTVGGPYAPGTGWAWANAWELVRSCQAHHHHHH
;
_entity_poly.pdbx_strand_id   A
#
# COMPACT_ATOMS: atom_id res chain seq x y z
N MET A 1 5.89 13.18 8.20
CA MET A 1 4.44 13.53 8.31
C MET A 1 3.60 12.29 8.12
N GLY A 2 2.29 12.38 8.35
CA GLY A 2 1.41 11.22 8.17
C GLY A 2 0.88 11.10 6.76
N ASN A 3 1.39 11.91 5.86
CA ASN A 3 0.96 11.91 4.46
C ASN A 3 1.66 10.74 3.75
N CYS A 4 1.12 10.34 2.61
CA CYS A 4 1.73 9.31 1.80
C CYS A 4 3.12 9.73 1.32
N ILE A 5 4.15 9.04 1.77
CA ILE A 5 5.51 9.29 1.31
C ILE A 5 5.89 8.22 0.28
N SER A 6 5.05 7.20 0.18
CA SER A 6 5.29 6.07 -0.70
C SER A 6 4.49 6.14 -2.00
N PRO A 7 5.04 5.59 -3.09
CA PRO A 7 4.32 5.59 -4.37
C PRO A 7 3.17 4.59 -4.37
N VAL A 8 2.42 4.57 -5.46
CA VAL A 8 1.39 3.57 -5.65
C VAL A 8 2.08 2.25 -5.89
N TYR A 9 1.33 1.19 -5.73
CA TYR A 9 1.87 -0.16 -5.74
C TYR A 9 2.58 -0.55 -7.02
N VAL A 10 3.82 -0.98 -6.84
CA VAL A 10 4.63 -1.54 -7.90
C VAL A 10 5.12 -2.91 -7.48
N ASP A 11 4.51 -3.94 -8.04
CA ASP A 11 4.92 -5.27 -7.76
C ASP A 11 6.22 -5.53 -8.49
N GLY A 12 7.18 -6.09 -7.78
CA GLY A 12 8.45 -6.42 -8.37
C GLY A 12 9.48 -5.32 -8.51
N SER A 13 9.06 -4.07 -8.43
CA SER A 13 9.99 -2.96 -8.69
C SER A 13 11.14 -2.89 -7.68
N SER A 14 10.81 -2.70 -6.41
CA SER A 14 11.78 -2.64 -5.33
C SER A 14 11.04 -2.47 -4.01
N TYR A 15 11.53 -3.13 -2.96
CA TYR A 15 10.96 -3.00 -1.64
C TYR A 15 11.95 -3.41 -0.55
N ALA A 16 11.59 -3.06 0.67
CA ALA A 16 12.23 -3.49 1.90
C ALA A 16 11.02 -4.02 2.66
N ASN A 17 11.18 -4.54 3.87
CA ASN A 17 9.99 -4.95 4.62
C ASN A 17 9.10 -3.76 4.92
N ASN A 18 9.71 -2.62 5.09
CA ASN A 18 9.02 -1.37 5.41
C ASN A 18 8.34 -0.70 4.21
N ALA A 19 8.57 -1.25 3.02
CA ALA A 19 8.05 -0.67 1.77
C ALA A 19 6.57 -0.37 1.83
N LEU A 20 6.15 0.87 1.76
CA LEU A 20 4.74 1.18 1.70
C LEU A 20 4.36 1.38 0.24
N VAL A 21 3.09 1.17 -0.04
CA VAL A 21 2.53 1.30 -1.36
C VAL A 21 1.14 1.83 -1.15
N GLN A 22 0.33 1.86 -2.19
CA GLN A 22 -1.06 2.17 -2.06
C GLN A 22 -1.87 1.24 -2.99
N ASN A 23 -2.98 0.69 -2.51
CA ASN A 23 -3.92 -0.04 -3.33
C ASN A 23 -5.37 0.04 -2.85
N ASN A 24 -6.28 -0.49 -3.67
CA ASN A 24 -7.75 -0.26 -3.52
C ASN A 24 -8.08 1.24 -3.65
N GLY A 25 -7.17 2.01 -4.23
CA GLY A 25 -7.36 3.45 -4.33
C GLY A 25 -7.32 4.09 -2.96
N SER A 26 -6.57 3.48 -2.06
CA SER A 26 -6.44 3.81 -0.67
C SER A 26 -4.96 3.49 -0.39
N GLU A 27 -4.42 3.85 0.76
CA GLU A 27 -3.03 3.59 1.08
C GLU A 27 -2.76 2.30 1.78
N TYR A 28 -1.64 1.68 1.39
CA TYR A 28 -1.16 0.47 2.02
C TYR A 28 0.11 0.61 2.82
N ARG A 29 0.02 0.35 4.10
CA ARG A 29 1.19 0.41 4.93
C ARG A 29 1.80 -0.95 5.08
N CYS A 30 2.80 -1.25 4.27
CA CYS A 30 3.33 -2.59 4.24
C CYS A 30 4.48 -2.77 5.24
N LEU A 31 4.39 -3.85 6.03
CA LEU A 31 5.30 -4.09 7.16
C LEU A 31 6.19 -5.31 6.91
N VAL A 32 5.80 -6.10 5.92
CA VAL A 32 6.57 -7.23 5.48
C VAL A 32 6.68 -6.92 4.02
N GLY A 33 7.78 -7.30 3.39
CA GLY A 33 8.04 -6.93 2.01
C GLY A 33 7.83 -8.10 1.10
N GLY A 34 8.37 -9.25 1.48
CA GLY A 34 8.20 -10.44 0.68
C GLY A 34 6.72 -10.79 0.57
N TRP A 35 5.97 -10.60 1.64
CA TRP A 35 4.55 -10.89 1.67
C TRP A 35 3.72 -9.81 1.01
N CYS A 36 4.28 -8.62 0.96
CA CYS A 36 3.59 -7.49 0.33
C CYS A 36 3.49 -7.72 -1.17
N THR A 37 4.59 -8.17 -1.77
CA THR A 37 4.64 -8.46 -3.20
C THR A 37 3.77 -9.66 -3.62
N VAL A 38 3.36 -10.49 -2.66
CA VAL A 38 2.47 -11.61 -2.95
C VAL A 38 1.10 -11.07 -3.35
N GLY A 39 0.79 -9.87 -2.90
CA GLY A 39 -0.48 -9.25 -3.18
C GLY A 39 -0.65 -8.89 -4.63
N GLY A 40 -1.04 -9.85 -5.45
CA GLY A 40 -1.27 -9.58 -6.86
C GLY A 40 -2.34 -8.53 -7.08
N PRO A 41 -2.40 -7.89 -8.25
CA PRO A 41 -3.35 -6.78 -8.47
C PRO A 41 -4.80 -7.23 -8.61
N TYR A 42 -5.01 -8.54 -8.74
CA TYR A 42 -6.35 -9.11 -8.78
C TYR A 42 -6.73 -9.68 -7.41
N ALA A 43 -5.77 -9.70 -6.48
CA ALA A 43 -6.01 -10.28 -5.18
C ALA A 43 -6.85 -9.32 -4.30
N PRO A 44 -7.93 -9.80 -3.67
CA PRO A 44 -8.73 -8.95 -2.78
C PRO A 44 -8.14 -8.85 -1.37
N GLY A 45 -6.82 -8.84 -1.26
CA GLY A 45 -6.18 -8.95 0.04
C GLY A 45 -6.49 -7.83 1.01
N THR A 46 -6.98 -8.23 2.18
CA THR A 46 -7.30 -7.29 3.26
C THR A 46 -6.04 -6.70 3.85
N GLY A 47 -4.97 -7.46 3.76
CA GLY A 47 -3.67 -7.05 4.23
C GLY A 47 -3.39 -7.41 5.65
N TRP A 48 -4.44 -7.31 6.40
CA TRP A 48 -4.46 -7.42 7.85
C TRP A 48 -4.26 -8.85 8.30
N ALA A 49 -4.92 -9.74 7.59
CA ALA A 49 -4.94 -11.15 7.96
C ALA A 49 -4.50 -12.07 6.83
N TRP A 50 -5.03 -11.85 5.63
CA TRP A 50 -4.76 -12.76 4.53
C TRP A 50 -3.33 -12.59 4.03
N ALA A 51 -2.89 -11.35 4.01
CA ALA A 51 -1.54 -11.00 3.58
C ALA A 51 -0.57 -11.02 4.76
N ASN A 52 -1.07 -10.54 5.89
CA ASN A 52 -0.29 -10.24 7.09
C ASN A 52 0.87 -9.29 6.76
N ALA A 53 0.64 -8.42 5.78
CA ALA A 53 1.65 -7.45 5.34
C ALA A 53 1.20 -6.00 5.36
N TRP A 54 -0.01 -5.66 4.93
CA TRP A 54 -0.38 -4.23 4.84
C TRP A 54 -1.57 -3.79 5.65
N GLU A 55 -1.59 -2.51 5.95
CA GLU A 55 -2.74 -1.89 6.59
C GLU A 55 -3.34 -0.93 5.60
N LEU A 56 -4.56 -1.21 5.22
CA LEU A 56 -5.28 -0.36 4.32
C LEU A 56 -5.88 0.79 5.15
N VAL A 57 -5.45 2.02 4.87
CA VAL A 57 -5.92 3.17 5.62
C VAL A 57 -6.88 4.12 4.87
N ARG A 58 -6.38 4.84 3.88
CA ARG A 58 -7.17 5.82 3.10
C ARG A 58 -6.45 6.39 1.90
N SER A 59 -7.19 6.97 0.99
CA SER A 59 -6.64 7.44 -0.27
C SER A 59 -5.74 8.67 -0.19
N CYS A 60 -4.69 8.68 -1.00
CA CYS A 60 -3.73 9.78 -1.02
C CYS A 60 -3.13 10.05 -2.40
N GLN A 61 -3.89 9.74 -3.44
CA GLN A 61 -3.40 9.88 -4.81
C GLN A 61 -3.38 11.33 -5.30
N ALA A 62 -3.94 12.23 -4.49
CA ALA A 62 -4.07 13.68 -4.76
C ALA A 62 -4.94 14.09 -5.99
N HIS A 63 -4.75 13.44 -7.13
CA HIS A 63 -5.49 13.78 -8.33
C HIS A 63 -6.98 13.53 -8.12
N HIS A 64 -7.79 14.52 -8.48
CA HIS A 64 -9.25 14.42 -8.32
C HIS A 64 -9.86 13.93 -9.63
N HIS A 65 -11.08 13.39 -9.54
CA HIS A 65 -11.85 12.83 -10.69
C HIS A 65 -11.20 11.56 -11.28
N HIS A 66 -12.03 10.68 -11.85
CA HIS A 66 -11.57 9.44 -12.49
C HIS A 66 -12.26 9.33 -13.84
N HIS A 67 -11.69 8.55 -14.75
CA HIS A 67 -12.28 8.29 -16.07
C HIS A 67 -11.67 6.99 -16.54
N HIS A 68 -12.37 6.26 -17.40
CA HIS A 68 -11.79 5.17 -18.16
C HIS A 68 -12.25 5.57 -19.53
N MET A 1 5.17 11.26 6.80
CA MET A 1 4.59 12.64 6.76
C MET A 1 3.11 12.58 7.06
N GLY A 2 2.43 13.72 7.16
CA GLY A 2 0.98 13.71 7.36
C GLY A 2 0.28 13.36 6.06
N ASN A 3 0.92 13.73 4.96
CA ASN A 3 0.45 13.36 3.63
C ASN A 3 0.97 11.94 3.39
N CYS A 4 0.42 11.29 2.37
CA CYS A 4 0.91 9.98 1.97
C CYS A 4 2.34 10.13 1.47
N ILE A 5 3.15 9.11 1.68
CA ILE A 5 4.54 9.15 1.25
C ILE A 5 4.85 8.16 0.13
N SER A 6 4.07 7.09 0.04
CA SER A 6 4.35 6.02 -0.90
C SER A 6 3.52 6.02 -2.20
N PRO A 7 4.17 5.72 -3.35
CA PRO A 7 3.49 5.52 -4.64
C PRO A 7 2.41 4.45 -4.62
N VAL A 8 1.68 4.36 -5.73
CA VAL A 8 0.69 3.30 -5.90
C VAL A 8 1.43 1.97 -5.97
N TYR A 9 0.67 0.92 -5.72
CA TYR A 9 1.18 -0.43 -5.64
C TYR A 9 1.84 -0.94 -6.92
N VAL A 10 3.10 -1.30 -6.78
CA VAL A 10 3.85 -1.97 -7.83
C VAL A 10 4.38 -3.29 -7.28
N ASP A 11 3.92 -4.39 -7.83
CA ASP A 11 4.41 -5.67 -7.45
C ASP A 11 5.75 -5.91 -8.12
N GLY A 12 6.70 -6.37 -7.33
CA GLY A 12 8.01 -6.71 -7.86
C GLY A 12 8.96 -5.59 -8.14
N SER A 13 8.46 -4.37 -8.24
CA SER A 13 9.31 -3.26 -8.68
C SER A 13 10.45 -2.96 -7.72
N SER A 14 10.11 -2.60 -6.49
CA SER A 14 11.07 -2.29 -5.48
C SER A 14 10.48 -2.34 -4.08
N TYR A 15 11.11 -3.06 -3.16
CA TYR A 15 10.66 -3.12 -1.79
C TYR A 15 11.72 -3.56 -0.78
N ALA A 16 11.37 -3.34 0.47
CA ALA A 16 12.06 -3.81 1.64
C ALA A 16 10.86 -4.30 2.43
N ASN A 17 11.04 -4.82 3.64
CA ASN A 17 9.87 -5.22 4.44
C ASN A 17 8.97 -4.01 4.71
N ASN A 18 9.60 -2.86 4.83
CA ASN A 18 8.93 -1.60 5.14
C ASN A 18 8.30 -0.88 3.95
N ALA A 19 8.50 -1.41 2.76
CA ALA A 19 7.99 -0.80 1.52
C ALA A 19 6.51 -0.47 1.60
N LEU A 20 6.11 0.78 1.52
CA LEU A 20 4.69 1.08 1.52
C LEU A 20 4.24 1.25 0.09
N VAL A 21 2.95 1.05 -0.12
CA VAL A 21 2.31 1.18 -1.39
C VAL A 21 0.96 1.83 -1.12
N GLN A 22 0.13 1.89 -2.13
CA GLN A 22 -1.19 2.46 -1.99
C GLN A 22 -2.11 1.72 -2.93
N ASN A 23 -3.22 1.22 -2.39
CA ASN A 23 -4.19 0.48 -3.16
C ASN A 23 -5.58 0.57 -2.55
N ASN A 24 -6.59 0.10 -3.28
CA ASN A 24 -8.00 0.27 -2.91
C ASN A 24 -8.29 1.76 -2.68
N GLY A 25 -7.60 2.60 -3.45
CA GLY A 25 -7.75 4.04 -3.36
C GLY A 25 -7.41 4.59 -1.99
N SER A 26 -6.51 3.95 -1.27
CA SER A 26 -6.14 4.24 0.08
C SER A 26 -4.63 3.93 0.18
N GLU A 27 -3.96 4.26 1.27
CA GLU A 27 -2.57 3.90 1.42
C GLU A 27 -2.44 2.57 2.12
N TYR A 28 -1.44 1.81 1.69
CA TYR A 28 -1.16 0.50 2.21
C TYR A 28 0.17 0.53 2.90
N ARG A 29 0.13 0.29 4.19
CA ARG A 29 1.34 0.35 4.96
C ARG A 29 1.91 -1.03 5.09
N CYS A 30 2.87 -1.35 4.24
CA CYS A 30 3.35 -2.71 4.16
C CYS A 30 4.48 -2.94 5.15
N LEU A 31 4.38 -4.05 5.88
CA LEU A 31 5.27 -4.33 7.02
C LEU A 31 6.12 -5.57 6.74
N VAL A 32 5.69 -6.38 5.79
CA VAL A 32 6.41 -7.55 5.37
C VAL A 32 6.74 -7.30 3.91
N GLY A 33 7.76 -7.94 3.39
CA GLY A 33 8.22 -7.73 2.04
C GLY A 33 8.04 -9.00 1.23
N GLY A 34 8.39 -10.11 1.86
CA GLY A 34 8.22 -11.42 1.24
C GLY A 34 6.76 -11.77 1.02
N TRP A 35 5.86 -11.04 1.69
CA TRP A 35 4.43 -11.21 1.50
C TRP A 35 3.73 -10.08 0.75
N CYS A 36 4.24 -8.87 0.87
CA CYS A 36 3.56 -7.69 0.33
C CYS A 36 3.46 -7.71 -1.19
N THR A 37 4.60 -7.84 -1.85
CA THR A 37 4.64 -7.81 -3.30
C THR A 37 4.15 -9.13 -3.89
N VAL A 38 4.25 -10.18 -3.08
CA VAL A 38 4.01 -11.54 -3.57
C VAL A 38 2.54 -11.91 -3.66
N GLY A 39 1.71 -11.12 -2.99
CA GLY A 39 0.28 -11.22 -3.17
C GLY A 39 -0.14 -10.96 -4.59
N GLY A 40 0.81 -10.35 -5.25
CA GLY A 40 0.65 -9.92 -6.64
C GLY A 40 -0.24 -8.70 -6.75
N PRO A 41 -0.47 -8.17 -7.96
CA PRO A 41 -1.29 -6.97 -8.17
C PRO A 41 -2.78 -7.26 -8.20
N TYR A 42 -3.13 -8.53 -8.30
CA TYR A 42 -4.53 -8.96 -8.32
C TYR A 42 -5.01 -9.22 -6.90
N ALA A 43 -4.13 -9.02 -5.93
CA ALA A 43 -4.45 -9.27 -4.52
C ALA A 43 -5.70 -8.49 -4.06
N PRO A 44 -6.79 -9.19 -3.69
CA PRO A 44 -7.95 -8.46 -3.15
C PRO A 44 -7.80 -8.17 -1.65
N GLY A 45 -6.57 -8.29 -1.15
CA GLY A 45 -6.33 -8.24 0.27
C GLY A 45 -6.50 -6.88 0.91
N THR A 46 -7.18 -6.88 2.05
CA THR A 46 -7.25 -5.69 2.91
C THR A 46 -5.96 -5.63 3.75
N GLY A 47 -5.17 -6.70 3.64
CA GLY A 47 -3.82 -6.72 4.19
C GLY A 47 -3.64 -7.33 5.55
N TRP A 48 -4.73 -7.42 6.26
CA TRP A 48 -4.74 -7.75 7.67
C TRP A 48 -4.68 -9.23 7.91
N ALA A 49 -5.64 -9.92 7.32
CA ALA A 49 -5.81 -11.36 7.57
C ALA A 49 -5.20 -12.22 6.48
N TRP A 50 -5.53 -11.91 5.23
CA TRP A 50 -5.14 -12.77 4.12
C TRP A 50 -3.67 -12.58 3.76
N ALA A 51 -3.23 -11.34 3.78
CA ALA A 51 -1.87 -10.98 3.42
C ALA A 51 -0.94 -11.01 4.64
N ASN A 52 -1.48 -10.54 5.76
CA ASN A 52 -0.73 -10.28 6.99
C ASN A 52 0.48 -9.39 6.72
N ALA A 53 0.34 -8.50 5.73
CA ALA A 53 1.44 -7.63 5.31
C ALA A 53 1.11 -6.13 5.27
N TRP A 54 -0.14 -5.71 5.07
CA TRP A 54 -0.39 -4.27 4.99
C TRP A 54 -1.57 -3.75 5.76
N GLU A 55 -1.49 -2.47 6.07
CA GLU A 55 -2.56 -1.78 6.76
C GLU A 55 -3.13 -0.72 5.86
N LEU A 56 -4.39 -0.89 5.52
CA LEU A 56 -5.12 0.10 4.80
C LEU A 56 -5.43 1.25 5.76
N VAL A 57 -4.96 2.46 5.44
CA VAL A 57 -5.23 3.61 6.26
C VAL A 57 -6.24 4.61 5.69
N ARG A 58 -5.88 5.28 4.60
CA ARG A 58 -6.71 6.27 3.90
C ARG A 58 -6.06 6.83 2.67
N SER A 59 -6.89 7.48 1.87
CA SER A 59 -6.48 7.98 0.57
C SER A 59 -5.80 9.33 0.54
N CYS A 60 -5.01 9.52 -0.51
CA CYS A 60 -4.43 10.81 -0.81
C CYS A 60 -4.42 11.20 -2.27
N GLN A 61 -5.29 10.54 -3.01
CA GLN A 61 -5.47 10.87 -4.44
C GLN A 61 -6.06 12.27 -4.55
N ALA A 62 -6.83 12.66 -3.54
CA ALA A 62 -7.46 13.96 -3.52
C ALA A 62 -7.86 14.23 -2.07
N HIS A 63 -7.99 15.50 -1.70
CA HIS A 63 -8.38 15.87 -0.34
C HIS A 63 -9.59 16.82 -0.38
N HIS A 64 -10.72 16.27 -0.79
CA HIS A 64 -11.98 17.01 -0.97
C HIS A 64 -12.27 18.00 0.17
N HIS A 65 -12.23 19.29 -0.14
CA HIS A 65 -12.43 20.36 0.85
C HIS A 65 -12.97 21.60 0.13
N HIS A 66 -13.64 22.48 0.86
CA HIS A 66 -14.17 23.72 0.31
C HIS A 66 -14.24 24.68 1.50
N HIS A 67 -14.51 25.95 1.27
CA HIS A 67 -14.70 26.92 2.35
C HIS A 67 -15.83 27.82 1.85
N HIS A 68 -16.56 28.47 2.75
CA HIS A 68 -17.60 29.42 2.35
C HIS A 68 -16.96 30.78 2.52
N MET A 1 8.55 13.59 11.69
CA MET A 1 8.14 12.31 11.03
C MET A 1 6.91 12.54 10.17
N GLY A 2 6.81 11.88 9.03
CA GLY A 2 5.63 12.01 8.20
C GLY A 2 4.58 11.01 8.66
N ASN A 3 3.31 11.30 8.40
CA ASN A 3 2.22 10.39 8.82
C ASN A 3 1.78 9.54 7.61
N CYS A 4 1.94 10.12 6.43
CA CYS A 4 1.75 9.44 5.15
C CYS A 4 3.01 9.75 4.37
N ILE A 5 3.76 8.73 3.99
CA ILE A 5 5.05 8.93 3.35
C ILE A 5 5.25 8.25 1.99
N SER A 6 4.43 7.26 1.65
CA SER A 6 4.72 6.41 0.50
C SER A 6 3.93 6.65 -0.80
N PRO A 7 4.55 6.39 -1.97
CA PRO A 7 3.85 6.52 -3.26
C PRO A 7 2.90 5.36 -3.53
N VAL A 8 2.28 5.38 -4.70
CA VAL A 8 1.39 4.30 -5.14
C VAL A 8 2.19 3.01 -5.31
N TYR A 9 1.47 1.91 -5.29
CA TYR A 9 2.03 0.58 -5.39
C TYR A 9 2.80 0.33 -6.68
N VAL A 10 4.05 -0.06 -6.52
CA VAL A 10 4.88 -0.52 -7.62
C VAL A 10 5.31 -1.95 -7.34
N ASP A 11 4.72 -2.88 -8.05
CA ASP A 11 5.08 -4.25 -7.88
C ASP A 11 6.40 -4.50 -8.58
N GLY A 12 7.30 -5.16 -7.87
CA GLY A 12 8.58 -5.52 -8.43
C GLY A 12 9.64 -4.44 -8.48
N SER A 13 9.24 -3.18 -8.36
CA SER A 13 10.20 -2.09 -8.57
C SER A 13 11.37 -2.11 -7.57
N SER A 14 11.06 -2.10 -6.28
CA SER A 14 12.05 -2.17 -5.21
C SER A 14 11.29 -2.15 -3.89
N TYR A 15 11.81 -2.87 -2.90
CA TYR A 15 11.23 -2.88 -1.57
C TYR A 15 12.24 -3.28 -0.51
N ALA A 16 11.85 -3.04 0.73
CA ALA A 16 12.54 -3.48 1.91
C ALA A 16 11.41 -4.16 2.67
N ASN A 17 11.68 -4.71 3.85
CA ASN A 17 10.60 -5.32 4.65
C ASN A 17 9.53 -4.28 4.96
N ASN A 18 9.99 -3.05 5.12
CA ASN A 18 9.15 -1.93 5.55
C ASN A 18 8.47 -1.18 4.41
N ALA A 19 8.72 -1.60 3.19
CA ALA A 19 8.20 -0.93 1.98
C ALA A 19 6.72 -0.58 2.04
N LEU A 20 6.37 0.70 2.14
CA LEU A 20 4.97 1.08 2.14
C LEU A 20 4.59 1.45 0.73
N VAL A 21 3.32 1.30 0.42
CA VAL A 21 2.75 1.61 -0.87
C VAL A 21 1.40 2.22 -0.61
N GLN A 22 0.62 2.41 -1.65
CA GLN A 22 -0.70 2.98 -1.52
C GLN A 22 -1.55 2.34 -2.63
N ASN A 23 -2.68 1.77 -2.23
CA ASN A 23 -3.58 1.12 -3.16
C ASN A 23 -5.03 1.19 -2.72
N ASN A 24 -5.94 0.85 -3.64
CA ASN A 24 -7.39 0.96 -3.42
C ASN A 24 -7.75 2.42 -3.06
N GLY A 25 -6.96 3.35 -3.58
CA GLY A 25 -7.19 4.76 -3.33
C GLY A 25 -6.87 5.21 -1.92
N SER A 26 -6.07 4.43 -1.21
CA SER A 26 -5.76 4.63 0.19
C SER A 26 -4.30 4.20 0.41
N GLU A 27 -3.72 4.45 1.57
CA GLU A 27 -2.34 4.04 1.83
C GLU A 27 -2.26 2.64 2.40
N TYR A 28 -1.22 1.94 2.00
CA TYR A 28 -0.93 0.59 2.45
C TYR A 28 0.35 0.60 3.22
N ARG A 29 0.22 0.31 4.50
CA ARG A 29 1.38 0.31 5.36
C ARG A 29 1.94 -1.07 5.50
N CYS A 30 2.90 -1.39 4.65
CA CYS A 30 3.39 -2.74 4.50
C CYS A 30 4.53 -3.06 5.46
N LEU A 31 4.42 -4.19 6.15
CA LEU A 31 5.36 -4.59 7.21
C LEU A 31 6.16 -5.82 6.79
N VAL A 32 5.64 -6.55 5.81
CA VAL A 32 6.33 -7.68 5.26
C VAL A 32 6.47 -7.39 3.79
N GLY A 33 7.69 -7.25 3.36
CA GLY A 33 7.99 -6.69 2.05
C GLY A 33 7.85 -7.72 0.97
N GLY A 34 8.36 -8.91 1.23
CA GLY A 34 8.25 -9.98 0.25
C GLY A 34 6.79 -10.34 0.04
N TRP A 35 5.99 -10.25 1.08
CA TRP A 35 4.58 -10.55 1.02
C TRP A 35 3.78 -9.43 0.38
N CYS A 36 4.28 -8.22 0.52
CA CYS A 36 3.62 -7.04 -0.01
C CYS A 36 3.63 -7.09 -1.54
N THR A 37 4.77 -7.46 -2.10
CA THR A 37 4.94 -7.56 -3.55
C THR A 37 4.12 -8.69 -4.19
N VAL A 38 3.62 -9.62 -3.40
CA VAL A 38 2.83 -10.71 -3.94
C VAL A 38 1.51 -10.16 -4.48
N GLY A 39 0.90 -9.24 -3.73
CA GLY A 39 -0.38 -8.65 -4.09
C GLY A 39 -1.55 -9.62 -4.00
N GLY A 40 -1.62 -10.53 -4.95
CA GLY A 40 -2.69 -11.52 -5.02
C GLY A 40 -3.34 -11.52 -6.39
N PRO A 41 -3.04 -12.48 -7.28
CA PRO A 41 -3.62 -12.36 -8.64
C PRO A 41 -5.14 -12.53 -8.72
N TYR A 42 -5.74 -13.29 -7.80
CA TYR A 42 -7.20 -13.43 -7.74
C TYR A 42 -7.75 -12.76 -6.48
N ALA A 43 -6.86 -12.32 -5.61
CA ALA A 43 -7.26 -11.74 -4.35
C ALA A 43 -7.50 -10.23 -4.50
N PRO A 44 -8.65 -9.71 -4.04
CA PRO A 44 -8.86 -8.25 -4.07
C PRO A 44 -7.97 -7.51 -3.06
N GLY A 45 -7.42 -8.25 -2.11
CA GLY A 45 -6.53 -7.68 -1.11
C GLY A 45 -7.19 -7.06 0.10
N THR A 46 -6.42 -7.00 1.17
CA THR A 46 -6.90 -6.43 2.45
C THR A 46 -5.72 -6.12 3.37
N GLY A 47 -4.67 -6.95 3.29
CA GLY A 47 -3.48 -6.75 4.08
C GLY A 47 -3.54 -7.37 5.45
N TRP A 48 -4.77 -7.49 5.91
CA TRP A 48 -5.08 -7.87 7.28
C TRP A 48 -5.07 -9.36 7.51
N ALA A 49 -5.54 -10.11 6.53
CA ALA A 49 -5.64 -11.56 6.65
C ALA A 49 -5.11 -12.31 5.44
N TRP A 50 -5.49 -11.90 4.24
CA TRP A 50 -5.12 -12.65 3.04
C TRP A 50 -3.66 -12.43 2.68
N ALA A 51 -3.24 -11.18 2.76
CA ALA A 51 -1.87 -10.80 2.45
C ALA A 51 -0.97 -10.88 3.70
N ASN A 52 -1.55 -10.51 4.84
CA ASN A 52 -0.85 -10.44 6.13
C ASN A 52 0.39 -9.53 6.05
N ALA A 53 0.31 -8.52 5.19
CA ALA A 53 1.43 -7.59 4.98
C ALA A 53 1.12 -6.13 5.29
N TRP A 54 -0.08 -5.64 5.01
CA TRP A 54 -0.33 -4.19 5.13
C TRP A 54 -1.53 -3.76 5.93
N GLU A 55 -1.51 -2.49 6.31
CA GLU A 55 -2.64 -1.85 6.93
C GLU A 55 -3.18 -0.84 5.96
N LEU A 56 -4.40 -1.05 5.50
CA LEU A 56 -5.07 -0.11 4.68
C LEU A 56 -5.63 0.96 5.63
N VAL A 57 -5.17 2.19 5.46
CA VAL A 57 -5.58 3.28 6.30
C VAL A 57 -6.52 4.29 5.64
N ARG A 58 -5.99 5.12 4.76
CA ARG A 58 -6.73 6.17 4.05
C ARG A 58 -5.86 6.84 3.02
N SER A 59 -6.47 7.58 2.12
CA SER A 59 -5.73 8.20 1.02
C SER A 59 -4.81 9.33 1.41
N CYS A 60 -3.70 9.42 0.68
CA CYS A 60 -2.69 10.44 0.88
C CYS A 60 -1.91 10.58 -0.42
N GLN A 61 -2.62 10.72 -1.53
CA GLN A 61 -2.01 10.80 -2.85
C GLN A 61 -1.21 12.09 -3.04
N ALA A 62 -1.41 13.06 -2.16
CA ALA A 62 -0.66 14.31 -2.21
C ALA A 62 -0.59 14.92 -0.81
N HIS A 63 0.52 15.61 -0.53
CA HIS A 63 0.76 16.19 0.79
C HIS A 63 -0.25 17.31 1.08
N HIS A 64 -0.86 17.28 2.26
CA HIS A 64 -1.84 18.31 2.71
C HIS A 64 -2.93 18.58 1.65
N HIS A 65 -3.45 17.52 1.05
CA HIS A 65 -4.42 17.65 -0.05
C HIS A 65 -5.84 17.36 0.43
N HIS A 66 -6.79 18.20 0.03
CA HIS A 66 -8.21 18.00 0.36
C HIS A 66 -9.08 18.38 -0.85
N HIS A 67 -9.50 17.39 -1.61
CA HIS A 67 -10.32 17.58 -2.80
C HIS A 67 -10.97 16.22 -2.97
N HIS A 68 -12.15 16.12 -3.54
CA HIS A 68 -12.74 14.82 -3.81
C HIS A 68 -12.09 14.26 -5.07
N MET A 1 2.44 16.57 0.39
CA MET A 1 2.56 17.21 1.74
C MET A 1 1.70 16.47 2.73
N GLY A 2 2.24 16.22 3.92
CA GLY A 2 1.57 15.41 4.92
C GLY A 2 2.42 14.19 5.15
N ASN A 3 2.07 13.32 6.09
CA ASN A 3 2.87 12.14 6.39
C ASN A 3 2.49 10.97 5.45
N CYS A 4 2.66 11.20 4.17
CA CYS A 4 2.41 10.19 3.14
C CYS A 4 3.72 10.04 2.40
N ILE A 5 4.53 9.09 2.82
CA ILE A 5 5.89 8.97 2.32
C ILE A 5 6.01 8.08 1.07
N SER A 6 5.08 7.16 0.90
CA SER A 6 5.19 6.15 -0.14
C SER A 6 4.34 6.36 -1.41
N PRO A 7 4.84 5.90 -2.57
CA PRO A 7 4.10 6.01 -3.84
C PRO A 7 2.98 4.98 -3.99
N VAL A 8 2.33 4.98 -5.14
CA VAL A 8 1.34 3.97 -5.48
C VAL A 8 2.04 2.63 -5.62
N TYR A 9 1.25 1.58 -5.50
CA TYR A 9 1.73 0.22 -5.54
C TYR A 9 2.38 -0.18 -6.85
N VAL A 10 3.59 -0.69 -6.74
CA VAL A 10 4.30 -1.28 -7.86
C VAL A 10 4.71 -2.69 -7.48
N ASP A 11 4.02 -3.68 -8.01
CA ASP A 11 4.35 -5.04 -7.74
C ASP A 11 5.61 -5.39 -8.49
N GLY A 12 6.54 -5.99 -7.77
CA GLY A 12 7.80 -6.42 -8.35
C GLY A 12 8.86 -5.37 -8.54
N SER A 13 8.52 -4.09 -8.49
CA SER A 13 9.51 -3.05 -8.79
C SER A 13 10.67 -3.00 -7.80
N SER A 14 10.37 -2.78 -6.53
CA SER A 14 11.38 -2.74 -5.48
C SER A 14 10.71 -2.61 -4.11
N TYR A 15 11.28 -3.26 -3.10
CA TYR A 15 10.83 -3.14 -1.73
C TYR A 15 11.92 -3.54 -0.75
N ALA A 16 11.67 -3.19 0.50
CA ALA A 16 12.43 -3.62 1.65
C ALA A 16 11.29 -4.13 2.53
N ASN A 17 11.55 -4.61 3.74
CA ASN A 17 10.45 -5.15 4.55
C ASN A 17 9.40 -4.10 4.91
N ASN A 18 9.86 -2.88 5.11
CA ASN A 18 9.03 -1.74 5.50
C ASN A 18 8.21 -1.10 4.39
N ALA A 19 8.70 -1.33 3.20
CA ALA A 19 8.14 -0.79 1.93
C ALA A 19 6.65 -0.52 1.97
N LEU A 20 6.25 0.74 2.01
CA LEU A 20 4.84 1.07 1.98
C LEU A 20 4.47 1.33 0.53
N VAL A 21 3.20 1.17 0.22
CA VAL A 21 2.66 1.38 -1.10
C VAL A 21 1.30 2.00 -0.88
N GLN A 22 0.52 2.11 -1.94
CA GLN A 22 -0.81 2.65 -1.85
C GLN A 22 -1.71 1.96 -2.89
N ASN A 23 -2.79 1.36 -2.41
CA ASN A 23 -3.76 0.69 -3.24
C ASN A 23 -5.18 0.82 -2.71
N ASN A 24 -6.16 0.43 -3.52
CA ASN A 24 -7.59 0.77 -3.31
C ASN A 24 -7.73 2.30 -3.31
N GLY A 25 -6.78 2.99 -3.93
CA GLY A 25 -6.76 4.44 -3.93
C GLY A 25 -6.57 5.03 -2.54
N SER A 26 -5.91 4.28 -1.66
CA SER A 26 -5.71 4.60 -0.27
C SER A 26 -4.31 4.05 0.05
N GLU A 27 -3.74 4.33 1.20
CA GLU A 27 -2.38 3.91 1.50
C GLU A 27 -2.26 2.57 2.18
N TYR A 28 -1.19 1.86 1.84
CA TYR A 28 -0.87 0.56 2.37
C TYR A 28 0.39 0.60 3.17
N ARG A 29 0.25 0.31 4.44
CA ARG A 29 1.41 0.25 5.31
C ARG A 29 1.95 -1.14 5.37
N CYS A 30 2.86 -1.45 4.47
CA CYS A 30 3.33 -2.80 4.29
C CYS A 30 4.49 -3.09 5.24
N LEU A 31 4.27 -3.98 6.20
CA LEU A 31 5.25 -4.24 7.27
C LEU A 31 6.13 -5.43 6.94
N VAL A 32 5.69 -6.22 5.98
CA VAL A 32 6.45 -7.33 5.47
C VAL A 32 6.49 -7.06 3.99
N GLY A 33 7.66 -7.19 3.39
CA GLY A 33 7.85 -6.75 2.02
C GLY A 33 7.63 -7.86 1.04
N GLY A 34 8.16 -9.03 1.36
CA GLY A 34 7.95 -10.18 0.49
C GLY A 34 6.48 -10.52 0.44
N TRP A 35 5.78 -10.36 1.55
CA TRP A 35 4.37 -10.67 1.63
C TRP A 35 3.50 -9.58 1.03
N CYS A 36 4.02 -8.37 1.02
CA CYS A 36 3.31 -7.24 0.42
C CYS A 36 3.15 -7.49 -1.08
N THR A 37 4.23 -7.92 -1.70
CA THR A 37 4.28 -8.20 -3.13
C THR A 37 3.41 -9.40 -3.57
N VAL A 38 3.00 -10.23 -2.62
CA VAL A 38 2.11 -11.36 -2.92
C VAL A 38 0.73 -10.85 -3.32
N GLY A 39 0.43 -9.62 -2.93
CA GLY A 39 -0.85 -9.01 -3.26
C GLY A 39 -0.98 -8.64 -4.73
N GLY A 40 -1.12 -9.64 -5.58
CA GLY A 40 -1.26 -9.39 -7.01
C GLY A 40 -2.55 -8.64 -7.33
N PRO A 41 -2.67 -8.04 -8.52
CA PRO A 41 -3.84 -7.22 -8.88
C PRO A 41 -5.09 -8.04 -9.20
N TYR A 42 -4.92 -9.34 -9.33
CA TYR A 42 -6.04 -10.25 -9.57
C TYR A 42 -6.58 -10.72 -8.22
N ALA A 43 -5.81 -10.49 -7.17
CA ALA A 43 -6.22 -10.87 -5.83
C ALA A 43 -7.06 -9.75 -5.21
N PRO A 44 -8.14 -10.09 -4.49
CA PRO A 44 -8.92 -9.00 -3.89
C PRO A 44 -8.19 -8.27 -2.76
N GLY A 45 -7.34 -8.99 -2.04
CA GLY A 45 -6.55 -8.41 -0.97
C GLY A 45 -7.31 -7.96 0.27
N THR A 46 -6.53 -7.62 1.30
CA THR A 46 -7.07 -7.09 2.57
C THR A 46 -5.92 -6.60 3.44
N GLY A 47 -4.80 -7.31 3.39
CA GLY A 47 -3.62 -6.94 4.15
C GLY A 47 -3.56 -7.50 5.54
N TRP A 48 -4.75 -7.60 6.08
CA TRP A 48 -5.00 -7.83 7.49
C TRP A 48 -4.95 -9.29 7.88
N ALA A 49 -5.44 -10.15 7.00
CA ALA A 49 -5.49 -11.58 7.28
C ALA A 49 -4.78 -12.40 6.21
N TRP A 50 -5.11 -12.13 4.95
CA TRP A 50 -4.60 -12.97 3.86
C TRP A 50 -3.15 -12.69 3.53
N ALA A 51 -2.79 -11.42 3.58
CA ALA A 51 -1.44 -10.98 3.26
C ALA A 51 -0.54 -10.99 4.50
N ASN A 52 -1.14 -10.62 5.62
CA ASN A 52 -0.44 -10.40 6.90
C ASN A 52 0.71 -9.39 6.70
N ALA A 53 0.51 -8.46 5.79
CA ALA A 53 1.52 -7.45 5.46
C ALA A 53 1.07 -6.02 5.63
N TRP A 54 -0.10 -5.65 5.14
CA TRP A 54 -0.46 -4.22 5.09
C TRP A 54 -1.68 -3.78 5.85
N GLU A 55 -1.67 -2.50 6.16
CA GLU A 55 -2.81 -1.83 6.76
C GLU A 55 -3.27 -0.78 5.78
N LEU A 56 -4.52 -0.91 5.36
CA LEU A 56 -5.12 0.02 4.45
C LEU A 56 -5.68 1.19 5.25
N VAL A 57 -5.12 2.39 5.06
CA VAL A 57 -5.52 3.55 5.81
C VAL A 57 -6.32 4.64 5.07
N ARG A 58 -5.68 5.37 4.17
CA ARG A 58 -6.28 6.54 3.49
C ARG A 58 -5.48 7.06 2.31
N SER A 59 -6.17 7.75 1.42
CA SER A 59 -5.56 8.22 0.19
C SER A 59 -4.63 9.41 0.32
N CYS A 60 -3.65 9.46 -0.57
CA CYS A 60 -2.80 10.63 -0.67
C CYS A 60 -2.49 11.06 -2.09
N GLN A 61 -3.38 10.69 -3.00
CA GLN A 61 -3.29 11.18 -4.39
C GLN A 61 -3.84 12.62 -4.49
N ALA A 62 -4.43 13.08 -3.39
CA ALA A 62 -4.98 14.44 -3.23
C ALA A 62 -6.15 14.82 -4.18
N HIS A 63 -6.78 15.95 -3.86
CA HIS A 63 -7.91 16.46 -4.66
C HIS A 63 -8.17 17.92 -4.31
N HIS A 64 -8.81 18.64 -5.23
CA HIS A 64 -9.19 20.04 -5.01
C HIS A 64 -10.38 20.28 -5.93
N HIS A 65 -11.15 21.35 -5.73
CA HIS A 65 -12.29 21.64 -6.61
C HIS A 65 -12.58 23.15 -6.68
N HIS A 66 -12.96 23.63 -7.86
CA HIS A 66 -13.30 25.04 -8.08
C HIS A 66 -14.28 25.12 -9.24
N HIS A 67 -15.53 25.48 -8.99
CA HIS A 67 -16.52 25.61 -10.07
C HIS A 67 -16.20 26.87 -10.85
N HIS A 68 -16.66 26.97 -12.09
CA HIS A 68 -16.51 28.19 -12.88
C HIS A 68 -17.31 29.24 -12.15
N MET A 1 2.72 15.35 12.39
CA MET A 1 1.70 14.40 11.87
C MET A 1 2.30 13.53 10.79
N GLY A 2 1.93 12.27 10.75
CA GLY A 2 2.44 11.36 9.73
C GLY A 2 1.73 11.54 8.39
N ASN A 3 2.36 12.27 7.48
CA ASN A 3 1.82 12.47 6.14
C ASN A 3 1.90 11.16 5.37
N CYS A 4 1.15 11.07 4.29
CA CYS A 4 1.24 9.93 3.39
C CYS A 4 2.52 10.09 2.58
N ILE A 5 3.31 9.03 2.51
CA ILE A 5 4.61 9.07 1.87
C ILE A 5 4.77 8.19 0.63
N SER A 6 3.99 7.12 0.52
CA SER A 6 4.23 6.11 -0.50
C SER A 6 3.34 6.17 -1.75
N PRO A 7 3.89 5.80 -2.92
CA PRO A 7 3.11 5.81 -4.16
C PRO A 7 2.15 4.62 -4.26
N VAL A 8 1.40 4.57 -5.35
CA VAL A 8 0.50 3.45 -5.62
C VAL A 8 1.32 2.18 -5.77
N TYR A 9 0.64 1.07 -5.60
CA TYR A 9 1.25 -0.25 -5.63
C TYR A 9 1.92 -0.59 -6.94
N VAL A 10 3.21 -0.84 -6.86
CA VAL A 10 3.98 -1.35 -7.98
C VAL A 10 4.59 -2.69 -7.60
N ASP A 11 4.08 -3.75 -8.20
CA ASP A 11 4.60 -5.05 -7.94
C ASP A 11 5.92 -5.20 -8.68
N GLY A 12 6.91 -5.70 -7.97
CA GLY A 12 8.21 -5.95 -8.57
C GLY A 12 9.13 -4.78 -8.73
N SER A 13 8.60 -3.56 -8.69
CA SER A 13 9.43 -2.40 -9.01
C SER A 13 10.52 -2.10 -7.97
N SER A 14 10.11 -1.81 -6.75
CA SER A 14 11.02 -1.44 -5.71
C SER A 14 10.46 -1.61 -4.29
N TYR A 15 11.01 -2.55 -3.53
CA TYR A 15 10.58 -2.74 -2.15
C TYR A 15 11.64 -3.32 -1.23
N ALA A 16 11.33 -3.23 0.05
CA ALA A 16 12.09 -3.78 1.15
C ALA A 16 10.93 -4.26 2.02
N ASN A 17 11.17 -4.79 3.21
CA ASN A 17 10.05 -5.18 4.07
C ASN A 17 9.25 -3.96 4.49
N ASN A 18 9.93 -2.83 4.57
CA ASN A 18 9.35 -1.56 5.01
C ASN A 18 8.63 -0.80 3.90
N ALA A 19 8.72 -1.30 2.69
CA ALA A 19 8.10 -0.65 1.52
C ALA A 19 6.61 -0.44 1.73
N LEU A 20 6.14 0.79 1.68
CA LEU A 20 4.70 1.01 1.70
C LEU A 20 4.27 1.20 0.26
N VAL A 21 3.00 0.92 0.02
CA VAL A 21 2.37 1.12 -1.26
C VAL A 21 1.05 1.76 -0.93
N GLN A 22 0.18 1.87 -1.91
CA GLN A 22 -1.12 2.43 -1.72
C GLN A 22 -2.07 1.69 -2.65
N ASN A 23 -3.20 1.28 -2.12
CA ASN A 23 -4.25 0.69 -2.91
C ASN A 23 -5.62 1.04 -2.39
N ASN A 24 -6.61 0.95 -3.29
CA ASN A 24 -7.95 1.55 -3.09
C ASN A 24 -7.77 3.07 -2.93
N GLY A 25 -6.65 3.59 -3.42
CA GLY A 25 -6.31 5.00 -3.30
C GLY A 25 -5.85 5.41 -1.91
N SER A 26 -5.93 4.45 -0.99
CA SER A 26 -5.68 4.59 0.42
C SER A 26 -4.32 3.95 0.61
N GLU A 27 -3.68 4.15 1.73
CA GLU A 27 -2.33 3.69 1.88
C GLU A 27 -2.22 2.32 2.46
N TYR A 28 -1.25 1.58 1.96
CA TYR A 28 -0.93 0.26 2.41
C TYR A 28 0.38 0.29 3.14
N ARG A 29 0.33 0.04 4.42
CA ARG A 29 1.53 0.06 5.22
C ARG A 29 2.13 -1.30 5.27
N CYS A 30 3.02 -1.59 4.33
CA CYS A 30 3.53 -2.93 4.17
C CYS A 30 4.72 -3.13 5.12
N LEU A 31 4.68 -4.22 5.87
CA LEU A 31 5.65 -4.49 6.95
C LEU A 31 6.50 -5.73 6.66
N VAL A 32 5.94 -6.64 5.86
CA VAL A 32 6.62 -7.85 5.49
C VAL A 32 6.97 -7.70 4.02
N GLY A 33 8.04 -8.34 3.59
CA GLY A 33 8.51 -8.19 2.22
C GLY A 33 8.21 -9.40 1.38
N GLY A 34 8.44 -10.57 1.97
CA GLY A 34 8.16 -11.82 1.28
C GLY A 34 6.67 -12.03 1.08
N TRP A 35 5.86 -11.27 1.80
CA TRP A 35 4.41 -11.36 1.72
C TRP A 35 3.70 -10.17 1.07
N CYS A 36 4.35 -9.00 1.02
CA CYS A 36 3.67 -7.81 0.51
C CYS A 36 3.41 -7.89 -0.98
N THR A 37 4.47 -8.03 -1.76
CA THR A 37 4.35 -8.07 -3.21
C THR A 37 3.73 -9.38 -3.68
N VAL A 38 3.85 -10.39 -2.84
CA VAL A 38 3.43 -11.74 -3.18
C VAL A 38 1.97 -12.03 -2.80
N GLY A 39 1.43 -11.19 -1.92
CA GLY A 39 0.10 -11.40 -1.36
C GLY A 39 -1.10 -11.19 -2.26
N GLY A 40 -1.06 -11.82 -3.42
CA GLY A 40 -2.17 -11.77 -4.37
C GLY A 40 -2.21 -10.53 -5.24
N PRO A 41 -1.39 -10.44 -6.31
CA PRO A 41 -1.47 -9.26 -7.16
C PRO A 41 -2.76 -9.19 -8.00
N TYR A 42 -3.47 -10.33 -8.10
CA TYR A 42 -4.76 -10.40 -8.79
C TYR A 42 -5.90 -10.29 -7.76
N ALA A 43 -5.56 -10.27 -6.48
CA ALA A 43 -6.53 -10.25 -5.42
C ALA A 43 -6.90 -8.81 -5.08
N PRO A 44 -8.12 -8.58 -4.53
CA PRO A 44 -8.45 -7.21 -4.10
C PRO A 44 -7.60 -6.74 -2.92
N GLY A 45 -7.15 -7.68 -2.12
CA GLY A 45 -6.34 -7.37 -0.95
C GLY A 45 -7.10 -6.78 0.21
N THR A 46 -6.42 -6.69 1.34
CA THR A 46 -6.96 -6.09 2.57
C THR A 46 -5.80 -5.89 3.53
N GLY A 47 -4.85 -6.82 3.47
CA GLY A 47 -3.60 -6.71 4.20
C GLY A 47 -3.58 -7.36 5.55
N TRP A 48 -4.75 -7.31 6.14
CA TRP A 48 -4.95 -7.64 7.54
C TRP A 48 -4.96 -9.13 7.78
N ALA A 49 -5.67 -9.82 6.90
CA ALA A 49 -5.86 -11.26 7.05
C ALA A 49 -5.34 -12.07 5.86
N TRP A 50 -5.67 -11.63 4.65
CA TRP A 50 -5.31 -12.41 3.46
C TRP A 50 -3.81 -12.32 3.20
N ALA A 51 -3.27 -11.14 3.37
CA ALA A 51 -1.86 -10.86 3.15
C ALA A 51 -0.98 -11.09 4.39
N ASN A 52 -1.50 -10.62 5.52
CA ASN A 52 -0.76 -10.49 6.79
C ASN A 52 0.52 -9.63 6.59
N ALA A 53 0.47 -8.70 5.64
CA ALA A 53 1.61 -7.85 5.31
C ALA A 53 1.36 -6.36 5.39
N TRP A 54 0.12 -5.89 5.21
CA TRP A 54 -0.12 -4.44 5.21
C TRP A 54 -1.34 -4.00 5.97
N GLU A 55 -1.40 -2.72 6.26
CA GLU A 55 -2.57 -2.11 6.86
C GLU A 55 -3.10 -1.04 5.93
N LEU A 56 -4.36 -1.16 5.57
CA LEU A 56 -5.03 -0.19 4.76
C LEU A 56 -5.49 0.98 5.64
N VAL A 57 -4.86 2.15 5.49
CA VAL A 57 -5.14 3.30 6.31
C VAL A 57 -5.91 4.48 5.72
N ARG A 58 -5.29 5.21 4.79
CA ARG A 58 -5.87 6.47 4.25
C ARG A 58 -5.30 7.02 2.97
N SER A 59 -6.13 7.81 2.31
CA SER A 59 -5.91 8.15 0.92
C SER A 59 -5.14 9.41 0.57
N CYS A 60 -4.42 9.31 -0.53
CA CYS A 60 -3.58 10.38 -1.05
C CYS A 60 -3.37 10.18 -2.55
N GLN A 61 -4.46 9.97 -3.27
CA GLN A 61 -4.43 9.80 -4.72
C GLN A 61 -3.78 11.02 -5.39
N ALA A 62 -3.92 12.18 -4.77
CA ALA A 62 -3.30 13.40 -5.24
C ALA A 62 -3.11 14.30 -4.03
N HIS A 63 -2.15 15.20 -4.09
CA HIS A 63 -1.92 16.15 -3.00
C HIS A 63 -1.83 17.56 -3.57
N HIS A 64 -2.56 18.50 -2.97
CA HIS A 64 -2.60 19.88 -3.43
C HIS A 64 -1.96 20.73 -2.32
N HIS A 65 -1.81 22.04 -2.57
CA HIS A 65 -1.23 22.97 -1.57
C HIS A 65 0.14 22.48 -1.07
N HIS A 66 1.11 22.37 -1.97
CA HIS A 66 2.45 21.88 -1.62
C HIS A 66 3.24 22.84 -0.72
N HIS A 67 3.03 24.14 -0.88
CA HIS A 67 3.59 25.12 0.07
C HIS A 67 2.80 24.92 1.35
N HIS A 68 3.31 25.40 2.48
CA HIS A 68 2.51 25.40 3.70
C HIS A 68 1.37 26.38 3.46
N MET A 1 5.35 11.87 1.10
CA MET A 1 4.34 12.96 0.97
C MET A 1 3.66 13.24 2.31
N GLY A 2 4.39 13.81 3.26
CA GLY A 2 3.81 14.00 4.58
C GLY A 2 3.89 12.66 5.29
N ASN A 3 2.93 12.35 6.16
CA ASN A 3 2.90 11.06 6.85
C ASN A 3 2.80 9.91 5.86
N CYS A 4 2.21 10.19 4.71
CA CYS A 4 2.07 9.22 3.64
C CYS A 4 3.38 9.20 2.86
N ILE A 5 4.37 8.48 3.35
CA ILE A 5 5.70 8.56 2.79
C ILE A 5 5.89 7.73 1.52
N SER A 6 5.03 6.76 1.31
CA SER A 6 5.22 5.79 0.25
C SER A 6 4.36 6.03 -1.01
N PRO A 7 4.86 5.61 -2.20
CA PRO A 7 4.16 5.80 -3.48
C PRO A 7 3.02 4.79 -3.71
N VAL A 8 2.45 4.83 -4.91
CA VAL A 8 1.46 3.83 -5.32
C VAL A 8 2.19 2.50 -5.48
N TYR A 9 1.42 1.44 -5.49
CA TYR A 9 1.95 0.09 -5.57
C TYR A 9 2.71 -0.20 -6.84
N VAL A 10 3.95 -0.63 -6.68
CA VAL A 10 4.78 -1.12 -7.76
C VAL A 10 5.28 -2.51 -7.40
N ASP A 11 4.81 -3.50 -8.11
CA ASP A 11 5.25 -4.85 -7.89
C ASP A 11 6.60 -5.03 -8.54
N GLY A 12 7.52 -5.61 -7.78
CA GLY A 12 8.84 -5.90 -8.29
C GLY A 12 9.82 -4.75 -8.39
N SER A 13 9.34 -3.52 -8.33
CA SER A 13 10.23 -2.37 -8.57
C SER A 13 11.35 -2.25 -7.53
N SER A 14 11.00 -2.26 -6.26
CA SER A 14 11.93 -2.21 -5.16
C SER A 14 11.15 -2.30 -3.87
N TYR A 15 11.74 -2.87 -2.83
CA TYR A 15 11.11 -2.93 -1.52
C TYR A 15 12.14 -2.92 -0.41
N ALA A 16 11.70 -2.47 0.75
CA ALA A 16 12.47 -2.53 1.97
C ALA A 16 11.88 -3.69 2.77
N ASN A 17 12.27 -3.85 4.03
CA ASN A 17 11.73 -4.93 4.84
C ASN A 17 10.23 -4.79 5.04
N ASN A 18 9.78 -3.54 5.10
CA ASN A 18 8.39 -3.18 5.22
C ASN A 18 7.73 -2.90 3.85
N ALA A 19 8.28 -1.93 3.11
CA ALA A 19 7.85 -1.56 1.76
C ALA A 19 6.40 -1.14 1.61
N LEU A 20 6.08 0.08 2.00
CA LEU A 20 4.71 0.56 2.00
C LEU A 20 4.37 1.02 0.59
N VAL A 21 3.10 0.89 0.25
CA VAL A 21 2.58 1.17 -1.06
C VAL A 21 1.21 1.75 -0.88
N GLN A 22 0.46 1.90 -1.95
CA GLN A 22 -0.89 2.41 -1.88
C GLN A 22 -1.73 1.78 -2.99
N ASN A 23 -2.85 1.17 -2.60
CA ASN A 23 -3.77 0.51 -3.49
C ASN A 23 -5.21 0.54 -2.96
N ASN A 24 -6.16 0.12 -3.79
CA ASN A 24 -7.61 0.30 -3.56
C ASN A 24 -7.93 1.80 -3.45
N GLY A 25 -7.08 2.65 -4.03
CA GLY A 25 -7.26 4.08 -3.90
C GLY A 25 -7.11 4.52 -2.45
N SER A 26 -6.30 3.79 -1.70
CA SER A 26 -6.11 3.94 -0.28
C SER A 26 -4.63 3.61 -0.01
N GLU A 27 -4.12 3.84 1.18
CA GLU A 27 -2.74 3.51 1.48
C GLU A 27 -2.59 2.13 2.06
N TYR A 28 -1.50 1.47 1.69
CA TYR A 28 -1.16 0.16 2.15
C TYR A 28 0.07 0.22 2.99
N ARG A 29 -0.09 -0.10 4.24
CA ARG A 29 1.05 -0.09 5.12
C ARG A 29 1.61 -1.46 5.22
N CYS A 30 2.48 -1.77 4.28
CA CYS A 30 3.07 -3.06 4.14
C CYS A 30 4.20 -3.19 5.17
N LEU A 31 4.21 -4.31 5.88
CA LEU A 31 5.20 -4.59 6.94
C LEU A 31 6.12 -5.72 6.55
N VAL A 32 5.70 -6.50 5.56
CA VAL A 32 6.51 -7.58 5.05
C VAL A 32 6.64 -7.33 3.57
N GLY A 33 7.86 -7.08 3.16
CA GLY A 33 8.14 -6.57 1.83
C GLY A 33 8.09 -7.65 0.78
N GLY A 34 8.64 -8.81 1.10
CA GLY A 34 8.59 -9.92 0.17
C GLY A 34 7.16 -10.34 -0.08
N TRP A 35 6.33 -10.26 0.95
CA TRP A 35 4.94 -10.61 0.88
C TRP A 35 4.12 -9.54 0.19
N CYS A 36 4.53 -8.30 0.39
CA CYS A 36 3.87 -7.16 -0.22
C CYS A 36 4.12 -7.14 -1.73
N THR A 37 5.27 -7.66 -2.14
CA THR A 37 5.62 -7.78 -3.54
C THR A 37 4.73 -8.77 -4.28
N VAL A 38 4.22 -9.76 -3.55
CA VAL A 38 3.35 -10.78 -4.13
C VAL A 38 2.04 -10.14 -4.61
N GLY A 39 1.48 -9.28 -3.77
CA GLY A 39 0.29 -8.49 -4.12
C GLY A 39 -1.02 -9.24 -4.32
N GLY A 40 -1.13 -9.96 -5.42
CA GLY A 40 -2.40 -10.58 -5.80
C GLY A 40 -3.33 -9.52 -6.37
N PRO A 41 -3.06 -8.98 -7.57
CA PRO A 41 -3.87 -7.86 -8.09
C PRO A 41 -5.28 -8.25 -8.52
N TYR A 42 -5.52 -9.55 -8.67
CA TYR A 42 -6.85 -10.06 -8.99
C TYR A 42 -7.61 -10.36 -7.70
N ALA A 43 -6.87 -10.42 -6.60
CA ALA A 43 -7.44 -10.76 -5.32
C ALA A 43 -7.94 -9.50 -4.60
N PRO A 44 -8.99 -9.62 -3.76
CA PRO A 44 -9.47 -8.48 -2.98
C PRO A 44 -8.61 -8.23 -1.72
N GLY A 45 -7.31 -8.33 -1.86
CA GLY A 45 -6.43 -8.33 -0.69
C GLY A 45 -6.37 -7.05 0.12
N THR A 46 -7.17 -6.99 1.18
CA THR A 46 -7.14 -5.87 2.12
C THR A 46 -5.90 -5.96 3.03
N GLY A 47 -5.30 -7.15 3.05
CA GLY A 47 -4.01 -7.39 3.69
C GLY A 47 -3.93 -7.59 5.18
N TRP A 48 -5.03 -7.22 5.83
CA TRP A 48 -5.17 -7.14 7.28
C TRP A 48 -4.96 -8.49 7.91
N ALA A 49 -5.33 -9.51 7.16
CA ALA A 49 -5.23 -10.88 7.63
C ALA A 49 -4.85 -11.85 6.52
N TRP A 50 -5.46 -11.68 5.37
CA TRP A 50 -5.28 -12.60 4.25
C TRP A 50 -3.87 -12.55 3.68
N ALA A 51 -3.30 -11.35 3.67
CA ALA A 51 -1.93 -11.14 3.19
C ALA A 51 -0.93 -11.29 4.33
N ASN A 52 -1.37 -10.87 5.51
CA ASN A 52 -0.52 -10.70 6.70
C ASN A 52 0.66 -9.76 6.39
N ALA A 53 0.46 -8.87 5.42
CA ALA A 53 1.49 -7.90 5.04
C ALA A 53 1.04 -6.46 5.14
N TRP A 54 -0.17 -6.08 4.73
CA TRP A 54 -0.49 -4.65 4.72
C TRP A 54 -1.77 -4.25 5.39
N GLU A 55 -1.80 -3.00 5.82
CA GLU A 55 -2.99 -2.41 6.39
C GLU A 55 -3.52 -1.40 5.42
N LEU A 56 -4.69 -1.67 4.90
CA LEU A 56 -5.40 -0.70 4.11
C LEU A 56 -5.93 0.33 5.10
N VAL A 57 -5.52 1.59 4.96
CA VAL A 57 -5.98 2.63 5.84
C VAL A 57 -6.96 3.64 5.18
N ARG A 58 -6.43 4.50 4.32
CA ARG A 58 -7.20 5.54 3.60
C ARG A 58 -6.32 6.19 2.56
N SER A 59 -6.93 6.84 1.59
CA SER A 59 -6.20 7.43 0.46
C SER A 59 -5.28 8.57 0.79
N CYS A 60 -4.19 8.66 0.03
CA CYS A 60 -3.25 9.74 0.18
C CYS A 60 -2.49 10.04 -1.12
N GLN A 61 -3.20 10.02 -2.25
CA GLN A 61 -2.58 10.39 -3.54
C GLN A 61 -2.31 11.90 -3.56
N ALA A 62 -2.91 12.63 -2.63
CA ALA A 62 -2.70 14.05 -2.50
C ALA A 62 -1.98 14.23 -1.16
N HIS A 63 -1.16 15.28 -1.05
CA HIS A 63 -0.32 15.48 0.14
C HIS A 63 -1.16 15.76 1.42
N HIS A 64 -2.42 16.10 1.26
CA HIS A 64 -3.30 16.36 2.41
C HIS A 64 -4.75 16.17 1.97
N HIS A 65 -5.63 15.88 2.92
CA HIS A 65 -7.07 15.75 2.66
C HIS A 65 -7.77 16.17 3.94
N HIS A 66 -9.01 16.63 3.84
CA HIS A 66 -9.82 16.95 5.02
C HIS A 66 -11.20 16.47 4.60
N HIS A 67 -12.07 16.15 5.56
CA HIS A 67 -13.41 15.57 5.29
C HIS A 67 -13.33 14.34 4.36
N HIS A 68 -13.19 13.16 4.95
CA HIS A 68 -13.27 11.90 4.21
C HIS A 68 -14.65 11.42 4.53
N MET A 1 4.40 6.75 7.84
CA MET A 1 4.00 7.42 9.11
C MET A 1 3.81 8.90 8.87
N GLY A 2 2.75 9.49 9.42
CA GLY A 2 2.49 10.90 9.15
C GLY A 2 1.82 11.02 7.80
N ASN A 3 2.30 11.94 6.98
CA ASN A 3 1.79 12.10 5.62
C ASN A 3 2.05 10.84 4.80
N CYS A 4 1.31 10.70 3.71
CA CYS A 4 1.55 9.59 2.79
C CYS A 4 2.84 9.87 2.05
N ILE A 5 3.80 8.96 2.16
CA ILE A 5 5.10 9.13 1.51
C ILE A 5 5.31 8.18 0.34
N SER A 6 4.48 7.15 0.24
CA SER A 6 4.72 6.09 -0.72
C SER A 6 3.86 6.13 -2.00
N PRO A 7 4.42 5.64 -3.13
CA PRO A 7 3.68 5.63 -4.41
C PRO A 7 2.62 4.53 -4.47
N VAL A 8 1.97 4.43 -5.62
CA VAL A 8 1.00 3.36 -5.86
C VAL A 8 1.75 2.02 -5.90
N TYR A 9 1.01 0.97 -5.72
CA TYR A 9 1.53 -0.39 -5.64
C TYR A 9 2.23 -0.87 -6.90
N VAL A 10 3.52 -1.13 -6.74
CA VAL A 10 4.34 -1.75 -7.76
C VAL A 10 4.99 -2.98 -7.16
N ASP A 11 4.57 -4.14 -7.62
CA ASP A 11 5.09 -5.36 -7.10
C ASP A 11 6.48 -5.62 -7.65
N GLY A 12 7.41 -5.76 -6.72
CA GLY A 12 8.79 -6.06 -7.09
C GLY A 12 9.65 -4.91 -7.52
N SER A 13 9.04 -3.77 -7.81
CA SER A 13 9.82 -2.66 -8.37
C SER A 13 10.94 -2.17 -7.44
N SER A 14 10.66 -2.10 -6.15
CA SER A 14 11.64 -1.75 -5.13
C SER A 14 11.00 -1.91 -3.76
N TYR A 15 11.63 -2.65 -2.86
CA TYR A 15 11.09 -2.82 -1.52
C TYR A 15 12.12 -3.23 -0.46
N ALA A 16 11.66 -3.11 0.78
CA ALA A 16 12.33 -3.55 1.97
C ALA A 16 11.10 -4.04 2.75
N ASN A 17 11.27 -4.53 3.98
CA ASN A 17 10.09 -4.94 4.75
C ASN A 17 9.13 -3.78 5.00
N ASN A 18 9.68 -2.59 5.08
CA ASN A 18 8.91 -1.37 5.36
C ASN A 18 8.30 -0.70 4.13
N ALA A 19 8.65 -1.20 2.96
CA ALA A 19 8.19 -0.62 1.68
C ALA A 19 6.70 -0.38 1.59
N LEU A 20 6.23 0.84 1.72
CA LEU A 20 4.80 1.09 1.67
C LEU A 20 4.40 1.28 0.22
N VAL A 21 3.13 1.04 -0.05
CA VAL A 21 2.56 1.18 -1.35
C VAL A 21 1.18 1.76 -1.12
N GLN A 22 0.37 1.85 -2.15
CA GLN A 22 -0.97 2.38 -2.03
C GLN A 22 -1.86 1.65 -3.03
N ASN A 23 -2.95 1.09 -2.53
CA ASN A 23 -3.90 0.34 -3.32
C ASN A 23 -5.28 0.34 -2.70
N ASN A 24 -6.27 -0.17 -3.43
CA ASN A 24 -7.68 -0.11 -3.01
C ASN A 24 -8.11 1.35 -2.82
N GLY A 25 -7.44 2.24 -3.54
CA GLY A 25 -7.74 3.67 -3.46
C GLY A 25 -7.31 4.33 -2.17
N SER A 26 -6.44 3.70 -1.42
CA SER A 26 -5.97 4.17 -0.13
C SER A 26 -4.50 3.72 0.04
N GLU A 27 -3.85 4.07 1.13
CA GLU A 27 -2.46 3.66 1.36
C GLU A 27 -2.35 2.31 2.01
N TYR A 28 -1.28 1.61 1.64
CA TYR A 28 -0.96 0.30 2.15
C TYR A 28 0.33 0.37 2.91
N ARG A 29 0.24 0.13 4.20
CA ARG A 29 1.42 0.19 5.03
C ARG A 29 2.04 -1.17 5.14
N CYS A 30 3.02 -1.43 4.31
CA CYS A 30 3.59 -2.75 4.20
C CYS A 30 4.65 -3.00 5.28
N LEU A 31 4.53 -4.12 5.98
CA LEU A 31 5.38 -4.45 7.14
C LEU A 31 6.25 -5.66 6.87
N VAL A 32 5.84 -6.47 5.89
CA VAL A 32 6.61 -7.62 5.46
C VAL A 32 6.86 -7.37 4.01
N GLY A 33 8.06 -7.63 3.55
CA GLY A 33 8.47 -7.23 2.23
C GLY A 33 8.24 -8.32 1.22
N GLY A 34 8.67 -9.53 1.54
CA GLY A 34 8.47 -10.64 0.63
C GLY A 34 6.99 -10.87 0.39
N TRP A 35 6.17 -10.62 1.39
CA TRP A 35 4.74 -10.81 1.29
C TRP A 35 4.07 -9.64 0.59
N CYS A 36 4.68 -8.47 0.66
CA CYS A 36 4.16 -7.28 -0.01
C CYS A 36 4.48 -7.30 -1.50
N THR A 37 5.47 -8.11 -1.86
CA THR A 37 5.93 -8.26 -3.23
C THR A 37 5.09 -9.29 -4.03
N VAL A 38 4.31 -10.10 -3.35
CA VAL A 38 3.56 -11.21 -3.96
C VAL A 38 2.62 -10.71 -5.07
N GLY A 39 2.26 -9.44 -5.01
CA GLY A 39 1.43 -8.84 -6.04
C GLY A 39 -0.02 -9.17 -5.83
N GLY A 40 -0.50 -10.23 -6.48
CA GLY A 40 -1.89 -10.64 -6.34
C GLY A 40 -2.91 -9.57 -6.73
N PRO A 41 -2.90 -9.04 -7.97
CA PRO A 41 -3.84 -7.96 -8.29
C PRO A 41 -5.28 -8.43 -8.43
N TYR A 42 -5.48 -9.73 -8.60
CA TYR A 42 -6.81 -10.30 -8.68
C TYR A 42 -7.33 -10.63 -7.28
N ALA A 43 -6.45 -10.57 -6.30
CA ALA A 43 -6.82 -10.88 -4.94
C ALA A 43 -7.40 -9.62 -4.26
N PRO A 44 -8.48 -9.77 -3.47
CA PRO A 44 -9.04 -8.61 -2.75
C PRO A 44 -8.24 -8.29 -1.46
N GLY A 45 -6.92 -8.34 -1.56
CA GLY A 45 -6.08 -8.26 -0.38
C GLY A 45 -6.07 -6.93 0.34
N THR A 46 -6.85 -6.82 1.40
CA THR A 46 -6.82 -5.65 2.28
C THR A 46 -5.59 -5.71 3.20
N GLY A 47 -4.94 -6.87 3.21
CA GLY A 47 -3.64 -7.05 3.84
C GLY A 47 -3.57 -7.37 5.32
N TRP A 48 -4.70 -7.15 5.95
CA TRP A 48 -4.83 -7.14 7.41
C TRP A 48 -4.64 -8.51 8.00
N ALA A 49 -5.06 -9.50 7.24
CA ALA A 49 -4.99 -10.89 7.70
C ALA A 49 -4.56 -11.84 6.60
N TRP A 50 -5.14 -11.70 5.42
CA TRP A 50 -4.90 -12.64 4.33
C TRP A 50 -3.49 -12.52 3.78
N ALA A 51 -2.99 -11.29 3.76
CA ALA A 51 -1.63 -11.01 3.32
C ALA A 51 -0.69 -11.09 4.51
N ASN A 52 -1.22 -10.63 5.65
CA ASN A 52 -0.46 -10.41 6.88
C ASN A 52 0.76 -9.51 6.62
N ALA A 53 0.62 -8.62 5.63
CA ALA A 53 1.70 -7.73 5.23
C ALA A 53 1.36 -6.26 5.20
N TRP A 54 0.12 -5.85 4.92
CA TRP A 54 -0.14 -4.41 4.84
C TRP A 54 -1.40 -3.95 5.50
N GLU A 55 -1.40 -2.69 5.89
CA GLU A 55 -2.56 -2.08 6.50
C GLU A 55 -3.10 -1.00 5.60
N LEU A 56 -4.31 -1.25 5.13
CA LEU A 56 -5.04 -0.36 4.28
C LEU A 56 -5.64 0.79 5.09
N VAL A 57 -5.14 2.01 4.92
CA VAL A 57 -5.58 3.16 5.70
C VAL A 57 -6.44 4.21 5.00
N ARG A 58 -5.85 5.02 4.12
CA ARG A 58 -6.54 6.14 3.46
C ARG A 58 -5.82 6.73 2.27
N SER A 59 -6.59 7.38 1.41
CA SER A 59 -6.11 7.82 0.10
C SER A 59 -5.24 9.05 0.04
N CYS A 60 -4.34 9.07 -0.94
CA CYS A 60 -3.42 10.17 -1.15
C CYS A 60 -3.04 10.36 -2.63
N GLN A 61 -4.00 10.23 -3.54
CA GLN A 61 -3.73 10.42 -4.98
C GLN A 61 -3.37 11.87 -5.34
N ALA A 62 -3.52 12.79 -4.39
CA ALA A 62 -3.19 14.22 -4.50
C ALA A 62 -4.01 15.06 -5.52
N HIS A 63 -4.34 14.50 -6.67
CA HIS A 63 -5.10 15.19 -7.71
C HIS A 63 -6.48 15.62 -7.20
N HIS A 64 -6.74 16.92 -7.18
CA HIS A 64 -8.03 17.46 -6.70
C HIS A 64 -8.35 18.77 -7.42
N HIS A 65 -9.55 19.29 -7.23
CA HIS A 65 -10.00 20.54 -7.88
C HIS A 65 -10.99 21.19 -6.92
N HIS A 66 -11.21 22.49 -7.04
CA HIS A 66 -12.20 23.20 -6.22
C HIS A 66 -12.68 24.39 -7.04
N HIS A 67 -13.86 24.92 -6.73
CA HIS A 67 -14.50 26.00 -7.52
C HIS A 67 -14.64 25.55 -8.99
N HIS A 68 -14.88 26.49 -9.89
CA HIS A 68 -14.98 26.20 -11.32
C HIS A 68 -13.62 25.68 -11.77
N MET A 1 -0.20 12.56 11.60
CA MET A 1 -0.91 13.05 10.39
C MET A 1 0.07 13.32 9.28
N GLY A 2 -0.41 13.49 8.06
CA GLY A 2 0.47 13.76 6.92
C GLY A 2 -0.11 13.23 5.64
N ASN A 3 0.59 13.48 4.53
CA ASN A 3 0.17 13.02 3.20
C ASN A 3 0.95 11.75 2.91
N CYS A 4 0.56 11.02 1.88
CA CYS A 4 1.27 9.81 1.48
C CYS A 4 2.70 10.13 1.09
N ILE A 5 3.63 9.29 1.55
CA ILE A 5 5.05 9.44 1.20
C ILE A 5 5.46 8.41 0.14
N SER A 6 4.69 7.33 0.05
CA SER A 6 5.00 6.22 -0.84
C SER A 6 4.18 6.23 -2.12
N PRO A 7 4.72 5.66 -3.22
CA PRO A 7 4.00 5.59 -4.49
C PRO A 7 2.87 4.56 -4.45
N VAL A 8 2.10 4.49 -5.53
CA VAL A 8 1.06 3.49 -5.64
C VAL A 8 1.72 2.14 -5.88
N TYR A 9 0.96 1.09 -5.64
CA TYR A 9 1.48 -0.26 -5.63
C TYR A 9 2.06 -0.73 -6.95
N VAL A 10 3.29 -1.21 -6.87
CA VAL A 10 3.96 -1.90 -7.95
C VAL A 10 4.46 -3.24 -7.45
N ASP A 11 3.78 -4.30 -7.82
CA ASP A 11 4.18 -5.60 -7.40
C ASP A 11 5.44 -5.99 -8.14
N GLY A 12 6.42 -6.45 -7.38
CA GLY A 12 7.68 -6.87 -7.95
C GLY A 12 8.70 -5.80 -8.22
N SER A 13 8.28 -4.55 -8.35
CA SER A 13 9.21 -3.50 -8.80
C SER A 13 10.38 -3.22 -7.85
N SER A 14 10.08 -2.96 -6.57
CA SER A 14 11.09 -2.69 -5.56
C SER A 14 10.46 -2.55 -4.20
N TYR A 15 11.01 -3.26 -3.21
CA TYR A 15 10.52 -3.18 -1.84
C TYR A 15 11.55 -3.65 -0.82
N ALA A 16 11.27 -3.34 0.43
CA ALA A 16 12.00 -3.75 1.59
C ALA A 16 10.86 -4.11 2.52
N ASN A 17 11.12 -4.51 3.75
CA ASN A 17 10.02 -4.77 4.70
C ASN A 17 9.20 -3.51 4.93
N ASN A 18 9.88 -2.38 4.88
CA ASN A 18 9.27 -1.08 5.15
C ASN A 18 8.55 -0.46 3.95
N ALA A 19 8.65 -1.11 2.80
CA ALA A 19 8.08 -0.57 1.55
C ALA A 19 6.60 -0.28 1.64
N LEU A 20 6.19 0.97 1.59
CA LEU A 20 4.77 1.28 1.58
C LEU A 20 4.33 1.48 0.14
N VAL A 21 3.05 1.25 -0.09
CA VAL A 21 2.43 1.35 -1.38
C VAL A 21 1.03 1.85 -1.11
N GLN A 22 0.19 1.87 -2.12
CA GLN A 22 -1.20 2.17 -1.93
C GLN A 22 -2.05 1.26 -2.82
N ASN A 23 -3.17 0.76 -2.31
CA ASN A 23 -4.13 0.02 -3.10
C ASN A 23 -5.54 0.07 -2.51
N ASN A 24 -6.52 -0.45 -3.25
CA ASN A 24 -7.96 -0.23 -2.98
C ASN A 24 -8.26 1.29 -3.05
N GLY A 25 -7.42 2.02 -3.78
CA GLY A 25 -7.57 3.47 -3.88
C GLY A 25 -7.33 4.19 -2.57
N SER A 26 -6.65 3.53 -1.65
CA SER A 26 -6.44 3.93 -0.28
C SER A 26 -4.97 3.54 -0.03
N GLU A 27 -4.35 3.90 1.07
CA GLU A 27 -2.95 3.65 1.31
C GLU A 27 -2.63 2.36 2.02
N TYR A 28 -1.56 1.72 1.57
CA TYR A 28 -1.04 0.50 2.17
C TYR A 28 0.26 0.68 2.93
N ARG A 29 0.21 0.44 4.22
CA ARG A 29 1.40 0.51 5.02
C ARG A 29 2.03 -0.84 5.19
N CYS A 30 2.99 -1.16 4.33
CA CYS A 30 3.56 -2.49 4.34
C CYS A 30 4.72 -2.59 5.35
N LEU A 31 4.67 -3.66 6.15
CA LEU A 31 5.60 -3.86 7.28
C LEU A 31 6.44 -5.11 7.08
N VAL A 32 6.00 -5.98 6.18
CA VAL A 32 6.73 -7.15 5.78
C VAL A 32 6.89 -6.93 4.31
N GLY A 33 7.96 -7.45 3.71
CA GLY A 33 8.23 -7.21 2.31
C GLY A 33 7.96 -8.41 1.46
N GLY A 34 8.45 -9.57 1.88
CA GLY A 34 8.20 -10.78 1.11
C GLY A 34 6.72 -11.11 1.06
N TRP A 35 5.99 -10.77 2.12
CA TRP A 35 4.56 -11.02 2.19
C TRP A 35 3.76 -9.91 1.50
N CYS A 36 4.38 -8.76 1.33
CA CYS A 36 3.71 -7.64 0.67
C CYS A 36 3.49 -7.96 -0.80
N THR A 37 4.51 -8.53 -1.45
CA THR A 37 4.44 -8.91 -2.85
C THR A 37 3.45 -10.05 -3.15
N VAL A 38 3.06 -10.78 -2.11
CA VAL A 38 2.11 -11.89 -2.26
C VAL A 38 0.77 -11.34 -2.72
N GLY A 39 0.50 -10.09 -2.38
CA GLY A 39 -0.73 -9.45 -2.80
C GLY A 39 -0.72 -9.17 -4.29
N GLY A 40 -1.00 -10.18 -5.09
CA GLY A 40 -1.03 -10.00 -6.54
C GLY A 40 -1.94 -8.86 -6.99
N PRO A 41 -1.72 -8.25 -8.16
CA PRO A 41 -2.48 -7.05 -8.56
C PRO A 41 -3.92 -7.35 -8.98
N TYR A 42 -4.23 -8.62 -9.20
CA TYR A 42 -5.61 -9.02 -9.49
C TYR A 42 -6.30 -9.51 -8.22
N ALA A 43 -5.55 -9.62 -7.14
CA ALA A 43 -6.10 -10.05 -5.88
C ALA A 43 -6.78 -8.86 -5.18
N PRO A 44 -7.90 -9.10 -4.46
CA PRO A 44 -8.53 -7.95 -3.77
C PRO A 44 -7.70 -7.39 -2.62
N GLY A 45 -7.00 -8.27 -1.90
CA GLY A 45 -6.18 -7.87 -0.79
C GLY A 45 -6.94 -7.46 0.47
N THR A 46 -6.19 -7.25 1.54
CA THR A 46 -6.72 -6.78 2.83
C THR A 46 -5.56 -6.35 3.71
N GLY A 47 -4.47 -7.11 3.63
CA GLY A 47 -3.25 -6.78 4.35
C GLY A 47 -3.15 -7.40 5.71
N TRP A 48 -4.31 -7.58 6.28
CA TRP A 48 -4.48 -7.99 7.64
C TRP A 48 -4.38 -9.48 7.81
N ALA A 49 -5.25 -10.18 7.10
CA ALA A 49 -5.37 -11.62 7.25
C ALA A 49 -4.67 -12.40 6.14
N TRP A 50 -4.95 -12.05 4.90
CA TRP A 50 -4.47 -12.84 3.76
C TRP A 50 -2.99 -12.59 3.50
N ALA A 51 -2.60 -11.32 3.57
CA ALA A 51 -1.23 -10.91 3.33
C ALA A 51 -0.38 -10.93 4.60
N ASN A 52 -0.99 -10.45 5.69
CA ASN A 52 -0.32 -10.20 6.97
C ASN A 52 0.89 -9.27 6.80
N ALA A 53 0.79 -8.36 5.82
CA ALA A 53 1.88 -7.43 5.50
C ALA A 53 1.53 -5.96 5.58
N TRP A 54 0.29 -5.55 5.34
CA TRP A 54 0.00 -4.12 5.28
C TRP A 54 -1.25 -3.69 6.03
N GLU A 55 -1.31 -2.39 6.28
CA GLU A 55 -2.47 -1.78 6.91
C GLU A 55 -3.07 -0.83 5.92
N LEU A 56 -4.30 -1.11 5.53
CA LEU A 56 -5.03 -0.25 4.65
C LEU A 56 -5.61 0.89 5.48
N VAL A 57 -5.17 2.11 5.20
CA VAL A 57 -5.60 3.27 5.95
C VAL A 57 -6.57 4.23 5.23
N ARG A 58 -6.08 4.95 4.22
CA ARG A 58 -6.87 5.98 3.52
C ARG A 58 -6.24 6.56 2.29
N SER A 59 -7.05 7.21 1.50
CA SER A 59 -6.64 7.60 0.17
C SER A 59 -5.77 8.83 0.00
N CYS A 60 -5.02 8.81 -1.09
CA CYS A 60 -4.06 9.85 -1.46
C CYS A 60 -3.90 9.69 -2.96
N GLN A 61 -5.04 9.71 -3.65
CA GLN A 61 -5.10 9.51 -5.10
C GLN A 61 -4.35 10.60 -5.88
N ALA A 62 -3.98 11.67 -5.20
CA ALA A 62 -3.15 12.71 -5.77
C ALA A 62 -2.33 13.19 -4.59
N HIS A 63 -1.03 13.40 -4.80
CA HIS A 63 -0.12 13.77 -3.71
C HIS A 63 -0.63 14.98 -2.92
N HIS A 64 -1.18 15.95 -3.63
CA HIS A 64 -1.86 17.09 -3.01
C HIS A 64 -2.94 17.57 -3.99
N HIS A 65 -4.15 17.03 -3.88
CA HIS A 65 -5.20 17.36 -4.85
C HIS A 65 -5.50 18.87 -4.87
N HIS A 66 -5.48 19.45 -6.06
CA HIS A 66 -5.68 20.88 -6.30
C HIS A 66 -5.95 20.91 -7.81
N HIS A 67 -6.52 21.99 -8.34
CA HIS A 67 -6.65 22.14 -9.79
C HIS A 67 -5.25 22.48 -10.31
N HIS A 68 -5.05 22.54 -11.61
CA HIS A 68 -3.81 23.11 -12.13
C HIS A 68 -3.98 24.61 -11.97
N MET A 1 2.88 11.09 11.68
CA MET A 1 3.08 11.92 10.46
C MET A 1 1.76 12.11 9.74
N GLY A 2 1.53 13.29 9.17
CA GLY A 2 0.30 13.56 8.45
C GLY A 2 0.41 13.17 7.00
N ASN A 3 -0.58 13.54 6.20
CA ASN A 3 -0.61 13.25 4.75
C ASN A 3 -0.39 11.77 4.49
N CYS A 4 0.53 11.45 3.59
CA CYS A 4 0.93 10.10 3.26
C CYS A 4 2.41 10.22 3.05
N ILE A 5 3.14 9.14 3.25
CA ILE A 5 4.58 9.15 3.09
C ILE A 5 5.01 8.30 1.90
N SER A 6 4.19 7.33 1.52
CA SER A 6 4.54 6.41 0.44
C SER A 6 3.82 6.60 -0.91
N PRO A 7 4.55 6.48 -2.03
CA PRO A 7 3.99 6.45 -3.39
C PRO A 7 2.96 5.35 -3.63
N VAL A 8 2.33 5.40 -4.79
CA VAL A 8 1.41 4.35 -5.23
C VAL A 8 2.19 3.06 -5.42
N TYR A 9 1.46 1.96 -5.43
CA TYR A 9 2.03 0.64 -5.52
C TYR A 9 2.80 0.40 -6.81
N VAL A 10 4.08 0.07 -6.64
CA VAL A 10 4.94 -0.36 -7.72
C VAL A 10 5.53 -1.72 -7.38
N ASP A 11 5.13 -2.73 -8.11
CA ASP A 11 5.67 -4.03 -7.92
C ASP A 11 7.04 -4.09 -8.57
N GLY A 12 7.99 -4.64 -7.85
CA GLY A 12 9.33 -4.82 -8.37
C GLY A 12 10.23 -3.60 -8.36
N SER A 13 9.66 -2.41 -8.27
CA SER A 13 10.47 -1.19 -8.43
C SER A 13 11.53 -1.03 -7.35
N SER A 14 11.14 -1.12 -6.08
CA SER A 14 12.05 -1.03 -4.95
C SER A 14 11.29 -1.27 -3.66
N TYR A 15 11.75 -2.19 -2.84
CA TYR A 15 11.13 -2.46 -1.55
C TYR A 15 12.08 -3.13 -0.57
N ALA A 16 11.64 -3.14 0.68
CA ALA A 16 12.27 -3.80 1.79
C ALA A 16 11.04 -4.35 2.50
N ASN A 17 11.19 -4.95 3.68
CA ASN A 17 10.00 -5.37 4.42
C ASN A 17 9.18 -4.16 4.83
N ASN A 18 9.88 -3.05 5.02
CA ASN A 18 9.29 -1.80 5.49
C ASN A 18 8.63 -0.97 4.38
N ALA A 19 8.78 -1.41 3.14
CA ALA A 19 8.25 -0.68 1.98
C ALA A 19 6.76 -0.41 2.11
N LEU A 20 6.33 0.83 2.15
CA LEU A 20 4.92 1.13 2.10
C LEU A 20 4.55 1.45 0.67
N VAL A 21 3.29 1.24 0.34
CA VAL A 21 2.75 1.56 -0.95
C VAL A 21 1.40 2.20 -0.68
N GLN A 22 0.63 2.39 -1.72
CA GLN A 22 -0.68 2.97 -1.60
C GLN A 22 -1.56 2.36 -2.67
N ASN A 23 -2.72 1.85 -2.24
CA ASN A 23 -3.67 1.25 -3.12
C ASN A 23 -5.09 1.70 -2.85
N ASN A 24 -5.93 1.63 -3.88
CA ASN A 24 -7.30 2.18 -3.83
C ASN A 24 -7.25 3.68 -3.52
N GLY A 25 -6.10 4.29 -3.77
CA GLY A 25 -5.88 5.70 -3.47
C GLY A 25 -5.66 5.98 -1.98
N SER A 26 -5.64 4.92 -1.17
CA SER A 26 -5.49 4.92 0.27
C SER A 26 -4.09 4.36 0.50
N GLU A 27 -3.51 4.49 1.67
CA GLU A 27 -2.16 4.01 1.91
C GLU A 27 -2.13 2.60 2.42
N TYR A 28 -1.10 1.87 1.98
CA TYR A 28 -0.85 0.51 2.39
C TYR A 28 0.42 0.47 3.19
N ARG A 29 0.29 0.10 4.43
CA ARG A 29 1.45 0.00 5.28
C ARG A 29 1.97 -1.39 5.20
N CYS A 30 2.93 -1.61 4.31
CA CYS A 30 3.36 -2.95 4.01
C CYS A 30 4.49 -3.31 4.98
N LEU A 31 4.37 -4.47 5.63
CA LEU A 31 5.26 -4.87 6.73
C LEU A 31 6.08 -6.10 6.36
N VAL A 32 5.61 -6.85 5.38
CA VAL A 32 6.31 -8.01 4.89
C VAL A 32 6.59 -7.74 3.44
N GLY A 33 7.82 -7.95 3.03
CA GLY A 33 8.27 -7.52 1.72
C GLY A 33 8.17 -8.65 0.73
N GLY A 34 8.48 -9.84 1.20
CA GLY A 34 8.36 -11.02 0.36
C GLY A 34 6.91 -11.25 -0.02
N TRP A 35 5.98 -10.79 0.82
CA TRP A 35 4.56 -10.92 0.59
C TRP A 35 3.87 -9.73 -0.07
N CYS A 36 4.34 -8.52 0.24
CA CYS A 36 3.68 -7.30 -0.26
C CYS A 36 3.72 -7.19 -1.78
N THR A 37 4.87 -7.48 -2.36
CA THR A 37 5.03 -7.42 -3.81
C THR A 37 4.24 -8.49 -4.56
N VAL A 38 3.79 -9.52 -3.86
CA VAL A 38 3.03 -10.60 -4.48
C VAL A 38 1.60 -10.14 -4.76
N GLY A 39 1.00 -9.49 -3.78
CA GLY A 39 -0.39 -9.05 -3.87
C GLY A 39 -1.39 -10.20 -3.79
N GLY A 40 -1.51 -10.93 -4.88
CA GLY A 40 -2.39 -12.06 -5.02
C GLY A 40 -2.46 -12.33 -6.50
N PRO A 41 -2.38 -13.60 -6.96
CA PRO A 41 -2.40 -13.72 -8.42
C PRO A 41 -3.77 -13.39 -9.02
N TYR A 42 -4.83 -13.84 -8.35
CA TYR A 42 -6.20 -13.52 -8.77
C TYR A 42 -7.02 -12.86 -7.66
N ALA A 43 -6.64 -13.13 -6.41
CA ALA A 43 -7.45 -12.76 -5.28
C ALA A 43 -7.23 -11.30 -4.86
N PRO A 44 -8.28 -10.63 -4.35
CA PRO A 44 -8.03 -9.29 -3.80
C PRO A 44 -7.29 -9.39 -2.48
N GLY A 45 -6.72 -8.29 -2.02
CA GLY A 45 -6.00 -8.29 -0.76
C GLY A 45 -6.33 -7.11 0.15
N THR A 46 -7.08 -7.38 1.20
CA THR A 46 -7.41 -6.35 2.19
C THR A 46 -6.20 -6.07 3.08
N GLY A 47 -5.21 -6.96 3.04
CA GLY A 47 -3.95 -6.76 3.72
C GLY A 47 -3.85 -7.31 5.11
N TRP A 48 -4.98 -7.15 5.77
CA TRP A 48 -5.13 -7.31 7.20
C TRP A 48 -5.09 -8.74 7.64
N ALA A 49 -5.63 -9.58 6.79
CA ALA A 49 -5.77 -11.01 7.12
C ALA A 49 -5.42 -11.94 5.97
N TRP A 50 -5.89 -11.61 4.77
CA TRP A 50 -5.70 -12.50 3.63
C TRP A 50 -4.26 -12.47 3.18
N ALA A 51 -3.69 -11.26 3.19
CA ALA A 51 -2.33 -11.01 2.76
C ALA A 51 -1.34 -11.16 3.92
N ASN A 52 -1.78 -10.71 5.09
CA ASN A 52 -0.95 -10.59 6.30
C ASN A 52 0.31 -9.76 6.05
N ALA A 53 0.21 -8.81 5.12
CA ALA A 53 1.33 -7.94 4.77
C ALA A 53 1.06 -6.45 4.86
N TRP A 54 -0.18 -5.97 4.72
CA TRP A 54 -0.39 -4.52 4.77
C TRP A 54 -1.61 -4.04 5.52
N GLU A 55 -1.56 -2.80 5.94
CA GLU A 55 -2.68 -2.16 6.59
C GLU A 55 -3.15 -0.97 5.78
N LEU A 56 -4.39 -1.02 5.35
CA LEU A 56 -5.01 0.05 4.63
C LEU A 56 -5.35 1.18 5.62
N VAL A 57 -4.72 2.33 5.46
CA VAL A 57 -4.96 3.48 6.33
C VAL A 57 -5.73 4.65 5.74
N ARG A 58 -5.12 5.39 4.81
CA ARG A 58 -5.73 6.62 4.29
C ARG A 58 -5.23 7.26 3.02
N SER A 59 -6.13 8.02 2.44
CA SER A 59 -6.01 8.43 1.07
C SER A 59 -5.26 9.70 0.76
N CYS A 60 -4.56 9.68 -0.36
CA CYS A 60 -3.64 10.74 -0.72
C CYS A 60 -3.58 11.10 -2.20
N GLN A 61 -4.71 10.98 -2.88
CA GLN A 61 -4.81 11.35 -4.29
C GLN A 61 -4.97 12.86 -4.45
N ALA A 62 -4.77 13.58 -3.35
CA ALA A 62 -4.83 15.05 -3.30
C ALA A 62 -6.09 15.66 -3.94
N HIS A 63 -7.26 15.05 -3.73
CA HIS A 63 -8.49 15.55 -4.36
C HIS A 63 -8.89 16.98 -3.94
N HIS A 64 -8.31 17.47 -2.84
CA HIS A 64 -8.41 18.88 -2.38
C HIS A 64 -9.78 19.58 -2.28
N HIS A 65 -10.90 18.87 -2.45
CA HIS A 65 -12.23 19.49 -2.36
C HIS A 65 -12.52 19.90 -0.92
N HIS A 66 -12.65 21.19 -0.67
CA HIS A 66 -13.02 21.70 0.65
C HIS A 66 -14.54 21.70 0.76
N HIS A 67 -15.08 21.93 1.96
CA HIS A 67 -16.54 22.09 2.13
C HIS A 67 -16.91 23.34 1.35
N HIS A 68 -18.13 23.43 0.83
CA HIS A 68 -18.54 24.66 0.16
C HIS A 68 -18.72 25.70 1.26
N MET A 1 6.11 9.60 12.45
CA MET A 1 5.86 10.88 11.71
C MET A 1 4.37 11.04 11.39
N GLY A 2 3.77 10.08 10.69
CA GLY A 2 2.33 10.16 10.41
C GLY A 2 1.99 10.66 9.02
N ASN A 3 2.87 11.48 8.44
CA ASN A 3 2.66 11.93 7.06
C ASN A 3 2.83 10.72 6.15
N CYS A 4 1.96 10.61 5.16
CA CYS A 4 1.99 9.49 4.23
C CYS A 4 2.91 9.82 3.06
N ILE A 5 3.98 9.05 2.92
CA ILE A 5 5.01 9.33 1.93
C ILE A 5 5.25 8.24 0.88
N SER A 6 4.56 7.12 0.97
CA SER A 6 4.86 6.00 0.09
C SER A 6 4.07 6.06 -1.22
N PRO A 7 4.69 5.66 -2.34
CA PRO A 7 4.05 5.78 -3.66
C PRO A 7 2.96 4.74 -3.89
N VAL A 8 2.34 4.81 -5.06
CA VAL A 8 1.38 3.80 -5.47
C VAL A 8 2.15 2.50 -5.62
N TYR A 9 1.42 1.40 -5.55
CA TYR A 9 2.00 0.07 -5.59
C TYR A 9 2.78 -0.18 -6.87
N VAL A 10 4.05 -0.50 -6.71
CA VAL A 10 4.90 -0.95 -7.78
C VAL A 10 5.37 -2.35 -7.44
N ASP A 11 4.85 -3.32 -8.15
CA ASP A 11 5.15 -4.69 -7.87
C ASP A 11 6.54 -5.08 -8.34
N GLY A 12 7.38 -5.35 -7.36
CA GLY A 12 8.73 -5.79 -7.62
C GLY A 12 9.71 -4.72 -8.01
N SER A 13 9.25 -3.51 -8.22
CA SER A 13 10.15 -2.46 -8.71
C SER A 13 11.24 -2.14 -7.70
N SER A 14 10.86 -2.03 -6.44
CA SER A 14 11.79 -1.82 -5.34
C SER A 14 11.02 -2.00 -4.04
N TYR A 15 11.65 -2.64 -3.06
CA TYR A 15 11.04 -2.81 -1.76
C TYR A 15 12.12 -2.94 -0.69
N ALA A 16 11.70 -2.79 0.55
CA ALA A 16 12.52 -2.93 1.72
C ALA A 16 11.84 -4.02 2.54
N ASN A 17 12.28 -4.22 3.78
CA ASN A 17 11.68 -5.26 4.62
C ASN A 17 10.22 -4.97 4.95
N ASN A 18 9.85 -3.69 4.93
CA ASN A 18 8.49 -3.23 5.11
C ASN A 18 7.82 -2.90 3.77
N ALA A 19 8.39 -1.96 3.01
CA ALA A 19 7.94 -1.58 1.66
C ALA A 19 6.50 -1.08 1.52
N LEU A 20 6.25 0.14 1.97
CA LEU A 20 4.89 0.69 1.95
C LEU A 20 4.54 1.16 0.56
N VAL A 21 3.29 0.95 0.21
CA VAL A 21 2.75 1.25 -1.09
C VAL A 21 1.37 1.84 -0.87
N GLN A 22 0.60 1.98 -1.93
CA GLN A 22 -0.73 2.53 -1.84
C GLN A 22 -1.57 1.86 -2.93
N ASN A 23 -2.69 1.28 -2.53
CA ASN A 23 -3.58 0.57 -3.42
C ASN A 23 -5.03 0.63 -2.98
N ASN A 24 -5.92 0.21 -3.88
CA ASN A 24 -7.38 0.30 -3.68
C ASN A 24 -7.78 1.75 -3.39
N GLY A 25 -6.98 2.69 -3.89
CA GLY A 25 -7.26 4.10 -3.74
C GLY A 25 -6.93 4.66 -2.36
N SER A 26 -6.15 3.95 -1.57
CA SER A 26 -5.77 4.33 -0.22
C SER A 26 -4.34 3.84 0.02
N GLU A 27 -3.73 4.18 1.14
CA GLU A 27 -2.37 3.74 1.44
C GLU A 27 -2.33 2.38 2.05
N TYR A 28 -1.29 1.64 1.68
CA TYR A 28 -1.03 0.32 2.20
C TYR A 28 0.24 0.33 2.98
N ARG A 29 0.12 0.15 4.27
CA ARG A 29 1.29 0.15 5.12
C ARG A 29 1.85 -1.22 5.25
N CYS A 30 2.67 -1.60 4.29
CA CYS A 30 3.24 -2.89 4.25
C CYS A 30 4.35 -2.99 5.30
N LEU A 31 4.29 -4.05 6.09
CA LEU A 31 5.27 -4.32 7.15
C LEU A 31 6.07 -5.54 6.78
N VAL A 32 5.52 -6.35 5.90
CA VAL A 32 6.22 -7.51 5.38
C VAL A 32 6.32 -7.28 3.89
N GLY A 33 7.53 -7.00 3.47
CA GLY A 33 7.81 -6.51 2.13
C GLY A 33 7.80 -7.61 1.12
N GLY A 34 8.29 -8.78 1.51
CA GLY A 34 8.25 -9.91 0.61
C GLY A 34 6.82 -10.27 0.31
N TRP A 35 5.96 -10.20 1.32
CA TRP A 35 4.55 -10.49 1.20
C TRP A 35 3.81 -9.40 0.46
N CYS A 36 4.25 -8.18 0.68
CA CYS A 36 3.66 -7.01 0.02
C CYS A 36 3.92 -7.09 -1.48
N THR A 37 5.09 -7.56 -1.86
CA THR A 37 5.48 -7.73 -3.26
C THR A 37 4.67 -8.81 -3.98
N VAL A 38 4.10 -9.74 -3.23
CA VAL A 38 3.28 -10.78 -3.84
C VAL A 38 2.03 -10.14 -4.44
N GLY A 39 1.42 -9.25 -3.67
CA GLY A 39 0.24 -8.51 -4.13
C GLY A 39 -1.01 -9.35 -4.36
N GLY A 40 -1.05 -10.02 -5.51
CA GLY A 40 -2.21 -10.81 -5.91
C GLY A 40 -3.17 -9.96 -6.72
N PRO A 41 -3.06 -9.94 -8.07
CA PRO A 41 -3.95 -9.07 -8.84
C PRO A 41 -5.41 -9.54 -8.87
N TYR A 42 -5.64 -10.79 -8.50
CA TYR A 42 -7.00 -11.32 -8.38
C TYR A 42 -7.41 -11.41 -6.90
N ALA A 43 -6.52 -11.03 -6.02
CA ALA A 43 -6.77 -11.17 -4.59
C ALA A 43 -7.47 -9.93 -4.02
N PRO A 44 -8.56 -10.13 -3.24
CA PRO A 44 -9.19 -8.98 -2.56
C PRO A 44 -8.44 -8.59 -1.27
N GLY A 45 -7.11 -8.55 -1.36
CA GLY A 45 -6.29 -8.41 -0.17
C GLY A 45 -6.35 -7.07 0.53
N THR A 46 -7.11 -7.03 1.62
CA THR A 46 -7.17 -5.83 2.46
C THR A 46 -5.97 -5.79 3.43
N GLY A 47 -5.17 -6.85 3.42
CA GLY A 47 -3.91 -6.87 4.15
C GLY A 47 -3.94 -7.36 5.57
N TRP A 48 -5.14 -7.40 6.11
CA TRP A 48 -5.36 -7.49 7.55
C TRP A 48 -5.30 -8.89 8.11
N ALA A 49 -5.54 -9.87 7.26
CA ALA A 49 -5.52 -11.27 7.69
C ALA A 49 -4.95 -12.19 6.63
N TRP A 50 -5.42 -12.04 5.40
CA TRP A 50 -5.05 -12.99 4.35
C TRP A 50 -3.66 -12.76 3.82
N ALA A 51 -3.30 -11.49 3.68
CA ALA A 51 -1.99 -11.08 3.22
C ALA A 51 -1.05 -10.96 4.42
N ASN A 52 -1.61 -10.48 5.53
CA ASN A 52 -0.90 -10.28 6.80
C ASN A 52 0.33 -9.39 6.62
N ALA A 53 0.25 -8.50 5.65
CA ALA A 53 1.37 -7.61 5.33
C ALA A 53 1.05 -6.15 5.45
N TRP A 54 -0.13 -5.70 5.04
CA TRP A 54 -0.40 -4.27 5.00
C TRP A 54 -1.64 -3.81 5.73
N GLU A 55 -1.62 -2.54 6.10
CA GLU A 55 -2.75 -1.92 6.75
C GLU A 55 -3.27 -0.84 5.84
N LEU A 56 -4.49 -1.04 5.37
CA LEU A 56 -5.15 -0.10 4.52
C LEU A 56 -5.64 1.08 5.36
N VAL A 57 -5.17 2.27 5.06
CA VAL A 57 -5.55 3.47 5.78
C VAL A 57 -6.34 4.53 5.01
N ARG A 58 -5.67 5.30 4.15
CA ARG A 58 -6.26 6.44 3.44
C ARG A 58 -5.45 6.92 2.28
N SER A 59 -6.10 7.59 1.36
CA SER A 59 -5.47 8.00 0.12
C SER A 59 -4.56 9.22 0.23
N CYS A 60 -3.39 9.14 -0.40
CA CYS A 60 -2.42 10.22 -0.40
C CYS A 60 -1.79 10.46 -1.76
N GLN A 61 -2.55 10.27 -2.84
CA GLN A 61 -2.06 10.57 -4.19
C GLN A 61 -2.01 12.09 -4.51
N ALA A 62 -1.71 12.91 -3.50
CA ALA A 62 -1.53 14.37 -3.64
C ALA A 62 -2.66 15.16 -4.36
N HIS A 63 -3.84 14.56 -4.49
CA HIS A 63 -4.96 15.19 -5.19
C HIS A 63 -5.35 16.55 -4.57
N HIS A 64 -5.15 17.63 -5.33
CA HIS A 64 -5.45 18.98 -4.84
C HIS A 64 -6.94 19.19 -4.51
N HIS A 65 -7.81 18.41 -5.16
CA HIS A 65 -9.26 18.40 -4.86
C HIS A 65 -9.93 19.79 -4.73
N HIS A 66 -9.51 20.75 -5.55
CA HIS A 66 -10.12 22.08 -5.51
C HIS A 66 -11.42 22.07 -6.31
N HIS A 67 -12.27 23.07 -6.10
CA HIS A 67 -13.45 23.28 -6.94
C HIS A 67 -13.15 24.55 -7.70
N HIS A 68 -13.66 24.63 -8.93
CA HIS A 68 -13.62 25.82 -9.75
C HIS A 68 -14.91 25.63 -10.52
N MET A 1 4.12 14.13 10.10
CA MET A 1 3.00 13.17 9.95
C MET A 1 1.97 13.71 8.98
N GLY A 2 0.98 12.90 8.62
CA GLY A 2 -0.05 13.35 7.69
C GLY A 2 0.32 13.01 6.25
N ASN A 3 -0.51 13.46 5.32
CA ASN A 3 -0.35 13.19 3.88
C ASN A 3 -0.20 11.68 3.61
N CYS A 4 0.50 11.34 2.55
CA CYS A 4 0.81 9.96 2.21
C CYS A 4 2.27 10.03 1.86
N ILE A 5 3.01 8.99 2.16
CA ILE A 5 4.45 8.99 1.93
C ILE A 5 4.84 8.03 0.81
N SER A 6 4.03 7.03 0.57
CA SER A 6 4.35 6.01 -0.41
C SER A 6 3.55 6.08 -1.73
N PRO A 7 4.18 5.68 -2.85
CA PRO A 7 3.49 5.69 -4.14
C PRO A 7 2.50 4.54 -4.28
N VAL A 8 1.83 4.48 -5.42
CA VAL A 8 0.94 3.36 -5.72
C VAL A 8 1.78 2.09 -5.80
N TYR A 9 1.10 0.97 -5.68
CA TYR A 9 1.74 -0.33 -5.66
C TYR A 9 2.53 -0.64 -6.92
N VAL A 10 3.82 -0.85 -6.72
CA VAL A 10 4.72 -1.28 -7.77
C VAL A 10 5.38 -2.59 -7.37
N ASP A 11 4.93 -3.67 -7.96
CA ASP A 11 5.50 -4.95 -7.70
C ASP A 11 6.86 -5.02 -8.37
N GLY A 12 7.83 -5.48 -7.61
CA GLY A 12 9.18 -5.65 -8.14
C GLY A 12 10.05 -4.42 -8.18
N SER A 13 9.46 -3.23 -8.14
CA SER A 13 10.25 -2.01 -8.33
C SER A 13 11.34 -1.79 -7.28
N SER A 14 10.95 -1.73 -6.01
CA SER A 14 11.88 -1.58 -4.92
C SER A 14 11.15 -1.72 -3.59
N TYR A 15 11.69 -2.53 -2.67
CA TYR A 15 11.09 -2.71 -1.36
C TYR A 15 12.07 -3.28 -0.34
N ALA A 16 11.64 -3.20 0.90
CA ALA A 16 12.30 -3.73 2.07
C ALA A 16 11.07 -4.10 2.89
N ASN A 17 11.22 -4.60 4.11
CA ASN A 17 10.02 -4.99 4.88
C ASN A 17 9.07 -3.84 5.16
N ASN A 18 9.63 -2.65 5.31
CA ASN A 18 8.86 -1.42 5.57
C ASN A 18 8.09 -0.87 4.38
N ALA A 19 8.66 -1.11 3.20
CA ALA A 19 8.14 -0.62 1.90
C ALA A 19 6.63 -0.45 1.85
N LEU A 20 6.13 0.77 1.87
CA LEU A 20 4.69 0.96 1.85
C LEU A 20 4.30 1.17 0.39
N VAL A 21 3.04 0.89 0.10
CA VAL A 21 2.49 1.05 -1.21
C VAL A 21 1.14 1.67 -1.00
N GLN A 22 0.34 1.75 -2.04
CA GLN A 22 -0.99 2.29 -1.94
C GLN A 22 -1.88 1.54 -2.92
N ASN A 23 -3.00 1.05 -2.42
CA ASN A 23 -4.00 0.39 -3.22
C ASN A 23 -5.41 0.64 -2.72
N ASN A 24 -6.39 0.40 -3.60
CA ASN A 24 -7.78 0.88 -3.43
C ASN A 24 -7.75 2.43 -3.40
N GLY A 25 -6.66 3.01 -3.90
CA GLY A 25 -6.46 4.45 -3.83
C GLY A 25 -6.10 4.94 -2.44
N SER A 26 -6.04 4.01 -1.49
CA SER A 26 -5.83 4.28 -0.10
C SER A 26 -4.40 3.80 0.15
N GLU A 27 -3.81 4.06 1.29
CA GLU A 27 -2.44 3.64 1.52
C GLU A 27 -2.35 2.29 2.17
N TYR A 28 -1.31 1.56 1.79
CA TYR A 28 -1.02 0.23 2.29
C TYR A 28 0.26 0.26 3.07
N ARG A 29 0.14 0.00 4.34
CA ARG A 29 1.31 0.03 5.20
C ARG A 29 1.90 -1.34 5.31
N CYS A 30 2.90 -1.61 4.50
CA CYS A 30 3.47 -2.93 4.40
C CYS A 30 4.52 -3.13 5.49
N LEU A 31 4.43 -4.25 6.21
CA LEU A 31 5.29 -4.55 7.36
C LEU A 31 6.18 -5.74 7.05
N VAL A 32 5.81 -6.48 6.02
CA VAL A 32 6.60 -7.58 5.52
C VAL A 32 6.82 -7.19 4.09
N GLY A 33 7.97 -7.52 3.54
CA GLY A 33 8.33 -7.05 2.22
C GLY A 33 8.15 -8.13 1.19
N GLY A 34 8.64 -9.33 1.50
CA GLY A 34 8.50 -10.44 0.57
C GLY A 34 7.04 -10.75 0.33
N TRP A 35 6.21 -10.60 1.35
CA TRP A 35 4.79 -10.86 1.24
C TRP A 35 4.05 -9.70 0.60
N CYS A 36 4.62 -8.51 0.72
CA CYS A 36 4.01 -7.31 0.15
C CYS A 36 4.10 -7.36 -1.38
N THR A 37 5.24 -7.79 -1.90
CA THR A 37 5.43 -7.94 -3.35
C THR A 37 4.57 -9.03 -3.98
N VAL A 38 4.01 -9.92 -3.19
CA VAL A 38 3.14 -10.96 -3.72
C VAL A 38 1.90 -10.28 -4.30
N GLY A 39 1.38 -9.32 -3.57
CA GLY A 39 0.24 -8.51 -4.00
C GLY A 39 -1.11 -9.22 -4.09
N GLY A 40 -1.20 -10.20 -4.98
CA GLY A 40 -2.47 -10.86 -5.25
C GLY A 40 -3.27 -10.00 -6.21
N PRO A 41 -2.91 -9.96 -7.51
CA PRO A 41 -3.61 -9.01 -8.41
C PRO A 41 -5.08 -9.34 -8.70
N TYR A 42 -5.49 -10.57 -8.41
CA TYR A 42 -6.90 -10.98 -8.55
C TYR A 42 -7.54 -11.06 -7.16
N ALA A 43 -6.75 -10.90 -6.13
CA ALA A 43 -7.22 -11.03 -4.76
C ALA A 43 -7.76 -9.70 -4.24
N PRO A 44 -8.81 -9.72 -3.39
CA PRO A 44 -9.26 -8.49 -2.72
C PRO A 44 -8.39 -8.13 -1.50
N GLY A 45 -7.09 -8.22 -1.65
CA GLY A 45 -6.19 -8.16 -0.52
C GLY A 45 -6.13 -6.85 0.26
N THR A 46 -6.92 -6.76 1.32
CA THR A 46 -6.86 -5.60 2.23
C THR A 46 -5.67 -5.73 3.19
N GLY A 47 -5.04 -6.90 3.16
CA GLY A 47 -3.77 -7.14 3.85
C GLY A 47 -3.77 -7.51 5.31
N TRP A 48 -4.91 -7.28 5.90
CA TRP A 48 -5.12 -7.28 7.35
C TRP A 48 -4.98 -8.66 7.93
N ALA A 49 -5.32 -9.63 7.12
CA ALA A 49 -5.27 -11.03 7.54
C ALA A 49 -4.77 -11.95 6.44
N TRP A 50 -5.31 -11.78 5.25
CA TRP A 50 -5.01 -12.69 4.14
C TRP A 50 -3.58 -12.55 3.63
N ALA A 51 -3.07 -11.32 3.69
CA ALA A 51 -1.70 -11.04 3.28
C ALA A 51 -0.75 -11.20 4.46
N ASN A 52 -1.23 -10.78 5.62
CA ASN A 52 -0.44 -10.62 6.84
C ASN A 52 0.77 -9.70 6.58
N ALA A 53 0.61 -8.78 5.62
CA ALA A 53 1.67 -7.84 5.27
C ALA A 53 1.26 -6.38 5.33
N TRP A 54 0.04 -6.00 4.95
CA TRP A 54 -0.27 -4.56 4.92
C TRP A 54 -1.55 -4.14 5.59
N GLU A 55 -1.58 -2.87 5.96
CA GLU A 55 -2.75 -2.28 6.56
C GLU A 55 -3.27 -1.17 5.69
N LEU A 56 -4.48 -1.36 5.20
CA LEU A 56 -5.17 -0.36 4.43
C LEU A 56 -5.62 0.77 5.36
N VAL A 57 -5.14 1.99 5.14
CA VAL A 57 -5.55 3.11 5.94
C VAL A 57 -6.48 4.12 5.26
N ARG A 58 -5.94 4.93 4.34
CA ARG A 58 -6.71 5.99 3.66
C ARG A 58 -6.03 6.66 2.48
N SER A 59 -6.86 7.34 1.70
CA SER A 59 -6.50 7.85 0.39
C SER A 59 -5.84 9.21 0.28
N CYS A 60 -5.08 9.39 -0.80
CA CYS A 60 -4.31 10.60 -1.03
C CYS A 60 -4.70 11.41 -2.26
N GLN A 61 -5.93 11.19 -2.70
CA GLN A 61 -6.52 12.00 -3.78
C GLN A 61 -7.00 13.37 -3.29
N ALA A 62 -6.19 14.02 -2.46
CA ALA A 62 -6.40 15.40 -1.97
C ALA A 62 -7.87 15.86 -1.91
N HIS A 63 -8.66 15.17 -1.08
CA HIS A 63 -10.12 15.36 -1.01
C HIS A 63 -10.80 14.99 -2.34
N HIS A 64 -11.19 13.71 -2.45
CA HIS A 64 -11.80 13.16 -3.67
C HIS A 64 -13.08 13.89 -4.14
N HIS A 65 -13.66 14.73 -3.29
CA HIS A 65 -14.77 15.61 -3.70
C HIS A 65 -14.29 17.03 -3.39
N HIS A 66 -14.42 17.96 -4.34
CA HIS A 66 -13.99 19.35 -4.09
C HIS A 66 -14.93 20.45 -4.62
N HIS A 67 -16.02 20.08 -5.28
CA HIS A 67 -16.95 21.08 -5.82
C HIS A 67 -17.83 21.70 -4.72
N HIS A 68 -18.08 20.93 -3.67
CA HIS A 68 -19.18 21.18 -2.73
C HIS A 68 -20.42 21.10 -3.62
N MET A 1 11.66 10.00 6.25
CA MET A 1 11.08 11.32 6.59
C MET A 1 9.75 11.14 7.28
N GLY A 2 9.11 12.21 7.70
CA GLY A 2 7.79 12.11 8.30
C GLY A 2 6.74 12.11 7.20
N ASN A 3 5.47 12.08 7.60
CA ASN A 3 4.32 12.08 6.69
C ASN A 3 4.33 10.85 5.75
N CYS A 4 3.63 10.96 4.64
CA CYS A 4 3.46 9.86 3.70
C CYS A 4 4.73 9.71 2.85
N ILE A 5 5.46 8.64 3.08
CA ILE A 5 6.73 8.36 2.37
C ILE A 5 6.63 7.23 1.35
N SER A 6 5.48 6.58 1.30
CA SER A 6 5.24 5.46 0.49
C SER A 6 4.82 5.81 -0.95
N PRO A 7 5.46 5.19 -1.96
CA PRO A 7 5.01 5.43 -3.33
C PRO A 7 3.72 4.66 -3.58
N VAL A 8 3.07 4.88 -4.71
CA VAL A 8 1.89 4.09 -5.03
C VAL A 8 2.39 2.69 -5.39
N TYR A 9 1.48 1.75 -5.29
CA TYR A 9 1.81 0.34 -5.38
C TYR A 9 2.44 -0.10 -6.67
N VAL A 10 3.61 -0.72 -6.54
CA VAL A 10 4.28 -1.37 -7.63
C VAL A 10 4.64 -2.81 -7.22
N ASP A 11 4.02 -3.77 -7.86
CA ASP A 11 4.31 -5.14 -7.60
C ASP A 11 5.60 -5.53 -8.31
N GLY A 12 6.49 -6.15 -7.54
CA GLY A 12 7.75 -6.62 -8.08
C GLY A 12 8.82 -5.58 -8.30
N SER A 13 8.45 -4.32 -8.37
CA SER A 13 9.42 -3.29 -8.80
C SER A 13 10.55 -3.04 -7.82
N SER A 14 10.23 -2.91 -6.54
CA SER A 14 11.22 -2.67 -5.49
C SER A 14 10.50 -2.66 -4.15
N TYR A 15 11.19 -3.09 -3.10
CA TYR A 15 10.65 -3.07 -1.76
C TYR A 15 11.76 -3.02 -0.72
N ALA A 16 11.38 -2.58 0.48
CA ALA A 16 12.24 -2.57 1.64
C ALA A 16 11.69 -3.69 2.52
N ASN A 17 12.16 -3.80 3.76
CA ASN A 17 11.67 -4.85 4.66
C ASN A 17 10.18 -4.69 4.94
N ASN A 18 9.75 -3.44 4.98
CA ASN A 18 8.37 -3.06 5.17
C ASN A 18 7.65 -2.80 3.82
N ALA A 19 8.23 -1.93 2.99
CA ALA A 19 7.72 -1.59 1.66
C ALA A 19 6.28 -1.09 1.65
N LEU A 20 6.10 0.17 1.99
CA LEU A 20 4.76 0.75 2.12
C LEU A 20 4.40 1.29 0.76
N VAL A 21 3.14 1.12 0.40
CA VAL A 21 2.64 1.42 -0.91
C VAL A 21 1.32 2.10 -0.68
N GLN A 22 0.55 2.33 -1.72
CA GLN A 22 -0.78 2.82 -1.58
C GLN A 22 -1.70 2.11 -2.58
N ASN A 23 -2.92 1.78 -2.16
CA ASN A 23 -3.92 1.21 -3.03
C ASN A 23 -5.34 1.54 -2.58
N ASN A 24 -6.33 1.29 -3.45
CA ASN A 24 -7.72 1.75 -3.27
C ASN A 24 -7.79 3.28 -3.19
N GLY A 25 -6.75 3.95 -3.68
CA GLY A 25 -6.69 5.40 -3.58
C GLY A 25 -6.55 5.84 -2.13
N SER A 26 -5.95 4.98 -1.32
CA SER A 26 -5.78 5.14 0.10
C SER A 26 -4.38 4.57 0.35
N GLU A 27 -3.83 4.71 1.55
CA GLU A 27 -2.48 4.21 1.81
C GLU A 27 -2.42 2.83 2.35
N TYR A 28 -1.41 2.12 1.87
CA TYR A 28 -1.09 0.80 2.37
C TYR A 28 0.18 0.77 3.18
N ARG A 29 0.03 0.48 4.46
CA ARG A 29 1.19 0.42 5.31
C ARG A 29 1.66 -0.99 5.42
N CYS A 30 2.50 -1.38 4.48
CA CYS A 30 2.98 -2.72 4.37
C CYS A 30 4.15 -2.92 5.33
N LEU A 31 4.16 -4.04 6.04
CA LEU A 31 5.18 -4.33 7.04
C LEU A 31 6.05 -5.49 6.63
N VAL A 32 5.59 -6.27 5.67
CA VAL A 32 6.36 -7.36 5.13
C VAL A 32 6.42 -7.11 3.64
N GLY A 33 7.59 -6.76 3.19
CA GLY A 33 7.79 -6.23 1.86
C GLY A 33 7.83 -7.31 0.82
N GLY A 34 8.43 -8.43 1.18
CA GLY A 34 8.46 -9.56 0.28
C GLY A 34 7.06 -10.06 0.05
N TRP A 35 6.21 -10.00 1.08
CA TRP A 35 4.83 -10.42 1.01
C TRP A 35 3.96 -9.39 0.31
N CYS A 36 4.30 -8.14 0.52
CA CYS A 36 3.55 -7.02 -0.05
C CYS A 36 3.67 -7.03 -1.56
N THR A 37 4.86 -7.32 -2.06
CA THR A 37 5.13 -7.32 -3.49
C THR A 37 4.46 -8.48 -4.24
N VAL A 38 4.03 -9.51 -3.51
CA VAL A 38 3.37 -10.66 -4.13
C VAL A 38 2.04 -10.20 -4.72
N GLY A 39 1.30 -9.42 -3.94
CA GLY A 39 0.03 -8.87 -4.38
C GLY A 39 -1.13 -9.84 -4.57
N GLY A 40 -1.02 -10.68 -5.60
CA GLY A 40 -2.11 -11.55 -6.00
C GLY A 40 -2.96 -10.78 -7.01
N PRO A 41 -2.70 -10.88 -8.32
CA PRO A 41 -3.45 -10.06 -9.28
C PRO A 41 -4.91 -10.49 -9.46
N TYR A 42 -5.24 -11.67 -8.94
CA TYR A 42 -6.61 -12.16 -8.96
C TYR A 42 -7.26 -11.91 -7.60
N ALA A 43 -6.45 -11.52 -6.62
CA ALA A 43 -6.90 -11.34 -5.27
C ALA A 43 -7.44 -9.92 -5.04
N PRO A 44 -8.61 -9.79 -4.38
CA PRO A 44 -9.08 -8.43 -4.07
C PRO A 44 -8.23 -7.73 -2.99
N GLY A 45 -7.57 -8.52 -2.16
CA GLY A 45 -6.70 -8.00 -1.13
C GLY A 45 -7.37 -7.47 0.12
N THR A 46 -6.58 -7.34 1.18
CA THR A 46 -7.07 -6.81 2.46
C THR A 46 -5.90 -6.40 3.37
N GLY A 47 -4.80 -7.14 3.29
CA GLY A 47 -3.62 -6.86 4.09
C GLY A 47 -3.65 -7.47 5.47
N TRP A 48 -4.86 -7.60 5.94
CA TRP A 48 -5.16 -7.95 7.31
C TRP A 48 -5.15 -9.44 7.59
N ALA A 49 -5.63 -10.22 6.63
CA ALA A 49 -5.72 -11.66 6.80
C ALA A 49 -5.10 -12.43 5.63
N TRP A 50 -5.43 -12.05 4.41
CA TRP A 50 -5.00 -12.83 3.25
C TRP A 50 -3.55 -12.56 2.88
N ALA A 51 -3.18 -11.29 2.93
CA ALA A 51 -1.84 -10.85 2.58
C ALA A 51 -0.91 -10.86 3.79
N ASN A 52 -1.47 -10.54 4.96
CA ASN A 52 -0.73 -10.41 6.23
C ASN A 52 0.44 -9.44 6.09
N ALA A 53 0.24 -8.42 5.25
CA ALA A 53 1.28 -7.43 4.99
C ALA A 53 0.89 -5.98 5.29
N TRP A 54 -0.28 -5.50 4.84
CA TRP A 54 -0.59 -4.07 4.96
C TRP A 54 -1.76 -3.66 5.81
N GLU A 55 -1.77 -2.38 6.13
CA GLU A 55 -2.89 -1.73 6.79
C GLU A 55 -3.38 -0.64 5.89
N LEU A 56 -4.63 -0.73 5.48
CA LEU A 56 -5.26 0.26 4.66
C LEU A 56 -5.77 1.37 5.57
N VAL A 57 -5.21 2.57 5.43
CA VAL A 57 -5.58 3.69 6.28
C VAL A 57 -6.43 4.80 5.64
N ARG A 58 -5.81 5.59 4.75
CA ARG A 58 -6.45 6.73 4.07
C ARG A 58 -5.53 7.32 3.01
N SER A 59 -6.10 8.09 2.11
CA SER A 59 -5.37 8.63 0.96
C SER A 59 -4.29 9.65 1.24
N CYS A 60 -3.24 9.64 0.42
CA CYS A 60 -2.18 10.63 0.49
C CYS A 60 -1.46 10.87 -0.84
N GLN A 61 -2.17 10.76 -1.95
CA GLN A 61 -1.56 10.94 -3.27
C GLN A 61 -1.23 12.41 -3.57
N ALA A 62 -1.83 13.30 -2.78
CA ALA A 62 -1.70 14.77 -2.88
C ALA A 62 -2.08 15.38 -4.26
N HIS A 63 -2.57 16.63 -4.23
CA HIS A 63 -2.93 17.41 -5.45
C HIS A 63 -4.03 16.78 -6.34
N HIS A 64 -4.81 17.64 -7.00
CA HIS A 64 -5.93 17.15 -7.84
C HIS A 64 -5.49 16.23 -8.99
N HIS A 65 -4.32 16.51 -9.58
CA HIS A 65 -3.81 15.78 -10.77
C HIS A 65 -4.74 15.97 -11.99
N HIS A 66 -4.32 15.47 -13.15
CA HIS A 66 -5.16 15.44 -14.36
C HIS A 66 -4.56 14.34 -15.21
N HIS A 67 -5.26 13.89 -16.25
CA HIS A 67 -4.78 12.86 -17.20
C HIS A 67 -4.23 11.58 -16.56
N HIS A 68 -5.04 10.55 -16.46
CA HIS A 68 -4.55 9.22 -16.11
C HIS A 68 -3.74 8.81 -17.34
N MET A 1 6.01 11.15 14.52
CA MET A 1 5.42 11.69 13.27
C MET A 1 4.52 10.66 12.62
N GLY A 2 3.80 11.02 11.57
CA GLY A 2 2.91 10.07 10.92
C GLY A 2 2.37 10.52 9.58
N ASN A 3 3.22 11.15 8.78
CA ASN A 3 2.81 11.62 7.46
C ASN A 3 2.78 10.44 6.49
N CYS A 4 2.02 10.57 5.41
CA CYS A 4 1.98 9.57 4.36
C CYS A 4 3.21 9.77 3.47
N ILE A 5 3.96 8.70 3.23
CA ILE A 5 5.22 8.79 2.51
C ILE A 5 5.34 7.96 1.23
N SER A 6 4.50 6.95 1.05
CA SER A 6 4.78 5.93 0.03
C SER A 6 3.99 6.06 -1.29
N PRO A 7 4.60 5.64 -2.42
CA PRO A 7 3.95 5.74 -3.73
C PRO A 7 2.85 4.69 -3.92
N VAL A 8 2.21 4.72 -5.08
CA VAL A 8 1.23 3.71 -5.43
C VAL A 8 1.97 2.39 -5.57
N TYR A 9 1.21 1.31 -5.51
CA TYR A 9 1.75 -0.03 -5.57
C TYR A 9 2.52 -0.30 -6.85
N VAL A 10 3.76 -0.72 -6.67
CA VAL A 10 4.64 -1.12 -7.75
C VAL A 10 5.21 -2.49 -7.44
N ASP A 11 4.70 -3.50 -8.10
CA ASP A 11 5.17 -4.83 -7.90
C ASP A 11 6.57 -4.98 -8.47
N GLY A 12 7.45 -5.51 -7.65
CA GLY A 12 8.82 -5.75 -8.05
C GLY A 12 9.75 -4.57 -8.09
N SER A 13 9.24 -3.35 -8.05
CA SER A 13 10.11 -2.17 -8.28
C SER A 13 11.23 -1.99 -7.26
N SER A 14 10.90 -1.98 -5.97
CA SER A 14 11.87 -1.83 -4.91
C SER A 14 11.20 -2.05 -3.57
N TYR A 15 11.78 -2.89 -2.73
CA TYR A 15 11.21 -3.19 -1.42
C TYR A 15 12.29 -3.20 -0.35
N ALA A 16 11.98 -2.57 0.77
CA ALA A 16 12.76 -2.67 1.98
C ALA A 16 12.06 -3.78 2.80
N ASN A 17 12.48 -4.00 4.03
CA ASN A 17 11.88 -5.07 4.85
C ASN A 17 10.38 -4.89 5.06
N ASN A 18 9.97 -3.63 5.13
CA ASN A 18 8.58 -3.22 5.25
C ASN A 18 7.94 -2.88 3.88
N ALA A 19 8.54 -1.94 3.16
CA ALA A 19 8.13 -1.53 1.81
C ALA A 19 6.66 -1.11 1.62
N LEU A 20 6.34 0.13 1.96
CA LEU A 20 4.96 0.61 1.92
C LEU A 20 4.55 0.99 0.50
N VAL A 21 3.28 0.78 0.21
CA VAL A 21 2.69 1.08 -1.07
C VAL A 21 1.36 1.77 -0.81
N GLN A 22 0.55 1.94 -1.83
CA GLN A 22 -0.75 2.53 -1.69
C GLN A 22 -1.68 1.89 -2.72
N ASN A 23 -2.82 1.39 -2.26
CA ASN A 23 -3.80 0.76 -3.12
C ASN A 23 -5.23 0.87 -2.59
N ASN A 24 -6.19 0.48 -3.43
CA ASN A 24 -7.63 0.60 -3.12
C ASN A 24 -7.97 2.06 -2.79
N GLY A 25 -7.20 2.97 -3.38
CA GLY A 25 -7.42 4.40 -3.16
C GLY A 25 -6.98 4.89 -1.80
N SER A 26 -6.13 4.13 -1.11
CA SER A 26 -5.67 4.43 0.23
C SER A 26 -4.22 3.97 0.38
N GLU A 27 -3.56 4.28 1.47
CA GLU A 27 -2.18 3.85 1.68
C GLU A 27 -2.13 2.49 2.33
N TYR A 28 -1.14 1.72 1.92
CA TYR A 28 -0.90 0.40 2.42
C TYR A 28 0.40 0.36 3.16
N ARG A 29 0.32 0.14 4.46
CA ARG A 29 1.51 0.09 5.26
C ARG A 29 2.04 -1.31 5.34
N CYS A 30 2.83 -1.68 4.36
CA CYS A 30 3.35 -3.00 4.27
C CYS A 30 4.44 -3.15 5.31
N LEU A 31 4.38 -4.25 6.06
CA LEU A 31 5.34 -4.55 7.12
C LEU A 31 6.15 -5.77 6.74
N VAL A 32 5.57 -6.61 5.89
CA VAL A 32 6.26 -7.75 5.35
C VAL A 32 6.42 -7.46 3.88
N GLY A 33 7.65 -7.18 3.51
CA GLY A 33 7.96 -6.64 2.22
C GLY A 33 7.88 -7.67 1.14
N GLY A 34 8.40 -8.86 1.41
CA GLY A 34 8.34 -9.94 0.43
C GLY A 34 6.90 -10.34 0.17
N TRP A 35 6.08 -10.29 1.20
CA TRP A 35 4.67 -10.61 1.08
C TRP A 35 3.92 -9.49 0.35
N CYS A 36 4.42 -8.29 0.52
CA CYS A 36 3.84 -7.12 -0.14
C CYS A 36 4.18 -7.12 -1.64
N THR A 37 5.21 -7.86 -2.04
CA THR A 37 5.54 -8.03 -3.46
C THR A 37 4.64 -9.04 -4.16
N VAL A 38 4.03 -9.93 -3.38
CA VAL A 38 3.20 -10.99 -3.96
C VAL A 38 1.97 -10.38 -4.63
N GLY A 39 1.35 -9.42 -3.95
CA GLY A 39 0.18 -8.73 -4.49
C GLY A 39 -1.10 -9.54 -4.53
N GLY A 40 -1.12 -10.58 -5.36
CA GLY A 40 -2.32 -11.36 -5.57
C GLY A 40 -3.26 -10.67 -6.53
N PRO A 41 -2.99 -10.67 -7.86
CA PRO A 41 -3.84 -9.91 -8.79
C PRO A 41 -5.23 -10.52 -8.99
N TYR A 42 -5.39 -11.76 -8.58
CA TYR A 42 -6.69 -12.43 -8.63
C TYR A 42 -7.48 -12.07 -7.37
N ALA A 43 -6.75 -11.74 -6.32
CA ALA A 43 -7.33 -11.44 -5.03
C ALA A 43 -7.71 -9.96 -4.87
N PRO A 44 -8.80 -9.67 -4.14
CA PRO A 44 -8.95 -8.28 -3.74
C PRO A 44 -7.93 -7.94 -2.64
N GLY A 45 -7.63 -6.67 -2.43
CA GLY A 45 -6.65 -6.30 -1.40
C GLY A 45 -7.28 -5.76 -0.13
N THR A 46 -6.66 -6.08 1.01
CA THR A 46 -7.06 -5.51 2.30
C THR A 46 -5.87 -5.52 3.27
N GLY A 47 -5.04 -6.56 3.17
CA GLY A 47 -3.75 -6.59 3.86
C GLY A 47 -3.68 -7.29 5.18
N TRP A 48 -4.82 -7.32 5.82
CA TRP A 48 -4.93 -7.71 7.20
C TRP A 48 -4.91 -9.21 7.38
N ALA A 49 -5.67 -9.88 6.55
CA ALA A 49 -5.83 -11.34 6.67
C ALA A 49 -5.33 -12.10 5.45
N TRP A 50 -5.71 -11.64 4.26
CA TRP A 50 -5.38 -12.36 3.04
C TRP A 50 -3.89 -12.25 2.72
N ALA A 51 -3.38 -11.04 2.90
CA ALA A 51 -1.96 -10.75 2.66
C ALA A 51 -1.13 -10.98 3.92
N ASN A 52 -1.72 -10.62 5.05
CA ASN A 52 -1.04 -10.55 6.36
C ASN A 52 0.23 -9.67 6.27
N ALA A 53 0.19 -8.67 5.39
CA ALA A 53 1.34 -7.81 5.14
C ALA A 53 1.11 -6.32 5.37
N TRP A 54 -0.09 -5.80 5.10
CA TRP A 54 -0.27 -4.34 5.17
C TRP A 54 -1.51 -3.86 5.89
N GLU A 55 -1.46 -2.58 6.25
CA GLU A 55 -2.57 -1.92 6.89
C GLU A 55 -3.08 -0.84 5.97
N LEU A 56 -4.35 -0.93 5.65
CA LEU A 56 -5.01 0.07 4.84
C LEU A 56 -5.40 1.23 5.76
N VAL A 57 -4.86 2.42 5.49
CA VAL A 57 -5.16 3.59 6.28
C VAL A 57 -6.02 4.67 5.60
N ARG A 58 -5.43 5.41 4.68
CA ARG A 58 -6.09 6.53 3.97
C ARG A 58 -5.30 7.01 2.78
N SER A 59 -5.95 7.68 1.85
CA SER A 59 -5.31 8.07 0.59
C SER A 59 -4.27 9.17 0.68
N CYS A 60 -3.28 9.09 -0.20
CA CYS A 60 -2.25 10.11 -0.32
C CYS A 60 -1.57 10.06 -1.68
N GLN A 61 -2.35 9.98 -2.74
CA GLN A 61 -1.82 10.00 -4.10
C GLN A 61 -1.09 11.33 -4.35
N ALA A 62 -1.56 12.38 -3.70
CA ALA A 62 -0.98 13.71 -3.84
C ALA A 62 0.21 13.94 -2.88
N HIS A 63 0.61 12.89 -2.17
CA HIS A 63 1.77 12.93 -1.25
C HIS A 63 1.83 14.16 -0.35
N HIS A 64 0.72 14.45 0.32
CA HIS A 64 0.62 15.57 1.27
C HIS A 64 1.03 16.94 0.70
N HIS A 65 0.68 17.22 -0.55
CA HIS A 65 0.97 18.53 -1.14
C HIS A 65 0.32 19.67 -0.35
N HIS A 66 0.92 20.86 -0.39
CA HIS A 66 0.39 22.03 0.31
C HIS A 66 0.54 23.28 -0.56
N HIS A 67 -0.59 23.87 -0.92
CA HIS A 67 -0.64 25.12 -1.69
C HIS A 67 -1.71 25.95 -0.99
N HIS A 68 -1.93 27.14 -1.48
CA HIS A 68 -3.06 27.99 -1.10
C HIS A 68 -3.48 28.43 -2.48
N MET A 1 7.73 13.54 7.47
CA MET A 1 7.88 13.54 6.00
C MET A 1 6.61 14.05 5.33
N GLY A 2 5.57 13.22 5.24
CA GLY A 2 4.30 13.66 4.68
C GLY A 2 3.22 12.81 5.27
N ASN A 3 1.94 13.13 5.04
CA ASN A 3 0.84 12.35 5.61
C ASN A 3 0.65 11.06 4.83
N CYS A 4 1.22 11.02 3.64
CA CYS A 4 1.23 9.84 2.79
C CYS A 4 2.63 9.90 2.23
N ILE A 5 3.37 8.81 2.28
CA ILE A 5 4.75 8.81 1.84
C ILE A 5 5.03 7.92 0.61
N SER A 6 4.21 6.91 0.40
CA SER A 6 4.47 5.92 -0.63
C SER A 6 3.63 6.03 -1.91
N PRO A 7 4.18 5.58 -3.06
CA PRO A 7 3.45 5.59 -4.33
C PRO A 7 2.41 4.47 -4.41
N VAL A 8 1.73 4.38 -5.54
CA VAL A 8 0.80 3.28 -5.80
C VAL A 8 1.58 1.99 -5.90
N TYR A 9 0.86 0.90 -5.72
CA TYR A 9 1.43 -0.44 -5.69
C TYR A 9 2.10 -0.84 -6.99
N VAL A 10 3.36 -1.23 -6.87
CA VAL A 10 4.11 -1.83 -7.94
C VAL A 10 4.63 -3.19 -7.49
N ASP A 11 4.00 -4.24 -7.95
CA ASP A 11 4.42 -5.56 -7.59
C ASP A 11 5.70 -5.91 -8.32
N GLY A 12 6.69 -6.29 -7.54
CA GLY A 12 7.97 -6.69 -8.09
C GLY A 12 8.97 -5.59 -8.37
N SER A 13 8.53 -4.34 -8.39
CA SER A 13 9.44 -3.25 -8.78
C SER A 13 10.64 -3.08 -7.85
N SER A 14 10.39 -2.89 -6.55
CA SER A 14 11.43 -2.75 -5.54
C SER A 14 10.78 -2.64 -4.17
N TYR A 15 11.40 -3.22 -3.16
CA TYR A 15 10.91 -3.12 -1.79
C TYR A 15 11.99 -3.40 -0.76
N ALA A 16 11.66 -3.06 0.48
CA ALA A 16 12.38 -3.40 1.67
C ALA A 16 11.25 -3.97 2.50
N ASN A 17 11.50 -4.44 3.72
CA ASN A 17 10.39 -4.91 4.55
C ASN A 17 9.41 -3.77 4.85
N ASN A 18 9.97 -2.58 4.92
CA ASN A 18 9.22 -1.36 5.23
C ASN A 18 8.45 -0.78 4.04
N ALA A 19 8.65 -1.34 2.86
CA ALA A 19 8.05 -0.82 1.62
C ALA A 19 6.55 -0.61 1.72
N LEU A 20 6.08 0.63 1.69
CA LEU A 20 4.64 0.88 1.66
C LEU A 20 4.25 1.05 0.22
N VAL A 21 2.98 0.79 -0.04
CA VAL A 21 2.39 0.93 -1.35
C VAL A 21 1.03 1.53 -1.12
N GLN A 22 0.21 1.57 -2.14
CA GLN A 22 -1.12 2.10 -2.02
C GLN A 22 -2.01 1.37 -3.01
N ASN A 23 -3.13 0.83 -2.52
CA ASN A 23 -4.06 0.10 -3.34
C ASN A 23 -5.52 0.16 -2.92
N ASN A 24 -6.38 -0.27 -3.82
CA ASN A 24 -7.85 -0.23 -3.64
C ASN A 24 -8.30 1.20 -3.31
N GLY A 25 -7.55 2.17 -3.82
CA GLY A 25 -7.88 3.57 -3.66
C GLY A 25 -7.44 4.21 -2.36
N SER A 26 -6.63 3.53 -1.56
CA SER A 26 -6.16 4.01 -0.27
C SER A 26 -4.72 3.51 -0.07
N GLU A 27 -4.06 3.87 1.02
CA GLU A 27 -2.67 3.52 1.26
C GLU A 27 -2.52 2.20 1.98
N TYR A 28 -1.48 1.46 1.61
CA TYR A 28 -1.16 0.16 2.16
C TYR A 28 0.14 0.23 2.91
N ARG A 29 0.06 0.04 4.21
CA ARG A 29 1.25 0.11 5.04
C ARG A 29 1.85 -1.25 5.19
N CYS A 30 2.78 -1.55 4.31
CA CYS A 30 3.32 -2.89 4.21
C CYS A 30 4.50 -3.02 5.19
N LEU A 31 4.44 -4.02 6.06
CA LEU A 31 5.43 -4.22 7.13
C LEU A 31 6.32 -5.41 6.85
N VAL A 32 5.87 -6.26 5.94
CA VAL A 32 6.64 -7.39 5.48
C VAL A 32 6.70 -7.16 4.00
N GLY A 33 7.88 -7.20 3.43
CA GLY A 33 8.07 -6.74 2.07
C GLY A 33 7.94 -7.84 1.07
N GLY A 34 8.47 -9.00 1.43
CA GLY A 34 8.32 -10.17 0.57
C GLY A 34 6.85 -10.51 0.46
N TRP A 35 6.13 -10.46 1.59
CA TRP A 35 4.73 -10.82 1.63
C TRP A 35 3.87 -9.77 0.97
N CYS A 36 4.35 -8.54 1.03
CA CYS A 36 3.66 -7.43 0.38
C CYS A 36 3.65 -7.69 -1.12
N THR A 37 4.78 -8.14 -1.64
CA THR A 37 4.93 -8.45 -3.04
C THR A 37 4.18 -9.70 -3.50
N VAL A 38 3.98 -10.64 -2.59
CA VAL A 38 3.21 -11.85 -2.89
C VAL A 38 1.77 -11.47 -3.19
N GLY A 39 1.26 -10.51 -2.42
CA GLY A 39 -0.11 -10.06 -2.57
C GLY A 39 -0.30 -9.21 -3.81
N GLY A 40 -0.33 -9.86 -4.96
CA GLY A 40 -0.46 -9.18 -6.24
C GLY A 40 -1.69 -8.28 -6.38
N PRO A 41 -1.75 -7.44 -7.41
CA PRO A 41 -2.81 -6.43 -7.59
C PRO A 41 -4.15 -7.01 -8.01
N TYR A 42 -4.16 -8.26 -8.43
CA TYR A 42 -5.39 -8.95 -8.78
C TYR A 42 -6.00 -9.55 -7.52
N ALA A 43 -5.22 -9.61 -6.45
CA ALA A 43 -5.70 -10.18 -5.21
C ALA A 43 -6.55 -9.13 -4.46
N PRO A 44 -7.71 -9.54 -3.87
CA PRO A 44 -8.53 -8.59 -3.10
C PRO A 44 -8.01 -8.39 -1.67
N GLY A 45 -6.70 -8.34 -1.51
CA GLY A 45 -6.11 -8.33 -0.19
C GLY A 45 -6.25 -7.03 0.57
N THR A 46 -6.98 -7.05 1.67
CA THR A 46 -7.07 -5.89 2.55
C THR A 46 -5.86 -5.84 3.51
N GLY A 47 -5.05 -6.90 3.46
CA GLY A 47 -3.75 -6.91 4.14
C GLY A 47 -3.71 -7.41 5.57
N TRP A 48 -4.85 -7.24 6.19
CA TRP A 48 -5.02 -7.31 7.64
C TRP A 48 -4.92 -8.70 8.17
N ALA A 49 -5.21 -9.65 7.31
CA ALA A 49 -5.15 -11.06 7.68
C ALA A 49 -4.65 -11.94 6.56
N TRP A 50 -5.20 -11.73 5.37
CA TRP A 50 -4.89 -12.61 4.23
C TRP A 50 -3.46 -12.44 3.74
N ALA A 51 -3.00 -11.20 3.80
CA ALA A 51 -1.66 -10.85 3.36
C ALA A 51 -0.66 -11.01 4.50
N ASN A 52 -1.15 -10.68 5.70
CA ASN A 52 -0.36 -10.56 6.91
C ASN A 52 0.80 -9.57 6.70
N ALA A 53 0.59 -8.62 5.80
CA ALA A 53 1.63 -7.66 5.43
C ALA A 53 1.20 -6.20 5.54
N TRP A 54 -0.02 -5.82 5.17
CA TRP A 54 -0.35 -4.39 5.13
C TRP A 54 -1.60 -3.94 5.84
N GLU A 55 -1.62 -2.66 6.14
CA GLU A 55 -2.79 -2.01 6.72
C GLU A 55 -3.32 -0.98 5.76
N LEU A 56 -4.59 -1.15 5.40
CA LEU A 56 -5.27 -0.23 4.53
C LEU A 56 -5.73 1.01 5.31
N VAL A 57 -5.13 2.17 5.02
CA VAL A 57 -5.47 3.40 5.68
C VAL A 57 -6.22 4.51 4.91
N ARG A 58 -5.58 5.15 3.94
CA ARG A 58 -6.16 6.33 3.24
C ARG A 58 -5.54 6.79 1.94
N SER A 59 -6.35 7.41 1.12
CA SER A 59 -5.98 7.71 -0.26
C SER A 59 -5.04 8.87 -0.54
N CYS A 60 -4.07 8.64 -1.40
CA CYS A 60 -3.17 9.70 -1.84
C CYS A 60 -2.63 9.54 -3.26
N GLN A 61 -3.39 8.89 -4.12
CA GLN A 61 -3.01 8.77 -5.54
C GLN A 61 -2.86 10.15 -6.17
N ALA A 62 -3.64 11.11 -5.69
CA ALA A 62 -3.55 12.50 -6.14
C ALA A 62 -3.69 13.40 -4.92
N HIS A 63 -3.37 12.83 -3.75
CA HIS A 63 -3.58 13.43 -2.42
C HIS A 63 -5.07 13.70 -2.11
N HIS A 64 -5.58 13.15 -1.02
CA HIS A 64 -7.01 13.36 -0.67
C HIS A 64 -7.32 14.85 -0.50
N HIS A 65 -8.24 15.37 -1.31
CA HIS A 65 -8.72 16.75 -1.21
C HIS A 65 -10.25 16.72 -1.24
N HIS A 66 -10.91 17.58 -0.49
CA HIS A 66 -12.37 17.73 -0.55
C HIS A 66 -12.70 19.10 0.05
N HIS A 67 -13.84 19.67 -0.31
CA HIS A 67 -14.35 20.91 0.26
C HIS A 67 -15.85 20.73 0.14
N HIS A 68 -16.62 21.26 1.08
CA HIS A 68 -18.07 21.00 1.18
C HIS A 68 -18.25 19.47 1.24
N MET A 1 -1.72 11.46 13.82
CA MET A 1 -1.18 10.53 12.77
C MET A 1 -0.22 11.29 11.86
N GLY A 2 -0.26 11.08 10.54
CA GLY A 2 0.65 11.78 9.64
C GLY A 2 0.19 11.70 8.20
N ASN A 3 1.01 12.21 7.30
CA ASN A 3 0.68 12.27 5.87
C ASN A 3 1.18 11.02 5.15
N CYS A 4 0.66 10.79 3.95
CA CYS A 4 1.12 9.70 3.11
C CYS A 4 2.48 10.02 2.54
N ILE A 5 3.42 9.13 2.73
CA ILE A 5 4.80 9.27 2.21
C ILE A 5 5.13 8.27 1.11
N SER A 6 4.23 7.34 0.91
CA SER A 6 4.46 6.19 0.07
C SER A 6 4.19 6.41 -1.43
N PRO A 7 4.94 5.74 -2.31
CA PRO A 7 4.59 5.74 -3.74
C PRO A 7 3.42 4.81 -3.95
N VAL A 8 2.85 4.79 -5.14
CA VAL A 8 1.81 3.82 -5.46
C VAL A 8 2.53 2.50 -5.69
N TYR A 9 1.77 1.42 -5.65
CA TYR A 9 2.32 0.08 -5.67
C TYR A 9 3.13 -0.25 -6.93
N VAL A 10 4.37 -0.65 -6.71
CA VAL A 10 5.23 -1.18 -7.75
C VAL A 10 5.75 -2.53 -7.34
N ASP A 11 5.23 -3.58 -7.93
CA ASP A 11 5.70 -4.90 -7.66
C ASP A 11 7.03 -5.08 -8.35
N GLY A 12 7.99 -5.65 -7.62
CA GLY A 12 9.29 -5.92 -8.18
C GLY A 12 10.27 -4.77 -8.22
N SER A 13 9.78 -3.54 -8.16
CA SER A 13 10.68 -2.40 -8.34
C SER A 13 11.64 -2.17 -7.18
N SER A 14 11.09 -1.81 -6.02
CA SER A 14 11.88 -1.47 -4.89
C SER A 14 11.14 -1.58 -3.56
N TYR A 15 11.53 -2.52 -2.72
CA TYR A 15 10.93 -2.65 -1.40
C TYR A 15 11.86 -3.26 -0.36
N ALA A 16 11.43 -3.14 0.88
CA ALA A 16 12.07 -3.70 2.05
C ALA A 16 10.84 -4.11 2.85
N ASN A 17 11.00 -4.63 4.05
CA ASN A 17 9.84 -4.92 4.89
C ASN A 17 9.06 -3.65 5.21
N ASN A 18 9.78 -2.55 5.24
CA ASN A 18 9.20 -1.25 5.58
C ASN A 18 8.55 -0.51 4.41
N ALA A 19 8.68 -1.06 3.21
CA ALA A 19 8.17 -0.41 1.99
C ALA A 19 6.67 -0.17 2.03
N LEU A 20 6.21 1.07 2.01
CA LEU A 20 4.78 1.32 1.92
C LEU A 20 4.45 1.59 0.47
N VAL A 21 3.23 1.29 0.10
CA VAL A 21 2.73 1.45 -1.24
C VAL A 21 1.31 1.93 -1.10
N GLN A 22 0.57 2.00 -2.18
CA GLN A 22 -0.83 2.26 -2.11
C GLN A 22 -1.57 1.38 -3.12
N ASN A 23 -2.71 0.81 -2.73
CA ASN A 23 -3.58 0.06 -3.63
C ASN A 23 -5.01 0.02 -3.10
N ASN A 24 -5.93 -0.55 -3.88
CA ASN A 24 -7.41 -0.43 -3.65
C ASN A 24 -7.84 1.05 -3.70
N GLY A 25 -7.03 1.90 -4.33
CA GLY A 25 -7.34 3.33 -4.33
C GLY A 25 -7.28 3.89 -2.91
N SER A 26 -6.45 3.28 -2.09
CA SER A 26 -6.35 3.51 -0.67
C SER A 26 -4.84 3.34 -0.39
N GLU A 27 -4.36 3.66 0.80
CA GLU A 27 -2.96 3.46 1.13
C GLU A 27 -2.69 2.14 1.74
N TYR A 28 -1.56 1.57 1.35
CA TYR A 28 -1.07 0.33 1.91
C TYR A 28 0.15 0.48 2.78
N ARG A 29 0.00 0.14 4.04
CA ARG A 29 1.13 0.18 4.93
C ARG A 29 1.76 -1.17 5.03
N CYS A 30 2.82 -1.40 4.26
CA CYS A 30 3.38 -2.73 4.15
C CYS A 30 4.47 -2.96 5.20
N LEU A 31 4.38 -4.09 5.89
CA LEU A 31 5.25 -4.42 7.05
C LEU A 31 6.11 -5.65 6.80
N VAL A 32 5.81 -6.39 5.76
CA VAL A 32 6.57 -7.54 5.34
C VAL A 32 6.85 -7.22 3.91
N GLY A 33 7.97 -7.65 3.37
CA GLY A 33 8.35 -7.29 2.03
C GLY A 33 8.07 -8.36 1.03
N GLY A 34 8.49 -9.58 1.29
CA GLY A 34 8.23 -10.67 0.37
C GLY A 34 6.75 -10.93 0.22
N TRP A 35 5.98 -10.69 1.28
CA TRP A 35 4.56 -10.88 1.26
C TRP A 35 3.83 -9.67 0.66
N CYS A 36 4.50 -8.54 0.64
CA CYS A 36 3.93 -7.33 0.05
C CYS A 36 3.93 -7.43 -1.48
N THR A 37 5.00 -7.94 -2.05
CA THR A 37 5.13 -8.11 -3.50
C THR A 37 4.12 -9.08 -4.09
N VAL A 38 3.51 -9.89 -3.24
CA VAL A 38 2.50 -10.86 -3.69
C VAL A 38 1.36 -10.10 -4.38
N GLY A 39 0.99 -8.95 -3.84
CA GLY A 39 0.01 -8.06 -4.45
C GLY A 39 -1.44 -8.54 -4.49
N GLY A 40 -1.70 -9.60 -5.25
CA GLY A 40 -3.06 -10.08 -5.44
C GLY A 40 -3.98 -9.05 -6.10
N PRO A 41 -3.67 -8.56 -7.32
CA PRO A 41 -4.52 -7.49 -7.88
C PRO A 41 -5.91 -7.94 -8.33
N TYR A 42 -6.10 -9.24 -8.50
CA TYR A 42 -7.42 -9.78 -8.85
C TYR A 42 -8.18 -10.10 -7.56
N ALA A 43 -7.44 -10.19 -6.47
CA ALA A 43 -7.98 -10.56 -5.19
C ALA A 43 -8.48 -9.31 -4.46
N PRO A 44 -9.38 -9.46 -3.47
CA PRO A 44 -9.75 -8.28 -2.68
C PRO A 44 -8.60 -7.71 -1.82
N GLY A 45 -7.53 -8.50 -1.67
CA GLY A 45 -6.28 -8.06 -1.04
C GLY A 45 -6.31 -7.03 0.08
N THR A 46 -7.03 -7.27 1.16
CA THR A 46 -7.11 -6.28 2.24
C THR A 46 -5.80 -6.21 3.07
N GLY A 47 -4.96 -7.23 2.93
CA GLY A 47 -3.62 -7.23 3.49
C GLY A 47 -3.44 -7.69 4.92
N TRP A 48 -4.54 -7.60 5.63
CA TRP A 48 -4.58 -7.73 7.08
C TRP A 48 -4.34 -9.15 7.53
N ALA A 49 -4.91 -10.06 6.76
CA ALA A 49 -4.86 -11.48 7.12
C ALA A 49 -4.42 -12.37 5.97
N TRP A 50 -4.97 -12.13 4.78
CA TRP A 50 -4.68 -12.98 3.63
C TRP A 50 -3.24 -12.80 3.18
N ALA A 51 -2.79 -11.56 3.22
CA ALA A 51 -1.42 -11.19 2.88
C ALA A 51 -0.53 -11.26 4.12
N ASN A 52 -1.11 -10.80 5.22
CA ASN A 52 -0.39 -10.53 6.48
C ASN A 52 0.79 -9.59 6.25
N ALA A 53 0.65 -8.70 5.27
CA ALA A 53 1.70 -7.73 4.94
C ALA A 53 1.26 -6.29 5.00
N TRP A 54 0.07 -5.93 4.53
CA TRP A 54 -0.28 -4.51 4.49
C TRP A 54 -1.52 -4.14 5.23
N GLU A 55 -1.58 -2.88 5.63
CA GLU A 55 -2.78 -2.35 6.22
C GLU A 55 -3.33 -1.37 5.23
N LEU A 56 -4.50 -1.70 4.73
CA LEU A 56 -5.24 -0.81 3.92
C LEU A 56 -5.82 0.21 4.90
N VAL A 57 -5.52 1.49 4.73
CA VAL A 57 -6.05 2.51 5.59
C VAL A 57 -7.12 3.38 4.91
N ARG A 58 -6.71 4.23 3.97
CA ARG A 58 -7.58 5.12 3.20
C ARG A 58 -6.80 5.82 2.13
N SER A 59 -7.50 6.40 1.17
CA SER A 59 -6.87 7.02 0.02
C SER A 59 -6.05 8.27 0.31
N CYS A 60 -5.03 8.47 -0.51
CA CYS A 60 -4.11 9.58 -0.33
C CYS A 60 -3.35 9.92 -1.62
N GLN A 61 -4.00 9.79 -2.76
CA GLN A 61 -3.35 10.03 -4.06
C GLN A 61 -2.91 11.49 -4.23
N ALA A 62 -3.42 12.36 -3.37
CA ALA A 62 -3.01 13.76 -3.35
C ALA A 62 -2.28 14.00 -2.02
N HIS A 63 -0.96 13.80 -2.02
CA HIS A 63 -0.15 13.97 -0.80
C HIS A 63 -0.21 15.41 -0.27
N HIS A 64 -0.67 16.34 -1.09
CA HIS A 64 -0.85 17.74 -0.71
C HIS A 64 -2.31 18.11 -0.94
N HIS A 65 -3.07 18.40 0.13
CA HIS A 65 -4.50 18.74 -0.02
C HIS A 65 -5.12 19.66 1.05
N HIS A 66 -4.80 19.45 2.32
CA HIS A 66 -5.45 20.15 3.48
C HIS A 66 -6.91 19.63 3.58
N HIS A 67 -7.61 20.00 4.65
CA HIS A 67 -9.00 19.59 4.85
C HIS A 67 -9.89 20.82 4.94
N HIS A 68 -11.16 20.59 4.68
CA HIS A 68 -12.25 21.53 4.89
C HIS A 68 -13.38 20.52 4.99
N MET A 1 9.42 14.01 8.37
CA MET A 1 8.83 12.88 9.15
C MET A 1 7.33 12.88 9.00
N GLY A 2 6.71 11.70 8.92
CA GLY A 2 5.26 11.62 8.82
C GLY A 2 4.76 11.95 7.43
N ASN A 3 3.45 12.23 7.33
CA ASN A 3 2.78 12.57 6.08
C ASN A 3 2.81 11.39 5.11
N CYS A 4 2.68 11.67 3.81
CA CYS A 4 2.70 10.61 2.80
C CYS A 4 4.14 10.18 2.62
N ILE A 5 4.48 8.97 3.05
CA ILE A 5 5.86 8.51 3.00
C ILE A 5 6.16 7.56 1.84
N SER A 6 5.15 6.86 1.35
CA SER A 6 5.36 5.89 0.29
C SER A 6 4.55 6.19 -0.99
N PRO A 7 5.07 5.80 -2.17
CA PRO A 7 4.37 6.04 -3.44
C PRO A 7 3.19 5.09 -3.66
N VAL A 8 2.55 5.21 -4.82
CA VAL A 8 1.50 4.29 -5.23
C VAL A 8 2.17 2.92 -5.45
N TYR A 9 1.34 1.89 -5.45
CA TYR A 9 1.82 0.52 -5.56
C TYR A 9 2.55 0.25 -6.87
N VAL A 10 3.80 -0.17 -6.73
CA VAL A 10 4.61 -0.62 -7.83
C VAL A 10 5.11 -2.03 -7.52
N ASP A 11 4.51 -3.01 -8.15
CA ASP A 11 4.91 -4.36 -7.94
C ASP A 11 6.24 -4.60 -8.61
N GLY A 12 7.16 -5.19 -7.87
CA GLY A 12 8.46 -5.53 -8.42
C GLY A 12 9.45 -4.40 -8.58
N SER A 13 9.02 -3.15 -8.51
CA SER A 13 9.95 -2.04 -8.77
C SER A 13 11.11 -2.00 -7.76
N SER A 14 10.77 -2.02 -6.48
CA SER A 14 11.74 -2.05 -5.41
C SER A 14 10.96 -2.22 -4.11
N TYR A 15 11.55 -2.89 -3.13
CA TYR A 15 10.94 -3.03 -1.83
C TYR A 15 11.99 -3.17 -0.75
N ALA A 16 11.61 -2.80 0.46
CA ALA A 16 12.40 -2.95 1.64
C ALA A 16 11.76 -4.09 2.43
N ASN A 17 12.19 -4.32 3.65
CA ASN A 17 11.58 -5.36 4.48
C ASN A 17 10.11 -5.03 4.82
N ASN A 18 9.80 -3.73 4.79
CA ASN A 18 8.44 -3.23 5.02
C ASN A 18 7.75 -2.97 3.67
N ALA A 19 8.32 -2.04 2.90
CA ALA A 19 7.86 -1.66 1.55
C ALA A 19 6.42 -1.17 1.45
N LEU A 20 6.18 0.03 1.97
CA LEU A 20 4.84 0.61 1.99
C LEU A 20 4.51 1.09 0.59
N VAL A 21 3.22 1.04 0.27
CA VAL A 21 2.70 1.40 -1.03
C VAL A 21 1.37 2.06 -0.79
N GLN A 22 0.60 2.25 -1.84
CA GLN A 22 -0.71 2.86 -1.72
C GLN A 22 -1.64 2.31 -2.80
N ASN A 23 -2.79 1.79 -2.36
CA ASN A 23 -3.82 1.25 -3.23
C ASN A 23 -5.23 1.45 -2.69
N ASN A 24 -6.23 1.15 -3.51
CA ASN A 24 -7.66 1.47 -3.25
C ASN A 24 -7.85 2.98 -3.09
N GLY A 25 -6.91 3.77 -3.61
CA GLY A 25 -6.95 5.21 -3.42
C GLY A 25 -6.71 5.57 -1.96
N SER A 26 -5.94 4.74 -1.27
CA SER A 26 -5.64 4.87 0.13
C SER A 26 -4.20 4.37 0.32
N GLU A 27 -3.60 4.55 1.49
CA GLU A 27 -2.25 4.07 1.74
C GLU A 27 -2.22 2.68 2.32
N TYR A 28 -1.19 1.95 1.93
CA TYR A 28 -0.94 0.59 2.39
C TYR A 28 0.31 0.53 3.19
N ARG A 29 0.17 0.24 4.46
CA ARG A 29 1.33 0.12 5.29
C ARG A 29 1.81 -1.29 5.30
N CYS A 30 2.61 -1.63 4.31
CA CYS A 30 3.12 -2.94 4.16
C CYS A 30 4.24 -3.13 5.18
N LEU A 31 4.17 -4.22 5.93
CA LEU A 31 5.14 -4.53 6.98
C LEU A 31 5.96 -5.72 6.56
N VAL A 32 5.41 -6.51 5.64
CA VAL A 32 6.12 -7.64 5.08
C VAL A 32 6.25 -7.36 3.60
N GLY A 33 7.45 -7.01 3.21
CA GLY A 33 7.72 -6.45 1.90
C GLY A 33 7.70 -7.51 0.83
N GLY A 34 8.21 -8.68 1.15
CA GLY A 34 8.20 -9.77 0.19
C GLY A 34 6.77 -10.15 -0.11
N TRP A 35 5.92 -10.13 0.91
CA TRP A 35 4.51 -10.46 0.79
C TRP A 35 3.74 -9.36 0.10
N CYS A 36 4.14 -8.14 0.38
CA CYS A 36 3.52 -6.95 -0.22
C CYS A 36 3.79 -6.95 -1.74
N THR A 37 4.96 -7.43 -2.13
CA THR A 37 5.32 -7.53 -3.53
C THR A 37 4.46 -8.56 -4.27
N VAL A 38 4.03 -9.60 -3.59
CA VAL A 38 3.19 -10.63 -4.18
C VAL A 38 1.85 -10.03 -4.60
N GLY A 39 1.27 -9.25 -3.69
CA GLY A 39 -0.01 -8.59 -3.94
C GLY A 39 -1.23 -9.52 -3.90
N GLY A 40 -1.19 -10.55 -4.74
CA GLY A 40 -2.31 -11.45 -4.88
C GLY A 40 -3.18 -11.00 -6.05
N PRO A 41 -2.82 -11.30 -7.30
CA PRO A 41 -3.58 -10.77 -8.45
C PRO A 41 -4.97 -11.39 -8.61
N TYR A 42 -5.23 -12.48 -7.90
CA TYR A 42 -6.55 -13.11 -7.89
C TYR A 42 -7.31 -12.69 -6.63
N ALA A 43 -6.60 -12.08 -5.69
CA ALA A 43 -7.16 -11.69 -4.43
C ALA A 43 -7.70 -10.24 -4.45
N PRO A 44 -8.80 -9.97 -3.72
CA PRO A 44 -9.25 -8.57 -3.58
C PRO A 44 -8.37 -7.71 -2.65
N GLY A 45 -7.38 -8.33 -2.00
CA GLY A 45 -6.32 -7.60 -1.30
C GLY A 45 -6.58 -6.62 -0.17
N THR A 46 -7.22 -7.04 0.91
CA THR A 46 -7.44 -6.14 2.05
C THR A 46 -6.18 -6.00 2.94
N GLY A 47 -5.23 -6.92 2.77
CA GLY A 47 -3.92 -6.82 3.43
C GLY A 47 -3.79 -7.43 4.80
N TRP A 48 -4.90 -7.43 5.49
CA TRP A 48 -4.99 -7.73 6.90
C TRP A 48 -4.87 -9.19 7.21
N ALA A 49 -5.54 -10.00 6.41
CA ALA A 49 -5.63 -11.42 6.66
C ALA A 49 -5.09 -12.28 5.52
N TRP A 50 -5.45 -11.93 4.29
CA TRP A 50 -5.11 -12.77 3.14
C TRP A 50 -3.66 -12.57 2.75
N ALA A 51 -3.22 -11.33 2.83
CA ALA A 51 -1.84 -10.96 2.55
C ALA A 51 -1.00 -11.07 3.81
N ASN A 52 -1.63 -10.73 4.93
CA ASN A 52 -0.98 -10.60 6.24
C ASN A 52 0.23 -9.66 6.14
N ALA A 53 0.12 -8.67 5.25
CA ALA A 53 1.22 -7.76 4.97
C ALA A 53 0.91 -6.29 5.19
N TRP A 54 -0.28 -5.80 4.85
CA TRP A 54 -0.51 -4.35 4.92
C TRP A 54 -1.74 -3.90 5.62
N GLU A 55 -1.70 -2.63 6.02
CA GLU A 55 -2.83 -2.00 6.65
C GLU A 55 -3.29 -0.86 5.78
N LEU A 56 -4.50 -1.01 5.27
CA LEU A 56 -5.11 0.00 4.46
C LEU A 56 -5.64 1.08 5.40
N VAL A 57 -5.16 2.31 5.26
CA VAL A 57 -5.55 3.39 6.13
C VAL A 57 -6.46 4.46 5.48
N ARG A 58 -5.87 5.33 4.69
CA ARG A 58 -6.55 6.46 4.02
C ARG A 58 -5.60 7.05 3.00
N SER A 59 -6.12 7.84 2.08
CA SER A 59 -5.33 8.36 0.95
C SER A 59 -4.23 9.37 1.24
N CYS A 60 -3.17 9.28 0.45
CA CYS A 60 -2.04 10.20 0.53
C CYS A 60 -1.29 10.20 -0.80
N GLN A 61 -2.02 10.32 -1.90
CA GLN A 61 -1.40 10.38 -3.23
C GLN A 61 -0.44 11.56 -3.33
N ALA A 62 -0.74 12.64 -2.60
CA ALA A 62 0.10 13.84 -2.64
C ALA A 62 -0.15 14.70 -1.40
N HIS A 63 0.91 15.14 -0.76
CA HIS A 63 0.79 16.01 0.41
C HIS A 63 0.51 17.45 -0.02
N HIS A 64 -0.77 17.81 -0.10
CA HIS A 64 -1.17 19.18 -0.43
C HIS A 64 -2.16 19.70 0.65
N HIS A 65 -3.43 19.94 0.31
CA HIS A 65 -4.38 20.48 1.30
C HIS A 65 -5.74 19.78 1.31
N HIS A 66 -6.43 19.72 0.18
CA HIS A 66 -7.72 19.03 0.11
C HIS A 66 -7.45 17.53 0.26
N HIS A 67 -8.26 16.85 1.06
CA HIS A 67 -8.05 15.43 1.37
C HIS A 67 -9.43 14.78 1.37
N HIS A 68 -10.32 15.36 0.57
CA HIS A 68 -11.78 15.23 0.71
C HIS A 68 -11.92 16.02 2.02
N MET A 1 8.77 9.81 6.33
CA MET A 1 8.39 9.71 7.76
C MET A 1 7.30 10.72 8.09
N GLY A 2 6.30 10.31 8.85
CA GLY A 2 5.20 11.21 9.21
C GLY A 2 4.20 11.36 8.08
N ASN A 3 4.63 12.03 7.02
CA ASN A 3 3.82 12.18 5.81
C ASN A 3 3.89 10.87 5.02
N CYS A 4 2.92 10.68 4.15
CA CYS A 4 2.88 9.55 3.26
C CYS A 4 3.96 9.72 2.19
N ILE A 5 4.80 8.69 2.06
CA ILE A 5 5.91 8.68 1.11
C ILE A 5 5.77 7.55 0.09
N SER A 6 4.67 6.84 0.17
CA SER A 6 4.48 5.61 -0.51
C SER A 6 4.00 5.80 -1.98
N PRO A 7 4.68 5.13 -2.93
CA PRO A 7 4.17 5.15 -4.29
C PRO A 7 2.97 4.21 -4.37
N VAL A 8 2.24 4.21 -5.47
CA VAL A 8 1.12 3.30 -5.61
C VAL A 8 1.68 1.90 -5.86
N TYR A 9 0.84 0.93 -5.58
CA TYR A 9 1.26 -0.47 -5.49
C TYR A 9 1.82 -1.06 -6.76
N VAL A 10 3.09 -1.44 -6.69
CA VAL A 10 3.75 -2.16 -7.76
C VAL A 10 4.39 -3.42 -7.19
N ASP A 11 3.78 -4.54 -7.47
CA ASP A 11 4.31 -5.80 -7.02
C ASP A 11 5.53 -6.12 -7.88
N GLY A 12 6.59 -6.51 -7.20
CA GLY A 12 7.83 -6.88 -7.88
C GLY A 12 8.75 -5.75 -8.26
N SER A 13 8.23 -4.54 -8.37
CA SER A 13 9.06 -3.45 -8.90
C SER A 13 10.23 -3.03 -8.00
N SER A 14 9.95 -2.72 -6.75
CA SER A 14 10.96 -2.31 -5.80
C SER A 14 10.39 -2.23 -4.39
N TYR A 15 10.99 -2.94 -3.45
CA TYR A 15 10.55 -2.93 -2.07
C TYR A 15 11.64 -3.37 -1.10
N ALA A 16 11.36 -3.12 0.17
CA ALA A 16 12.13 -3.55 1.31
C ALA A 16 11.00 -3.99 2.24
N ASN A 17 11.30 -4.47 3.44
CA ASN A 17 10.21 -4.78 4.38
C ASN A 17 9.39 -3.54 4.71
N ASN A 18 10.07 -2.40 4.67
CA ASN A 18 9.47 -1.11 4.98
C ASN A 18 8.69 -0.47 3.82
N ALA A 19 8.73 -1.09 2.66
CA ALA A 19 8.09 -0.54 1.46
C ALA A 19 6.61 -0.30 1.66
N LEU A 20 6.14 0.95 1.63
CA LEU A 20 4.73 1.21 1.67
C LEU A 20 4.26 1.39 0.24
N VAL A 21 3.01 1.08 0.01
CA VAL A 21 2.39 1.18 -1.28
C VAL A 21 1.04 1.77 -1.02
N GLN A 22 0.19 1.84 -2.03
CA GLN A 22 -1.17 2.25 -1.84
C GLN A 22 -2.08 1.43 -2.76
N ASN A 23 -3.24 1.02 -2.26
CA ASN A 23 -4.26 0.38 -3.06
C ASN A 23 -5.65 0.49 -2.45
N ASN A 24 -6.66 0.05 -3.20
CA ASN A 24 -8.09 0.23 -2.83
C ASN A 24 -8.40 1.73 -2.74
N GLY A 25 -7.61 2.55 -3.42
CA GLY A 25 -7.81 4.00 -3.40
C GLY A 25 -7.41 4.63 -2.07
N SER A 26 -6.61 3.91 -1.31
CA SER A 26 -6.21 4.25 0.03
C SER A 26 -4.77 3.77 0.20
N GLU A 27 -4.14 4.05 1.32
CA GLU A 27 -2.75 3.70 1.53
C GLU A 27 -2.56 2.38 2.17
N TYR A 28 -1.53 1.69 1.68
CA TYR A 28 -1.08 0.44 2.24
C TYR A 28 0.23 0.55 2.99
N ARG A 29 0.19 0.30 4.29
CA ARG A 29 1.39 0.37 5.08
C ARG A 29 2.03 -0.98 5.21
N CYS A 30 2.96 -1.27 4.32
CA CYS A 30 3.51 -2.61 4.24
C CYS A 30 4.70 -2.77 5.19
N LEU A 31 4.68 -3.82 6.00
CA LEU A 31 5.67 -4.03 7.06
C LEU A 31 6.52 -5.27 6.83
N VAL A 32 6.02 -6.19 6.02
CA VAL A 32 6.74 -7.38 5.65
C VAL A 32 6.88 -7.24 4.16
N GLY A 33 8.05 -7.52 3.63
CA GLY A 33 8.33 -7.23 2.23
C GLY A 33 8.04 -8.40 1.35
N GLY A 34 8.51 -9.56 1.75
CA GLY A 34 8.26 -10.76 0.98
C GLY A 34 6.77 -11.02 0.89
N TRP A 35 6.04 -10.70 1.95
CA TRP A 35 4.61 -10.92 2.02
C TRP A 35 3.83 -9.81 1.33
N CYS A 36 4.43 -8.64 1.23
CA CYS A 36 3.79 -7.52 0.53
C CYS A 36 3.73 -7.82 -0.95
N THR A 37 4.81 -8.39 -1.47
CA THR A 37 4.89 -8.74 -2.89
C THR A 37 3.96 -9.88 -3.31
N VAL A 38 3.44 -10.64 -2.35
CA VAL A 38 2.52 -11.73 -2.64
C VAL A 38 1.22 -11.20 -3.24
N GLY A 39 0.85 -9.99 -2.84
CA GLY A 39 -0.41 -9.41 -3.30
C GLY A 39 -0.39 -9.04 -4.78
N GLY A 40 -0.74 -10.01 -5.61
CA GLY A 40 -0.83 -9.76 -7.04
C GLY A 40 -1.80 -8.63 -7.34
N PRO A 41 -1.64 -7.91 -8.47
CA PRO A 41 -2.43 -6.71 -8.75
C PRO A 41 -3.87 -7.02 -9.20
N TYR A 42 -4.13 -8.28 -9.47
CA TYR A 42 -5.47 -8.72 -9.83
C TYR A 42 -6.22 -9.09 -8.55
N ALA A 43 -5.50 -9.21 -7.45
CA ALA A 43 -6.09 -9.58 -6.18
C ALA A 43 -6.65 -8.32 -5.49
N PRO A 44 -7.82 -8.44 -4.82
CA PRO A 44 -8.34 -7.26 -4.12
C PRO A 44 -7.50 -6.82 -2.93
N GLY A 45 -6.93 -7.80 -2.24
CA GLY A 45 -6.12 -7.55 -1.06
C GLY A 45 -6.92 -7.12 0.16
N THR A 46 -6.21 -6.96 1.27
CA THR A 46 -6.80 -6.50 2.54
C THR A 46 -5.65 -6.15 3.48
N GLY A 47 -4.59 -6.94 3.41
CA GLY A 47 -3.39 -6.69 4.18
C GLY A 47 -3.33 -7.37 5.50
N TRP A 48 -4.52 -7.53 6.04
CA TRP A 48 -4.73 -7.98 7.39
C TRP A 48 -4.69 -9.48 7.49
N ALA A 49 -5.54 -10.12 6.70
CA ALA A 49 -5.71 -11.57 6.78
C ALA A 49 -4.99 -12.30 5.66
N TRP A 50 -5.24 -11.90 4.42
CA TRP A 50 -4.74 -12.63 3.27
C TRP A 50 -3.24 -12.41 3.05
N ALA A 51 -2.82 -11.17 3.20
CA ALA A 51 -1.43 -10.78 2.99
C ALA A 51 -0.58 -10.89 4.26
N ASN A 52 -1.18 -10.46 5.36
CA ASN A 52 -0.52 -10.30 6.66
C ASN A 52 0.71 -9.37 6.55
N ALA A 53 0.65 -8.43 5.61
CA ALA A 53 1.75 -7.52 5.34
C ALA A 53 1.43 -6.03 5.49
N TRP A 54 0.19 -5.62 5.25
CA TRP A 54 -0.11 -4.18 5.26
C TRP A 54 -1.36 -3.77 6.01
N GLU A 55 -1.42 -2.49 6.29
CA GLU A 55 -2.60 -1.90 6.90
C GLU A 55 -3.17 -0.89 5.93
N LEU A 56 -4.42 -1.10 5.56
CA LEU A 56 -5.12 -0.21 4.70
C LEU A 56 -5.69 0.94 5.55
N VAL A 57 -5.19 2.15 5.33
CA VAL A 57 -5.58 3.30 6.11
C VAL A 57 -6.49 4.35 5.43
N ARG A 58 -5.94 5.08 4.46
CA ARG A 58 -6.65 6.18 3.76
C ARG A 58 -5.87 6.71 2.59
N SER A 59 -6.52 7.38 1.67
CA SER A 59 -5.86 7.86 0.45
C SER A 59 -4.87 9.00 0.69
N CYS A 60 -3.80 9.03 -0.10
CA CYS A 60 -2.78 10.08 0.01
C CYS A 60 -2.13 10.48 -1.31
N GLN A 61 -2.87 10.34 -2.41
CA GLN A 61 -2.32 10.63 -3.74
C GLN A 61 -2.16 12.14 -3.97
N ALA A 62 -2.79 12.92 -3.10
CA ALA A 62 -2.75 14.37 -3.21
C ALA A 62 -2.77 14.95 -1.81
N HIS A 63 -1.69 15.62 -1.43
CA HIS A 63 -1.56 16.22 -0.10
C HIS A 63 -2.37 17.53 0.05
N HIS A 64 -3.57 17.56 -0.53
CA HIS A 64 -4.45 18.74 -0.51
C HIS A 64 -5.87 18.22 -0.29
N HIS A 65 -6.82 19.10 0.06
CA HIS A 65 -8.23 18.70 0.17
C HIS A 65 -9.13 19.88 -0.20
N HIS A 66 -10.34 19.59 -0.66
CA HIS A 66 -11.29 20.60 -1.11
C HIS A 66 -12.63 19.89 -0.98
N HIS A 67 -13.72 20.61 -0.69
CA HIS A 67 -15.06 19.99 -0.48
C HIS A 67 -14.93 19.03 0.73
N HIS A 68 -15.85 18.10 0.88
CA HIS A 68 -15.69 16.99 1.80
C HIS A 68 -15.13 15.93 0.89
N MET A 1 7.46 12.20 4.57
CA MET A 1 7.55 12.14 6.06
C MET A 1 6.46 12.99 6.68
N GLY A 2 5.82 12.49 7.76
CA GLY A 2 4.70 13.21 8.37
C GLY A 2 3.42 12.94 7.58
N ASN A 3 3.39 13.45 6.37
CA ASN A 3 2.33 13.14 5.41
C ASN A 3 2.61 11.74 4.86
N CYS A 4 1.77 11.28 3.95
CA CYS A 4 1.93 9.98 3.30
C CYS A 4 3.32 9.83 2.71
N ILE A 5 3.84 8.62 2.83
CA ILE A 5 5.23 8.32 2.46
C ILE A 5 5.36 7.36 1.28
N SER A 6 4.31 6.60 1.02
CA SER A 6 4.38 5.52 0.10
C SER A 6 3.98 5.88 -1.34
N PRO A 7 4.64 5.28 -2.35
CA PRO A 7 4.21 5.48 -3.74
C PRO A 7 2.99 4.61 -4.02
N VAL A 8 2.43 4.69 -5.21
CA VAL A 8 1.38 3.75 -5.61
C VAL A 8 2.07 2.40 -5.76
N TYR A 9 1.28 1.36 -5.67
CA TYR A 9 1.78 0.00 -5.69
C TYR A 9 2.53 -0.34 -6.96
N VAL A 10 3.75 -0.80 -6.78
CA VAL A 10 4.59 -1.32 -7.84
C VAL A 10 5.03 -2.72 -7.44
N ASP A 11 4.55 -3.71 -8.17
CA ASP A 11 4.87 -5.07 -7.85
C ASP A 11 6.24 -5.45 -8.34
N GLY A 12 7.09 -5.76 -7.37
CA GLY A 12 8.43 -6.23 -7.67
C GLY A 12 9.43 -5.17 -8.06
N SER A 13 9.00 -3.93 -8.18
CA SER A 13 9.93 -2.88 -8.64
C SER A 13 11.12 -2.71 -7.70
N SER A 14 10.85 -2.69 -6.40
CA SER A 14 11.85 -2.63 -5.36
C SER A 14 11.08 -2.67 -4.05
N TYR A 15 11.68 -3.22 -3.01
CA TYR A 15 11.05 -3.23 -1.69
C TYR A 15 12.09 -3.23 -0.59
N ALA A 16 11.69 -2.65 0.54
CA ALA A 16 12.47 -2.65 1.75
C ALA A 16 11.86 -3.75 2.63
N ASN A 17 12.24 -3.85 3.88
CA ASN A 17 11.67 -4.86 4.77
C ASN A 17 10.18 -4.64 4.97
N ASN A 18 9.77 -3.39 4.94
CA ASN A 18 8.38 -2.97 5.05
C ASN A 18 7.73 -2.74 3.68
N ALA A 19 8.32 -1.86 2.87
CA ALA A 19 7.87 -1.54 1.50
C ALA A 19 6.42 -1.08 1.37
N LEU A 20 6.15 0.12 1.84
CA LEU A 20 4.81 0.69 1.88
C LEU A 20 4.41 1.12 0.48
N VAL A 21 3.17 0.85 0.12
CA VAL A 21 2.62 1.14 -1.18
C VAL A 21 1.25 1.79 -0.97
N GLN A 22 0.47 1.91 -2.02
CA GLN A 22 -0.86 2.45 -1.94
C GLN A 22 -1.78 1.72 -2.93
N ASN A 23 -2.89 1.21 -2.41
CA ASN A 23 -3.93 0.55 -3.19
C ASN A 23 -5.33 0.74 -2.64
N ASN A 24 -6.33 0.33 -3.42
CA ASN A 24 -7.75 0.70 -3.20
C ASN A 24 -7.86 2.24 -3.28
N GLY A 25 -6.86 2.87 -3.88
CA GLY A 25 -6.81 4.32 -3.94
C GLY A 25 -6.48 4.97 -2.60
N SER A 26 -6.00 4.18 -1.65
CA SER A 26 -5.73 4.58 -0.29
C SER A 26 -4.32 4.01 0.04
N GLU A 27 -3.71 4.33 1.16
CA GLU A 27 -2.35 3.87 1.44
C GLU A 27 -2.29 2.53 2.12
N TYR A 28 -1.24 1.79 1.78
CA TYR A 28 -0.94 0.49 2.34
C TYR A 28 0.32 0.54 3.13
N ARG A 29 0.20 0.35 4.42
CA ARG A 29 1.39 0.31 5.24
C ARG A 29 1.88 -1.10 5.29
N CYS A 30 2.67 -1.45 4.30
CA CYS A 30 3.16 -2.78 4.19
C CYS A 30 4.27 -2.94 5.22
N LEU A 31 4.24 -4.06 5.92
CA LEU A 31 5.18 -4.34 7.01
C LEU A 31 6.05 -5.52 6.61
N VAL A 32 5.54 -6.33 5.71
CA VAL A 32 6.30 -7.45 5.16
C VAL A 32 6.40 -7.18 3.68
N GLY A 33 7.59 -6.78 3.27
CA GLY A 33 7.82 -6.25 1.94
C GLY A 33 7.84 -7.30 0.87
N GLY A 34 8.35 -8.46 1.21
CA GLY A 34 8.35 -9.56 0.26
C GLY A 34 6.92 -10.00 0.01
N TRP A 35 6.11 -10.01 1.05
CA TRP A 35 4.71 -10.40 0.96
C TRP A 35 3.90 -9.34 0.26
N CYS A 36 4.26 -8.10 0.51
CA CYS A 36 3.61 -6.95 -0.11
C CYS A 36 3.86 -6.99 -1.61
N THR A 37 5.05 -7.46 -2.00
CA THR A 37 5.42 -7.65 -3.39
C THR A 37 4.65 -8.78 -4.06
N VAL A 38 4.30 -9.81 -3.31
CA VAL A 38 3.48 -10.89 -3.83
C VAL A 38 2.12 -10.29 -4.17
N GLY A 39 1.59 -9.54 -3.21
CA GLY A 39 0.35 -8.77 -3.40
C GLY A 39 -0.93 -9.56 -3.53
N GLY A 40 -1.02 -10.41 -4.55
CA GLY A 40 -2.26 -11.09 -4.86
C GLY A 40 -3.19 -10.12 -5.58
N PRO A 41 -2.86 -9.67 -6.81
CA PRO A 41 -3.70 -8.65 -7.46
C PRO A 41 -5.04 -9.17 -7.96
N TYR A 42 -5.19 -10.49 -7.98
CA TYR A 42 -6.45 -11.11 -8.37
C TYR A 42 -7.30 -11.33 -7.10
N ALA A 43 -6.66 -11.20 -5.95
CA ALA A 43 -7.33 -11.32 -4.66
C ALA A 43 -7.88 -9.94 -4.23
N PRO A 44 -8.90 -9.90 -3.35
CA PRO A 44 -9.36 -8.60 -2.86
C PRO A 44 -8.38 -7.90 -1.89
N GLY A 45 -7.37 -8.64 -1.42
CA GLY A 45 -6.27 -8.07 -0.63
C GLY A 45 -6.49 -6.98 0.40
N THR A 46 -7.13 -7.29 1.53
CA THR A 46 -7.31 -6.27 2.56
C THR A 46 -6.08 -6.11 3.49
N GLY A 47 -5.14 -7.06 3.40
CA GLY A 47 -3.87 -6.96 4.14
C GLY A 47 -3.83 -7.52 5.53
N TRP A 48 -5.02 -7.58 6.11
CA TRP A 48 -5.22 -7.79 7.54
C TRP A 48 -5.21 -9.23 7.99
N ALA A 49 -5.44 -10.13 7.06
CA ALA A 49 -5.48 -11.54 7.40
C ALA A 49 -4.90 -12.42 6.30
N TRP A 50 -5.33 -12.19 5.07
CA TRP A 50 -4.98 -13.09 3.98
C TRP A 50 -3.57 -12.81 3.46
N ALA A 51 -3.29 -11.52 3.29
CA ALA A 51 -1.99 -11.07 2.81
C ALA A 51 -1.02 -11.01 4.00
N ASN A 52 -1.59 -10.65 5.15
CA ASN A 52 -0.86 -10.55 6.42
C ASN A 52 0.34 -9.60 6.30
N ALA A 53 0.21 -8.61 5.43
CA ALA A 53 1.31 -7.71 5.12
C ALA A 53 1.04 -6.23 5.27
N TRP A 54 -0.19 -5.75 5.22
CA TRP A 54 -0.40 -4.29 5.23
C TRP A 54 -1.62 -3.77 5.93
N GLU A 55 -1.60 -2.47 6.19
CA GLU A 55 -2.71 -1.78 6.81
C GLU A 55 -3.19 -0.69 5.88
N LEU A 56 -4.44 -0.79 5.48
CA LEU A 56 -5.05 0.18 4.62
C LEU A 56 -5.48 1.40 5.45
N VAL A 57 -4.94 2.57 5.12
CA VAL A 57 -5.25 3.80 5.83
C VAL A 57 -5.99 4.89 5.04
N ARG A 58 -5.29 5.59 4.16
CA ARG A 58 -5.88 6.75 3.44
C ARG A 58 -5.18 7.24 2.19
N SER A 59 -5.93 7.91 1.35
CA SER A 59 -5.48 8.24 0.01
C SER A 59 -4.42 9.30 -0.18
N CYS A 60 -3.60 9.11 -1.21
CA CYS A 60 -2.53 10.04 -1.56
C CYS A 60 -2.07 9.83 -3.01
N GLN A 61 -3.00 9.80 -3.96
CA GLN A 61 -2.62 9.67 -5.39
C GLN A 61 -2.00 10.96 -5.99
N ALA A 62 -1.45 11.83 -5.15
CA ALA A 62 -0.83 13.09 -5.60
C ALA A 62 -1.74 13.91 -6.55
N HIS A 63 -3.03 13.96 -6.23
CA HIS A 63 -4.05 14.67 -7.03
C HIS A 63 -4.13 14.21 -8.51
N HIS A 64 -3.58 13.05 -8.81
CA HIS A 64 -3.59 12.50 -10.16
C HIS A 64 -4.59 11.35 -10.18
N HIS A 65 -5.43 11.26 -11.21
CA HIS A 65 -6.47 10.24 -11.25
C HIS A 65 -6.80 9.93 -12.70
N HIS A 66 -7.22 8.70 -12.98
CA HIS A 66 -7.61 8.31 -14.35
C HIS A 66 -8.91 9.05 -14.72
N HIS A 67 -9.05 9.39 -16.00
CA HIS A 67 -10.29 9.98 -16.52
C HIS A 67 -10.90 9.03 -17.56
N HIS A 68 -10.11 8.03 -17.92
CA HIS A 68 -10.50 6.95 -18.82
C HIS A 68 -9.46 5.92 -18.41
N MET A 1 1.86 14.34 9.16
CA MET A 1 0.76 13.57 9.78
C MET A 1 -0.37 13.37 8.79
N GLY A 2 -1.03 12.21 8.80
CA GLY A 2 -2.13 11.96 7.88
C GLY A 2 -1.66 11.90 6.44
N ASN A 3 -2.52 12.32 5.51
CA ASN A 3 -2.25 12.30 4.07
C ASN A 3 -1.78 10.91 3.64
N CYS A 4 -0.85 10.82 2.71
CA CYS A 4 -0.30 9.58 2.22
C CYS A 4 1.15 9.90 1.93
N ILE A 5 2.04 8.96 2.21
CA ILE A 5 3.47 9.17 2.05
C ILE A 5 4.09 8.27 0.97
N SER A 6 3.47 7.13 0.69
CA SER A 6 4.02 6.21 -0.29
C SER A 6 3.31 6.26 -1.65
N PRO A 7 4.04 5.98 -2.74
CA PRO A 7 3.44 5.98 -4.08
C PRO A 7 2.55 4.77 -4.30
N VAL A 8 1.96 4.70 -5.48
CA VAL A 8 1.13 3.57 -5.87
C VAL A 8 2.00 2.33 -5.98
N TYR A 9 1.33 1.19 -5.95
CA TYR A 9 1.96 -0.11 -5.97
C TYR A 9 2.82 -0.38 -7.19
N VAL A 10 4.08 -0.71 -6.91
CA VAL A 10 5.06 -1.11 -7.91
C VAL A 10 5.52 -2.52 -7.60
N ASP A 11 5.04 -3.48 -8.38
CA ASP A 11 5.42 -4.83 -8.17
C ASP A 11 6.85 -5.06 -8.60
N GLY A 12 7.64 -5.56 -7.67
CA GLY A 12 9.02 -5.90 -7.93
C GLY A 12 10.02 -4.78 -8.00
N SER A 13 9.58 -3.55 -7.81
CA SER A 13 10.51 -2.41 -7.91
C SER A 13 11.63 -2.47 -6.86
N SER A 14 11.25 -2.44 -5.59
CA SER A 14 12.18 -2.56 -4.47
C SER A 14 11.38 -2.52 -3.18
N TYR A 15 11.77 -3.34 -2.20
CA TYR A 15 11.12 -3.32 -0.89
C TYR A 15 12.15 -3.54 0.21
N ALA A 16 11.69 -3.26 1.42
CA ALA A 16 12.33 -3.58 2.66
C ALA A 16 11.07 -3.96 3.44
N ASN A 17 11.17 -4.34 4.70
CA ASN A 17 9.96 -4.77 5.42
C ASN A 17 8.86 -3.71 5.47
N ASN A 18 9.29 -2.47 5.61
CA ASN A 18 8.38 -1.33 5.72
C ASN A 18 7.76 -0.86 4.41
N ALA A 19 8.56 -0.95 3.36
CA ALA A 19 8.24 -0.50 1.98
C ALA A 19 6.75 -0.35 1.62
N LEU A 20 6.20 0.84 1.76
CA LEU A 20 4.76 0.99 1.65
C LEU A 20 4.38 1.22 0.20
N VAL A 21 3.17 0.83 -0.13
CA VAL A 21 2.59 1.03 -1.43
C VAL A 21 1.21 1.60 -1.20
N GLN A 22 0.42 1.68 -2.24
CA GLN A 22 -0.95 2.11 -2.13
C GLN A 22 -1.80 1.33 -3.12
N ASN A 23 -2.89 0.75 -2.62
CA ASN A 23 -3.86 0.04 -3.44
C ASN A 23 -5.27 0.17 -2.90
N ASN A 24 -6.25 -0.17 -3.73
CA ASN A 24 -7.67 0.21 -3.52
C ASN A 24 -7.79 1.74 -3.50
N GLY A 25 -6.76 2.40 -4.05
CA GLY A 25 -6.70 3.87 -4.02
C GLY A 25 -6.39 4.42 -2.64
N SER A 26 -6.15 3.51 -1.70
CA SER A 26 -5.95 3.74 -0.29
C SER A 26 -4.49 3.32 -0.05
N GLU A 27 -3.92 3.59 1.11
CA GLU A 27 -2.53 3.26 1.35
C GLU A 27 -2.33 1.91 1.96
N TYR A 28 -1.22 1.28 1.59
CA TYR A 28 -0.83 -0.02 2.07
C TYR A 28 0.44 0.08 2.88
N ARG A 29 0.33 -0.19 4.16
CA ARG A 29 1.50 -0.12 5.02
C ARG A 29 2.18 -1.45 5.17
N CYS A 30 3.28 -1.60 4.48
CA CYS A 30 3.94 -2.90 4.39
C CYS A 30 4.69 -3.38 5.65
N LEU A 31 4.60 -4.68 5.92
CA LEU A 31 5.23 -5.34 7.08
C LEU A 31 6.18 -6.49 6.66
N VAL A 32 5.77 -7.29 5.68
CA VAL A 32 6.58 -8.40 5.19
C VAL A 32 6.80 -8.17 3.71
N GLY A 33 8.03 -7.95 3.34
CA GLY A 33 8.34 -7.41 2.02
C GLY A 33 8.16 -8.39 0.90
N GLY A 34 8.62 -9.63 1.10
CA GLY A 34 8.46 -10.63 0.06
C GLY A 34 6.99 -10.90 -0.19
N TRP A 35 6.19 -10.83 0.87
CA TRP A 35 4.77 -11.08 0.80
C TRP A 35 3.99 -9.88 0.24
N CYS A 36 4.57 -8.72 0.40
CA CYS A 36 3.98 -7.46 -0.05
C CYS A 36 4.14 -7.28 -1.55
N THR A 37 5.28 -7.74 -2.04
CA THR A 37 5.61 -7.68 -3.45
C THR A 37 4.62 -8.48 -4.28
N VAL A 38 4.04 -9.49 -3.67
CA VAL A 38 3.07 -10.37 -4.32
C VAL A 38 1.83 -9.59 -4.76
N GLY A 39 1.36 -8.69 -3.90
CA GLY A 39 0.21 -7.85 -4.20
C GLY A 39 -1.16 -8.50 -4.21
N GLY A 40 -1.28 -9.60 -4.95
CA GLY A 40 -2.57 -10.26 -5.11
C GLY A 40 -3.51 -9.42 -5.97
N PRO A 41 -3.21 -9.19 -7.25
CA PRO A 41 -4.07 -8.29 -8.06
C PRO A 41 -5.44 -8.88 -8.42
N TYR A 42 -5.58 -10.18 -8.24
CA TYR A 42 -6.87 -10.85 -8.47
C TYR A 42 -7.66 -10.86 -7.17
N ALA A 43 -6.97 -10.58 -6.07
CA ALA A 43 -7.58 -10.55 -4.77
C ALA A 43 -8.12 -9.14 -4.49
N PRO A 44 -9.14 -9.01 -3.64
CA PRO A 44 -9.58 -7.64 -3.34
C PRO A 44 -8.56 -6.81 -2.55
N GLY A 45 -7.71 -7.48 -1.78
CA GLY A 45 -6.67 -6.81 -1.01
C GLY A 45 -7.16 -6.10 0.25
N THR A 46 -6.28 -6.10 1.26
CA THR A 46 -6.45 -5.34 2.52
C THR A 46 -5.27 -5.65 3.43
N GLY A 47 -4.81 -6.89 3.29
CA GLY A 47 -3.56 -7.35 3.88
C GLY A 47 -3.48 -7.65 5.36
N TRP A 48 -4.59 -7.35 6.01
CA TRP A 48 -4.74 -7.42 7.46
C TRP A 48 -4.62 -8.85 7.94
N ALA A 49 -5.09 -9.75 7.10
CA ALA A 49 -5.10 -11.18 7.43
C ALA A 49 -4.77 -12.03 6.21
N TRP A 50 -5.33 -11.67 5.07
CA TRP A 50 -5.14 -12.44 3.83
C TRP A 50 -3.68 -12.42 3.40
N ALA A 51 -3.06 -11.25 3.50
CA ALA A 51 -1.67 -11.06 3.14
C ALA A 51 -0.71 -11.32 4.31
N ASN A 52 -1.13 -10.82 5.47
CA ASN A 52 -0.27 -10.68 6.64
C ASN A 52 0.98 -9.86 6.29
N ALA A 53 0.82 -8.93 5.34
CA ALA A 53 1.95 -8.11 4.88
C ALA A 53 1.68 -6.64 4.67
N TRP A 54 0.43 -6.18 4.63
CA TRP A 54 0.22 -4.75 4.56
C TRP A 54 -1.05 -4.38 5.30
N GLU A 55 -1.15 -3.12 5.69
CA GLU A 55 -2.37 -2.61 6.31
C GLU A 55 -2.99 -1.55 5.44
N LEU A 56 -4.20 -1.80 4.99
CA LEU A 56 -4.95 -0.85 4.21
C LEU A 56 -5.43 0.29 5.12
N VAL A 57 -4.93 1.51 4.91
CA VAL A 57 -5.35 2.66 5.68
C VAL A 57 -6.20 3.73 5.01
N ARG A 58 -5.61 4.49 4.08
CA ARG A 58 -6.32 5.65 3.50
C ARG A 58 -5.91 6.27 2.20
N SER A 59 -6.92 6.88 1.58
CA SER A 59 -6.90 7.19 0.17
C SER A 59 -6.52 8.57 -0.33
N CYS A 60 -5.84 8.57 -1.47
CA CYS A 60 -5.35 9.77 -2.14
C CYS A 60 -5.48 9.69 -3.66
N GLN A 61 -6.58 9.12 -4.14
CA GLN A 61 -6.84 8.97 -5.57
C GLN A 61 -6.86 10.27 -6.38
N ALA A 62 -6.92 11.39 -5.69
CA ALA A 62 -6.91 12.75 -6.28
C ALA A 62 -6.89 13.70 -5.08
N HIS A 63 -7.81 13.43 -4.16
CA HIS A 63 -7.87 14.13 -2.89
C HIS A 63 -8.68 13.20 -1.99
N HIS A 64 -8.56 13.36 -0.68
CA HIS A 64 -9.29 12.52 0.27
C HIS A 64 -10.78 12.95 0.32
N HIS A 65 -11.58 12.48 -0.63
CA HIS A 65 -13.00 12.90 -0.72
C HIS A 65 -13.98 11.77 -1.07
N HIS A 66 -13.66 10.95 -2.07
CA HIS A 66 -14.60 9.94 -2.63
C HIS A 66 -15.91 10.62 -3.10
N HIS A 67 -15.89 11.18 -4.31
CA HIS A 67 -17.09 11.77 -4.90
C HIS A 67 -18.02 10.61 -5.28
N HIS A 68 -19.32 10.85 -5.37
CA HIS A 68 -20.23 9.83 -5.88
C HIS A 68 -20.07 9.85 -7.39
N MET A 1 -0.16 2.58 12.42
CA MET A 1 -0.34 4.08 12.40
C MET A 1 0.96 4.76 11.96
N GLY A 2 0.99 6.10 11.93
CA GLY A 2 2.21 6.84 11.60
C GLY A 2 2.07 7.79 10.41
N ASN A 3 3.13 8.52 10.09
CA ASN A 3 3.11 9.48 8.96
C ASN A 3 3.00 8.75 7.63
N CYS A 4 2.44 9.43 6.63
CA CYS A 4 2.28 8.87 5.30
C CYS A 4 3.33 9.39 4.33
N ILE A 5 4.29 8.54 4.01
CA ILE A 5 5.45 8.91 3.19
C ILE A 5 5.59 8.09 1.90
N SER A 6 4.65 7.20 1.69
CA SER A 6 4.75 6.17 0.70
C SER A 6 4.34 6.54 -0.74
N PRO A 7 5.01 5.96 -1.75
CA PRO A 7 4.54 6.13 -3.14
C PRO A 7 3.35 5.23 -3.41
N VAL A 8 2.76 5.31 -4.60
CA VAL A 8 1.69 4.40 -4.96
C VAL A 8 2.32 3.04 -5.21
N TYR A 9 1.48 2.02 -5.18
CA TYR A 9 1.93 0.64 -5.29
C TYR A 9 2.61 0.34 -6.61
N VAL A 10 3.83 -0.16 -6.50
CA VAL A 10 4.56 -0.68 -7.64
C VAL A 10 4.95 -2.12 -7.36
N ASP A 11 4.26 -3.05 -7.97
CA ASP A 11 4.57 -4.42 -7.82
C ASP A 11 5.80 -4.72 -8.65
N GLY A 12 6.73 -5.43 -8.05
CA GLY A 12 7.95 -5.82 -8.75
C GLY A 12 9.04 -4.79 -8.86
N SER A 13 8.73 -3.52 -8.65
CA SER A 13 9.75 -2.47 -8.87
C SER A 13 10.92 -2.56 -7.89
N SER A 14 10.64 -2.41 -6.59
CA SER A 14 11.64 -2.50 -5.55
C SER A 14 10.95 -2.38 -4.20
N TYR A 15 11.43 -3.11 -3.21
CA TYR A 15 10.89 -3.04 -1.86
C TYR A 15 11.89 -3.54 -0.82
N ALA A 16 11.56 -3.25 0.43
CA ALA A 16 12.22 -3.74 1.59
C ALA A 16 11.06 -4.35 2.37
N ASN A 17 11.29 -4.92 3.54
CA ASN A 17 10.16 -5.39 4.36
C ASN A 17 9.27 -4.23 4.73
N ASN A 18 9.89 -3.08 4.87
CA ASN A 18 9.24 -1.85 5.30
C ASN A 18 8.57 -1.07 4.17
N ALA A 19 8.65 -1.59 2.96
CA ALA A 19 8.12 -0.88 1.76
C ALA A 19 6.66 -0.48 1.82
N LEU A 20 6.36 0.77 2.11
CA LEU A 20 4.99 1.23 2.16
C LEU A 20 4.58 1.67 0.77
N VAL A 21 3.32 1.43 0.43
CA VAL A 21 2.75 1.75 -0.84
C VAL A 21 1.40 2.36 -0.55
N GLN A 22 0.60 2.58 -1.56
CA GLN A 22 -0.77 2.97 -1.40
C GLN A 22 -1.64 2.15 -2.36
N ASN A 23 -2.85 1.82 -1.95
CA ASN A 23 -3.85 1.22 -2.83
C ASN A 23 -5.27 1.51 -2.35
N ASN A 24 -6.25 1.26 -3.22
CA ASN A 24 -7.66 1.67 -3.00
C ASN A 24 -7.77 3.19 -2.84
N GLY A 25 -6.79 3.92 -3.35
CA GLY A 25 -6.80 5.38 -3.22
C GLY A 25 -6.55 5.85 -1.80
N SER A 26 -5.91 5.01 -1.00
CA SER A 26 -5.65 5.21 0.40
C SER A 26 -4.29 4.54 0.62
N GLU A 27 -3.68 4.69 1.77
CA GLU A 27 -2.34 4.16 1.98
C GLU A 27 -2.29 2.78 2.47
N TYR A 28 -1.28 2.09 1.97
CA TYR A 28 -0.90 0.80 2.48
C TYR A 28 0.41 0.81 3.23
N ARG A 29 0.32 0.55 4.52
CA ARG A 29 1.53 0.53 5.31
C ARG A 29 2.09 -0.85 5.47
N CYS A 30 2.99 -1.22 4.59
CA CYS A 30 3.45 -2.57 4.48
C CYS A 30 4.61 -2.82 5.44
N LEU A 31 4.48 -3.88 6.24
CA LEU A 31 5.45 -4.22 7.29
C LEU A 31 6.20 -5.49 6.91
N VAL A 32 5.63 -6.23 5.98
CA VAL A 32 6.26 -7.40 5.42
C VAL A 32 6.36 -7.07 3.97
N GLY A 33 7.46 -7.41 3.34
CA GLY A 33 7.73 -6.97 1.98
C GLY A 33 7.40 -8.04 0.99
N GLY A 34 7.82 -9.25 1.30
CA GLY A 34 7.52 -10.38 0.44
C GLY A 34 6.02 -10.59 0.34
N TRP A 35 5.31 -10.29 1.43
CA TRP A 35 3.86 -10.47 1.47
C TRP A 35 3.09 -9.27 0.92
N CYS A 36 3.73 -8.11 0.89
CA CYS A 36 3.12 -6.90 0.36
C CYS A 36 3.08 -6.96 -1.17
N THR A 37 4.21 -7.35 -1.74
CA THR A 37 4.42 -7.36 -3.19
C THR A 37 3.91 -8.60 -3.94
N VAL A 38 3.29 -9.57 -3.26
CA VAL A 38 2.87 -10.83 -3.88
C VAL A 38 2.05 -10.55 -5.14
N GLY A 39 1.17 -9.56 -5.03
CA GLY A 39 0.34 -9.12 -6.14
C GLY A 39 -0.27 -10.24 -6.98
N GLY A 40 -0.87 -11.20 -6.31
CA GLY A 40 -1.45 -12.34 -7.02
C GLY A 40 -2.59 -11.87 -7.91
N PRO A 41 -2.63 -12.25 -9.20
CA PRO A 41 -3.66 -11.67 -10.07
C PRO A 41 -5.08 -12.16 -9.79
N TYR A 42 -5.22 -13.30 -9.10
CA TYR A 42 -6.54 -13.80 -8.72
C TYR A 42 -6.81 -13.53 -7.24
N ALA A 43 -5.80 -13.04 -6.54
CA ALA A 43 -5.88 -12.81 -5.11
C ALA A 43 -6.44 -11.41 -4.77
N PRO A 44 -7.62 -11.34 -4.12
CA PRO A 44 -7.99 -9.99 -3.67
C PRO A 44 -7.13 -9.59 -2.47
N GLY A 45 -7.06 -8.30 -2.17
CA GLY A 45 -6.21 -7.83 -1.08
C GLY A 45 -6.97 -7.26 0.10
N THR A 46 -6.29 -7.19 1.24
CA THR A 46 -6.84 -6.60 2.46
C THR A 46 -5.73 -6.17 3.41
N GLY A 47 -4.64 -6.95 3.46
CA GLY A 47 -3.50 -6.64 4.31
C GLY A 47 -3.62 -7.12 5.72
N TRP A 48 -4.85 -7.22 6.14
CA TRP A 48 -5.23 -7.46 7.51
C TRP A 48 -5.20 -8.92 7.89
N ALA A 49 -5.78 -9.75 7.05
CA ALA A 49 -5.89 -11.18 7.32
C ALA A 49 -5.19 -12.04 6.27
N TRP A 50 -5.47 -11.80 5.01
CA TRP A 50 -4.98 -12.68 3.95
C TRP A 50 -3.50 -12.46 3.65
N ALA A 51 -3.12 -11.20 3.58
CA ALA A 51 -1.76 -10.82 3.26
C ALA A 51 -0.91 -10.71 4.53
N ASN A 52 -1.54 -10.27 5.61
CA ASN A 52 -0.88 -10.05 6.91
C ASN A 52 0.33 -9.13 6.77
N ALA A 53 0.22 -8.19 5.84
CA ALA A 53 1.33 -7.29 5.52
C ALA A 53 1.07 -5.80 5.70
N TRP A 54 -0.13 -5.30 5.45
CA TRP A 54 -0.33 -3.85 5.43
C TRP A 54 -1.52 -3.30 6.20
N GLU A 55 -1.46 -2.01 6.48
CA GLU A 55 -2.54 -1.28 7.11
C GLU A 55 -3.10 -0.35 6.07
N LEU A 56 -4.36 -0.56 5.70
CA LEU A 56 -5.03 0.34 4.81
C LEU A 56 -5.60 1.48 5.67
N VAL A 57 -4.96 2.63 5.62
CA VAL A 57 -5.29 3.75 6.47
C VAL A 57 -6.00 4.96 5.81
N ARG A 58 -5.29 5.70 4.97
CA ARG A 58 -5.82 6.93 4.34
C ARG A 58 -4.97 7.47 3.21
N SER A 59 -5.58 8.25 2.34
CA SER A 59 -4.90 8.74 1.16
C SER A 59 -3.89 9.86 1.41
N CYS A 60 -2.72 9.75 0.76
CA CYS A 60 -1.69 10.77 0.80
C CYS A 60 -0.92 10.77 -0.52
N GLN A 61 -1.65 10.68 -1.63
CA GLN A 61 -1.03 10.59 -2.96
C GLN A 61 -0.35 11.90 -3.39
N ALA A 62 -0.53 12.96 -2.63
CA ALA A 62 0.05 14.26 -2.94
C ALA A 62 0.29 15.06 -1.66
N HIS A 63 -0.76 15.68 -1.14
CA HIS A 63 -0.68 16.46 0.10
C HIS A 63 -1.87 16.11 0.97
N HIS A 64 -1.83 16.51 2.24
CA HIS A 64 -2.88 16.23 3.23
C HIS A 64 -4.29 16.68 2.82
N HIS A 65 -4.38 17.64 1.91
CA HIS A 65 -5.67 18.27 1.55
C HIS A 65 -6.74 17.37 0.86
N HIS A 66 -6.50 16.06 0.76
CA HIS A 66 -7.48 15.16 0.15
C HIS A 66 -8.68 14.93 1.08
N HIS A 67 -9.69 15.81 0.96
CA HIS A 67 -10.89 15.83 1.85
C HIS A 67 -10.47 15.99 3.32
N HIS A 68 -9.33 16.60 3.54
CA HIS A 68 -8.74 16.81 4.87
C HIS A 68 -7.79 17.98 4.63
#